data_2SGA
# 
_entry.id   2SGA 
# 
_audit_conform.dict_name       mmcif_pdbx.dic 
_audit_conform.dict_version    5.399 
_audit_conform.dict_location   http://mmcif.pdb.org/dictionaries/ascii/mmcif_pdbx.dic 
# 
loop_
_database_2.database_id 
_database_2.database_code 
_database_2.pdbx_database_accession 
_database_2.pdbx_DOI 
PDB   2SGA         pdb_00002sga 10.2210/pdb2sga/pdb 
WWPDB D_1000178623 ?            ?                   
# 
loop_
_pdbx_audit_revision_history.ordinal 
_pdbx_audit_revision_history.data_content_type 
_pdbx_audit_revision_history.major_revision 
_pdbx_audit_revision_history.minor_revision 
_pdbx_audit_revision_history.revision_date 
1 'Structure model' 1 0 1983-04-21 
2 'Structure model' 1 1 2008-03-25 
3 'Structure model' 1 2 2011-07-13 
4 'Structure model' 1 3 2024-06-05 
5 'Structure model' 1 4 2024-11-20 
# 
_pdbx_audit_revision_details.ordinal             1 
_pdbx_audit_revision_details.revision_ordinal    1 
_pdbx_audit_revision_details.data_content_type   'Structure model' 
_pdbx_audit_revision_details.provider            repository 
_pdbx_audit_revision_details.type                'Initial release' 
_pdbx_audit_revision_details.description         ? 
_pdbx_audit_revision_details.details             ? 
# 
loop_
_pdbx_audit_revision_group.ordinal 
_pdbx_audit_revision_group.revision_ordinal 
_pdbx_audit_revision_group.data_content_type 
_pdbx_audit_revision_group.group 
1 2 'Structure model' 'Version format compliance' 
2 3 'Structure model' 'Version format compliance' 
3 4 'Structure model' 'Data collection'           
4 4 'Structure model' 'Database references'       
5 4 'Structure model' Other                       
6 5 'Structure model' 'Structure summary'         
# 
loop_
_pdbx_audit_revision_category.ordinal 
_pdbx_audit_revision_category.revision_ordinal 
_pdbx_audit_revision_category.data_content_type 
_pdbx_audit_revision_category.category 
1 4 'Structure model' chem_comp_atom            
2 4 'Structure model' chem_comp_bond            
3 4 'Structure model' database_2                
4 4 'Structure model' pdbx_database_status      
5 4 'Structure model' struct_ref_seq_dif        
6 5 'Structure model' pdbx_entry_details        
7 5 'Structure model' pdbx_modification_feature 
# 
loop_
_pdbx_audit_revision_item.ordinal 
_pdbx_audit_revision_item.revision_ordinal 
_pdbx_audit_revision_item.data_content_type 
_pdbx_audit_revision_item.item 
1 4 'Structure model' '_database_2.pdbx_DOI'                
2 4 'Structure model' '_database_2.pdbx_database_accession' 
3 4 'Structure model' '_pdbx_database_status.process_site'  
4 4 'Structure model' '_struct_ref_seq_dif.details'         
# 
_pdbx_database_PDB_obs_spr.id               SPRSDE 
_pdbx_database_PDB_obs_spr.date             1983-04-21 
_pdbx_database_PDB_obs_spr.pdb_id           2SGA 
_pdbx_database_PDB_obs_spr.replace_pdb_id   1SGA 
_pdbx_database_PDB_obs_spr.details          ? 
# 
_pdbx_database_status.status_code                     REL 
_pdbx_database_status.entry_id                        2SGA 
_pdbx_database_status.recvd_initial_deposition_date   1983-01-21 
_pdbx_database_status.deposit_site                    ? 
_pdbx_database_status.process_site                    BNL 
_pdbx_database_status.SG_entry                        . 
_pdbx_database_status.pdb_format_compatible           Y 
_pdbx_database_status.status_code_mr                  ? 
_pdbx_database_status.status_code_sf                  ? 
_pdbx_database_status.status_code_cs                  ? 
_pdbx_database_status.status_code_nmr_data            ? 
_pdbx_database_status.methods_development_category    ? 
# 
loop_
_audit_author.name 
_audit_author.pdbx_ordinal 
'James, M.N.G.'  1 
'Sielecki, A.R.' 2 
# 
loop_
_citation.id 
_citation.title 
_citation.journal_abbrev 
_citation.journal_volume 
_citation.page_first 
_citation.page_last 
_citation.year 
_citation.journal_id_ASTM 
_citation.country 
_citation.journal_id_ISSN 
_citation.journal_id_CSD 
_citation.book_publisher 
_citation.pdbx_database_id_PubMed 
_citation.pdbx_database_id_DOI 
primary 
'Electron density calculations as an extension of protein structure refinement. Streptomyces griseus protease A at 1.5 A resolution.' 
J.Mol.Biol.            182 555 566 1985 JMOBAK UK 0022-2836 0070 ? 3892015 '10.1016/0022-2836(85)90241-4' 
1       
;Structures of Product and Inhibitor Complexes of Streptomyces Griseus Protease a at 1.8 Angstroms Resolution. A Model for Serine Protease Catalysis
;
J.Mol.Biol.            144 43  ?   1980 JMOBAK UK 0022-2836 0070 ? ?       ?                              
2       'Protein Structure Refinement. Streptomyces Griseus Serine Protease a at 1.8 Angstroms Resolution' J.Mol.Biol.            
134 781 ?   1979 JMOBAK UK 0022-2836 0070 ? ?       ?                              
3       
;Structure of the Complex Formed between the Bacterial-Produced Inhibitor Chymostatin and the Serine Enzyme Streptomyces Griseus Protease A
;
J.Mol.Biol.            139 45  ?   1980 JMOBAK UK 0022-2836 0070 ? ?       ?                              
4       
;Crystallographic and Kinetic Investigations of the Covalent Complex Formed by a Specific Tetrapeptide Aldehyde and the Serine Protease from Streptomyces Griseus
;
Proc.Natl.Acad.Sci.USA 76  96  ?   1979 PNASA6 US 0027-8424 0040 ? ?       ?                              
5       
;Molecular Structure of Crystalline Streptomyces Griseus Protease a at 2.8 Angstroms Resolution. II. Molecular Conformation, Comparison with Alpha-Chymotrypsin and Active-Site Geometry
;
J.Mol.Biol.            124 261 ?   1978 JMOBAK UK 0022-2836 0070 ? ?       ?                              
6       
;Molecular Structure of Crystalline Streptomyces Griseus Protease a at 2.8 Angstroms Resolution. I. Crystallization, Data Collection and Structural Analysis
;
J.Mol.Biol.            124 243 ?   1978 JMOBAK UK 0022-2836 0070 ? ?       ?                              
7       'Amino Acid Sequence Alignment of Bacterial and Mammalian Pancreatic Serine Proteases Based on Topological Equivalences' 
Can.J.Biochem.         56  396 ?   1978 CJBIAE CA 0008-4018 0415 ? ?       ?                              
8       'Tertiary Structural Differences between Microbial Serine Proteases and Pancreatic Serine Enzymes' Nature                 
257 758 ?   1975 NATUAS UK 0028-0836 0006 ? ?       ?                              
# 
loop_
_citation_author.citation_id 
_citation_author.name 
_citation_author.ordinal 
_citation_author.identifier_ORCID 
primary 'Moult, J.'         1  ? 
primary 'Sussman, F.'       2  ? 
primary 'James, M.N.'       3  ? 
1       'James, M.N.G.'     4  ? 
1       'Sielecki, A.R.'    5  ? 
1       'Brayer, G.D.'      6  ? 
1       'Delbaere, L.T.J.'  7  ? 
1       'Bauer, C.-A.'      8  ? 
2       'Sielecki, A.R.'    9  ? 
2       'Hendrickson, W.A.' 10 ? 
2       'Broughton, C.G.'   11 ? 
2       'Delbaere, L.T.J.'  12 ? 
2       'Brayer, G.D.'      13 ? 
2       'James, M.N.G.'     14 ? 
3       'Delbaere, L.T.J.'  15 ? 
3       'Brayer, G.D.'      16 ? 
4       'Brayer, G.D.'      17 ? 
4       'Delbaere, L.T.J.'  18 ? 
4       'James, M.N.G.'     19 ? 
4       'Bauer, C.-A.'      20 ? 
4       'Thompson, R.C.'    21 ? 
5       'Brayer, G.D.'      22 ? 
5       'Delbaere, L.T.J.'  23 ? 
5       'James, M.N.G.'     24 ? 
6       'Brayer, G.D.'      25 ? 
6       'Delbaere, L.T.J.'  26 ? 
6       'James, M.N.G.'     27 ? 
7       'James, M.N.G.'     28 ? 
7       'Delbaere, L.T.J.'  29 ? 
7       'Brayer, G.D.'      30 ? 
8       'Delbaere, L.T.J.'  31 ? 
8       'Hutcheon, W.L.B.'  32 ? 
8       'James, M.N.G.'     33 ? 
8       'Thiessen, W.E.'    34 ? 
# 
loop_
_entity.id 
_entity.type 
_entity.src_method 
_entity.pdbx_description 
_entity.formula_weight 
_entity.pdbx_number_of_molecules 
_entity.pdbx_ec 
_entity.pdbx_mutation 
_entity.pdbx_fragment 
_entity.details 
1 polymer man 'PROTEINASE A' 18016.625 1   ? ? ? ? 
2 water   nat water          18.015    220 ? ? ? ? 
# 
_entity_poly.entity_id                      1 
_entity_poly.type                           'polypeptide(L)' 
_entity_poly.nstd_linkage                   no 
_entity_poly.nstd_monomer                   no 
_entity_poly.pdbx_seq_one_letter_code       
;IAGGEAITTGGSRCSLGFNVSVNGVAHALTAGHCTNISASWSIGTRTGTSFPNNDYGIIRHSNPAAADGRVYLYNGSYQD
ITTAGNAFVGQAVQRSGSTTGLRSGSVTGLNATVNYGSSGIVYGMIQTNVCAQPGDSGGSLFAGSTALGLTSGGSGNCRT
GGTTFYQPVTEALSAYGATVL
;
_entity_poly.pdbx_seq_one_letter_code_can   
;IAGGEAITTGGSRCSLGFNVSVNGVAHALTAGHCTNISASWSIGTRTGTSFPNNDYGIIRHSNPAAADGRVYLYNGSYQD
ITTAGNAFVGQAVQRSGSTTGLRSGSVTGLNATVNYGSSGIVYGMIQTNVCAQPGDSGGSLFAGSTALGLTSGGSGNCRT
GGTTFYQPVTEALSAYGATVL
;
_entity_poly.pdbx_strand_id                 A 
_entity_poly.pdbx_target_identifier         ? 
# 
_pdbx_entity_nonpoly.entity_id   2 
_pdbx_entity_nonpoly.name        water 
_pdbx_entity_nonpoly.comp_id     HOH 
# 
loop_
_entity_poly_seq.entity_id 
_entity_poly_seq.num 
_entity_poly_seq.mon_id 
_entity_poly_seq.hetero 
1 1   ILE n 
1 2   ALA n 
1 3   GLY n 
1 4   GLY n 
1 5   GLU n 
1 6   ALA n 
1 7   ILE n 
1 8   THR n 
1 9   THR n 
1 10  GLY n 
1 11  GLY n 
1 12  SER n 
1 13  ARG n 
1 14  CYS n 
1 15  SER n 
1 16  LEU n 
1 17  GLY n 
1 18  PHE n 
1 19  ASN n 
1 20  VAL n 
1 21  SER n 
1 22  VAL n 
1 23  ASN n 
1 24  GLY n 
1 25  VAL n 
1 26  ALA n 
1 27  HIS n 
1 28  ALA n 
1 29  LEU n 
1 30  THR n 
1 31  ALA n 
1 32  GLY n 
1 33  HIS n 
1 34  CYS n 
1 35  THR n 
1 36  ASN n 
1 37  ILE n 
1 38  SER n 
1 39  ALA n 
1 40  SER n 
1 41  TRP n 
1 42  SER n 
1 43  ILE n 
1 44  GLY n 
1 45  THR n 
1 46  ARG n 
1 47  THR n 
1 48  GLY n 
1 49  THR n 
1 50  SER n 
1 51  PHE n 
1 52  PRO n 
1 53  ASN n 
1 54  ASN n 
1 55  ASP n 
1 56  TYR n 
1 57  GLY n 
1 58  ILE n 
1 59  ILE n 
1 60  ARG n 
1 61  HIS n 
1 62  SER n 
1 63  ASN n 
1 64  PRO n 
1 65  ALA n 
1 66  ALA n 
1 67  ALA n 
1 68  ASP n 
1 69  GLY n 
1 70  ARG n 
1 71  VAL n 
1 72  TYR n 
1 73  LEU n 
1 74  TYR n 
1 75  ASN n 
1 76  GLY n 
1 77  SER n 
1 78  TYR n 
1 79  GLN n 
1 80  ASP n 
1 81  ILE n 
1 82  THR n 
1 83  THR n 
1 84  ALA n 
1 85  GLY n 
1 86  ASN n 
1 87  ALA n 
1 88  PHE n 
1 89  VAL n 
1 90  GLY n 
1 91  GLN n 
1 92  ALA n 
1 93  VAL n 
1 94  GLN n 
1 95  ARG n 
1 96  SER n 
1 97  GLY n 
1 98  SER n 
1 99  THR n 
1 100 THR n 
1 101 GLY n 
1 102 LEU n 
1 103 ARG n 
1 104 SER n 
1 105 GLY n 
1 106 SER n 
1 107 VAL n 
1 108 THR n 
1 109 GLY n 
1 110 LEU n 
1 111 ASN n 
1 112 ALA n 
1 113 THR n 
1 114 VAL n 
1 115 ASN n 
1 116 TYR n 
1 117 GLY n 
1 118 SER n 
1 119 SER n 
1 120 GLY n 
1 121 ILE n 
1 122 VAL n 
1 123 TYR n 
1 124 GLY n 
1 125 MET n 
1 126 ILE n 
1 127 GLN n 
1 128 THR n 
1 129 ASN n 
1 130 VAL n 
1 131 CYS n 
1 132 ALA n 
1 133 GLN n 
1 134 PRO n 
1 135 GLY n 
1 136 ASP n 
1 137 SER n 
1 138 GLY n 
1 139 GLY n 
1 140 SER n 
1 141 LEU n 
1 142 PHE n 
1 143 ALA n 
1 144 GLY n 
1 145 SER n 
1 146 THR n 
1 147 ALA n 
1 148 LEU n 
1 149 GLY n 
1 150 LEU n 
1 151 THR n 
1 152 SER n 
1 153 GLY n 
1 154 GLY n 
1 155 SER n 
1 156 GLY n 
1 157 ASN n 
1 158 CYS n 
1 159 ARG n 
1 160 THR n 
1 161 GLY n 
1 162 GLY n 
1 163 THR n 
1 164 THR n 
1 165 PHE n 
1 166 TYR n 
1 167 GLN n 
1 168 PRO n 
1 169 VAL n 
1 170 THR n 
1 171 GLU n 
1 172 ALA n 
1 173 LEU n 
1 174 SER n 
1 175 ALA n 
1 176 TYR n 
1 177 GLY n 
1 178 ALA n 
1 179 THR n 
1 180 VAL n 
1 181 LEU n 
# 
_entity_src_gen.entity_id                          1 
_entity_src_gen.pdbx_src_id                        1 
_entity_src_gen.pdbx_alt_source_flag               sample 
_entity_src_gen.pdbx_seq_type                      ? 
_entity_src_gen.pdbx_beg_seq_num                   ? 
_entity_src_gen.pdbx_end_seq_num                   ? 
_entity_src_gen.gene_src_common_name               ? 
_entity_src_gen.gene_src_genus                     Streptomyces 
_entity_src_gen.pdbx_gene_src_gene                 ? 
_entity_src_gen.gene_src_species                   ? 
_entity_src_gen.gene_src_strain                    ? 
_entity_src_gen.gene_src_tissue                    ? 
_entity_src_gen.gene_src_tissue_fraction           ? 
_entity_src_gen.gene_src_details                   ? 
_entity_src_gen.pdbx_gene_src_fragment             ? 
_entity_src_gen.pdbx_gene_src_scientific_name      'Streptomyces griseus' 
_entity_src_gen.pdbx_gene_src_ncbi_taxonomy_id     1911 
_entity_src_gen.pdbx_gene_src_variant              ? 
_entity_src_gen.pdbx_gene_src_cell_line            ? 
_entity_src_gen.pdbx_gene_src_atcc                 ? 
_entity_src_gen.pdbx_gene_src_organ                ? 
_entity_src_gen.pdbx_gene_src_organelle            ? 
_entity_src_gen.pdbx_gene_src_cell                 ? 
_entity_src_gen.pdbx_gene_src_cellular_location    ? 
_entity_src_gen.host_org_common_name               ? 
_entity_src_gen.pdbx_host_org_scientific_name      ? 
_entity_src_gen.pdbx_host_org_ncbi_taxonomy_id     ? 
_entity_src_gen.host_org_genus                     ? 
_entity_src_gen.pdbx_host_org_gene                 ? 
_entity_src_gen.pdbx_host_org_organ                ? 
_entity_src_gen.host_org_species                   ? 
_entity_src_gen.pdbx_host_org_tissue               ? 
_entity_src_gen.pdbx_host_org_tissue_fraction      ? 
_entity_src_gen.pdbx_host_org_strain               ? 
_entity_src_gen.pdbx_host_org_variant              ? 
_entity_src_gen.pdbx_host_org_cell_line            ? 
_entity_src_gen.pdbx_host_org_atcc                 ? 
_entity_src_gen.pdbx_host_org_culture_collection   ? 
_entity_src_gen.pdbx_host_org_cell                 ? 
_entity_src_gen.pdbx_host_org_organelle            ? 
_entity_src_gen.pdbx_host_org_cellular_location    ? 
_entity_src_gen.pdbx_host_org_vector_type          ? 
_entity_src_gen.pdbx_host_org_vector               ? 
_entity_src_gen.host_org_details                   ? 
_entity_src_gen.expression_system_id               ? 
_entity_src_gen.plasmid_name                       ? 
_entity_src_gen.plasmid_details                    ? 
_entity_src_gen.pdbx_description                   ? 
# 
loop_
_chem_comp.id 
_chem_comp.type 
_chem_comp.mon_nstd_flag 
_chem_comp.name 
_chem_comp.pdbx_synonyms 
_chem_comp.formula 
_chem_comp.formula_weight 
ALA 'L-peptide linking' y ALANINE         ? 'C3 H7 N O2'     89.093  
ARG 'L-peptide linking' y ARGININE        ? 'C6 H15 N4 O2 1' 175.209 
ASN 'L-peptide linking' y ASPARAGINE      ? 'C4 H8 N2 O3'    132.118 
ASP 'L-peptide linking' y 'ASPARTIC ACID' ? 'C4 H7 N O4'     133.103 
CYS 'L-peptide linking' y CYSTEINE        ? 'C3 H7 N O2 S'   121.158 
GLN 'L-peptide linking' y GLUTAMINE       ? 'C5 H10 N2 O3'   146.144 
GLU 'L-peptide linking' y 'GLUTAMIC ACID' ? 'C5 H9 N O4'     147.129 
GLY 'peptide linking'   y GLYCINE         ? 'C2 H5 N O2'     75.067  
HIS 'L-peptide linking' y HISTIDINE       ? 'C6 H10 N3 O2 1' 156.162 
HOH non-polymer         . WATER           ? 'H2 O'           18.015  
ILE 'L-peptide linking' y ISOLEUCINE      ? 'C6 H13 N O2'    131.173 
LEU 'L-peptide linking' y LEUCINE         ? 'C6 H13 N O2'    131.173 
MET 'L-peptide linking' y METHIONINE      ? 'C5 H11 N O2 S'  149.211 
PHE 'L-peptide linking' y PHENYLALANINE   ? 'C9 H11 N O2'    165.189 
PRO 'L-peptide linking' y PROLINE         ? 'C5 H9 N O2'     115.130 
SER 'L-peptide linking' y SERINE          ? 'C3 H7 N O3'     105.093 
THR 'L-peptide linking' y THREONINE       ? 'C4 H9 N O3'     119.119 
TRP 'L-peptide linking' y TRYPTOPHAN      ? 'C11 H12 N2 O2'  204.225 
TYR 'L-peptide linking' y TYROSINE        ? 'C9 H11 N O3'    181.189 
VAL 'L-peptide linking' y VALINE          ? 'C5 H11 N O2'    117.146 
# 
loop_
_pdbx_poly_seq_scheme.asym_id 
_pdbx_poly_seq_scheme.entity_id 
_pdbx_poly_seq_scheme.seq_id 
_pdbx_poly_seq_scheme.mon_id 
_pdbx_poly_seq_scheme.ndb_seq_num 
_pdbx_poly_seq_scheme.pdb_seq_num 
_pdbx_poly_seq_scheme.auth_seq_num 
_pdbx_poly_seq_scheme.pdb_mon_id 
_pdbx_poly_seq_scheme.auth_mon_id 
_pdbx_poly_seq_scheme.pdb_strand_id 
_pdbx_poly_seq_scheme.pdb_ins_code 
_pdbx_poly_seq_scheme.hetero 
A 1 1   ILE 1   16  16  ILE ILE A . n 
A 1 2   ALA 2   17  17  ALA ALA A . n 
A 1 3   GLY 3   18  18  GLY GLY A . n 
A 1 4   GLY 4   19  19  GLY GLY A . n 
A 1 5   GLU 5   29  29  GLU GLU A . n 
A 1 6   ALA 6   30  30  ALA ALA A . n 
A 1 7   ILE 7   31  31  ILE ILE A . n 
A 1 8   THR 8   32  32  THR THR A . n 
A 1 9   THR 9   33  33  THR THR A . n 
A 1 10  GLY 10  34  34  GLY GLY A . n 
A 1 11  GLY 11  39  39  GLY GLY A . n 
A 1 12  SER 12  40  40  SER SER A . n 
A 1 13  ARG 13  41  41  ARG ARG A . n 
A 1 14  CYS 14  42  42  CYS CYS A . n 
A 1 15  SER 15  43  43  SER SER A . n 
A 1 16  LEU 16  44  44  LEU LEU A . n 
A 1 17  GLY 17  45  45  GLY GLY A . n 
A 1 18  PHE 18  46  46  PHE PHE A . n 
A 1 19  ASN 19  47  47  ASN ASN A . n 
A 1 20  VAL 20  48  48  VAL VAL A . n 
A 1 21  SER 21  48  48  SER SER A A n 
A 1 22  VAL 22  48  48  VAL VAL A B n 
A 1 23  ASN 23  48  48  ASN ASN A C n 
A 1 24  GLY 24  48  48  GLY GLY A D n 
A 1 25  VAL 25  49  49  VAL VAL A . n 
A 1 26  ALA 26  50  50  ALA ALA A . n 
A 1 27  HIS 27  51  51  HIS HIS A . n 
A 1 28  ALA 28  52  52  ALA ALA A . n 
A 1 29  LEU 29  53  53  LEU LEU A . n 
A 1 30  THR 30  54  54  THR THR A . n 
A 1 31  ALA 31  55  55  ALA ALA A . n 
A 1 32  GLY 32  56  56  GLY GLY A . n 
A 1 33  HIS 33  57  57  HIS HIS A . n 
A 1 34  CYS 34  58  58  CYS CYS A . n 
A 1 35  THR 35  59  59  THR THR A . n 
A 1 36  ASN 36  62  62  ASN ASN A . n 
A 1 37  ILE 37  63  63  ILE ILE A . n 
A 1 38  SER 38  64  64  SER SER A . n 
A 1 39  ALA 39  65  65  ALA ALA A . n 
A 1 40  SER 40  65  65  SER SER A A n 
A 1 41  TRP 41  66  66  TRP TRP A . n 
A 1 42  SER 42  84  84  SER SER A . n 
A 1 43  ILE 43  85  85  ILE ILE A . n 
A 1 44  GLY 44  86  86  GLY GLY A . n 
A 1 45  THR 45  87  87  THR THR A . n 
A 1 46  ARG 46  88  88  ARG ARG A . n 
A 1 47  THR 47  89  89  THR THR A . n 
A 1 48  GLY 48  90  90  GLY GLY A . n 
A 1 49  THR 49  91  91  THR THR A . n 
A 1 50  SER 50  93  93  SER SER A . n 
A 1 51  PHE 51  94  94  PHE PHE A . n 
A 1 52  PRO 52  99  99  PRO PRO A A n 
A 1 53  ASN 53  100 100 ASN ASN A . n 
A 1 54  ASN 54  101 101 ASN ASN A . n 
A 1 55  ASP 55  102 102 ASP ASP A . n 
A 1 56  TYR 56  103 103 TYR TYR A . n 
A 1 57  GLY 57  104 104 GLY GLY A . n 
A 1 58  ILE 58  105 105 ILE ILE A . n 
A 1 59  ILE 59  106 106 ILE ILE A . n 
A 1 60  ARG 60  107 107 ARG ARG A . n 
A 1 61  HIS 61  108 108 HIS HIS A . n 
A 1 62  SER 62  109 109 SER SER A . n 
A 1 63  ASN 63  110 110 ASN ASN A . n 
A 1 64  PRO 64  111 111 PRO PRO A . n 
A 1 65  ALA 65  112 112 ALA ALA A . n 
A 1 66  ALA 66  113 113 ALA ALA A . n 
A 1 67  ALA 67  114 114 ALA ALA A . n 
A 1 68  ASP 68  115 115 ASP ASP A . n 
A 1 69  GLY 69  116 116 GLY GLY A . n 
A 1 70  ARG 70  117 117 ARG ARG A . n 
A 1 71  VAL 71  118 118 VAL VAL A . n 
A 1 72  TYR 72  119 119 TYR TYR A . n 
A 1 73  LEU 73  120 120 LEU LEU A . n 
A 1 74  TYR 74  120 120 TYR TYR A A n 
A 1 75  ASN 75  120 120 ASN ASN A B n 
A 1 76  GLY 76  120 120 GLY GLY A C n 
A 1 77  SER 77  120 120 SER SER A D n 
A 1 78  TYR 78  121 121 TYR TYR A . n 
A 1 79  GLN 79  122 122 GLN GLN A . n 
A 1 80  ASP 80  123 123 ASP ASP A . n 
A 1 81  ILE 81  124 124 ILE ILE A . n 
A 1 82  THR 82  125 125 THR THR A . n 
A 1 83  THR 83  126 126 THR THR A . n 
A 1 84  ALA 84  127 127 ALA ALA A . n 
A 1 85  GLY 85  128 128 GLY GLY A . n 
A 1 86  ASN 86  129 129 ASN ASN A . n 
A 1 87  ALA 87  130 130 ALA ALA A . n 
A 1 88  PHE 88  131 131 PHE PHE A . n 
A 1 89  VAL 89  132 132 VAL VAL A . n 
A 1 90  GLY 90  133 133 GLY GLY A . n 
A 1 91  GLN 91  134 134 GLN GLN A . n 
A 1 92  ALA 92  135 135 ALA ALA A . n 
A 1 93  VAL 93  136 136 VAL VAL A . n 
A 1 94  GLN 94  137 137 GLN GLN A . n 
A 1 95  ARG 95  138 138 ARG ARG A . n 
A 1 96  SER 96  139 139 SER SER A . n 
A 1 97  GLY 97  140 140 GLY GLY A . n 
A 1 98  SER 98  141 141 SER SER A . n 
A 1 99  THR 99  142 142 THR THR A . n 
A 1 100 THR 100 143 143 THR THR A . n 
A 1 101 GLY 101 156 156 GLY GLY A . n 
A 1 102 LEU 102 157 157 LEU LEU A . n 
A 1 103 ARG 103 158 158 ARG ARG A . n 
A 1 104 SER 104 159 159 SER SER A . n 
A 1 105 GLY 105 160 160 GLY GLY A . n 
A 1 106 SER 106 161 161 SER SER A . n 
A 1 107 VAL 107 162 162 VAL VAL A . n 
A 1 108 THR 108 163 163 THR THR A . n 
A 1 109 GLY 109 164 164 GLY GLY A . n 
A 1 110 LEU 110 165 165 LEU LEU A . n 
A 1 111 ASN 111 166 166 ASN ASN A . n 
A 1 112 ALA 112 167 167 ALA ALA A . n 
A 1 113 THR 113 168 168 THR THR A . n 
A 1 114 VAL 114 169 169 VAL VAL A . n 
A 1 115 ASN 115 170 170 ASN ASN A . n 
A 1 116 TYR 116 171 171 TYR TYR A . n 
A 1 117 GLY 117 172 172 GLY GLY A . n 
A 1 118 SER 118 173 173 SER SER A . n 
A 1 119 SER 119 174 174 SER SER A . n 
A 1 120 GLY 120 175 175 GLY GLY A . n 
A 1 121 ILE 121 176 176 ILE ILE A . n 
A 1 122 VAL 122 177 177 VAL VAL A . n 
A 1 123 TYR 123 178 178 TYR TYR A . n 
A 1 124 GLY 124 179 179 GLY GLY A . n 
A 1 125 MET 125 180 180 MET MET A . n 
A 1 126 ILE 126 181 181 ILE ILE A . n 
A 1 127 GLN 127 182 182 GLN GLN A . n 
A 1 128 THR 128 183 183 THR THR A . n 
A 1 129 ASN 129 184 184 ASN ASN A . n 
A 1 130 VAL 130 190 190 VAL VAL A . n 
A 1 131 CYS 131 191 191 CYS CYS A . n 
A 1 132 ALA 132 192 192 ALA ALA A . n 
A 1 133 GLN 133 192 192 GLN GLN A A n 
A 1 134 PRO 134 192 192 PRO PRO A B n 
A 1 135 GLY 135 193 193 GLY GLY A . n 
A 1 136 ASP 136 194 194 ASP ASP A . n 
A 1 137 SER 137 195 195 SER SER A . n 
A 1 138 GLY 138 196 196 GLY GLY A . n 
A 1 139 GLY 139 197 197 GLY GLY A . n 
A 1 140 SER 140 198 198 SER SER A . n 
A 1 141 LEU 141 199 199 LEU LEU A . n 
A 1 142 PHE 142 200 200 PHE PHE A . n 
A 1 143 ALA 143 201 201 ALA ALA A . n 
A 1 144 GLY 144 202 202 GLY GLY A . n 
A 1 145 SER 145 207 207 SER SER A . n 
A 1 146 THR 146 208 208 THR THR A . n 
A 1 147 ALA 147 209 209 ALA ALA A . n 
A 1 148 LEU 148 210 210 LEU LEU A . n 
A 1 149 GLY 149 211 211 GLY GLY A . n 
A 1 150 LEU 150 212 212 LEU LEU A . n 
A 1 151 THR 151 213 213 THR THR A . n 
A 1 152 SER 152 214 214 SER SER A . n 
A 1 153 GLY 153 215 215 GLY GLY A . n 
A 1 154 GLY 154 216 216 GLY GLY A . n 
A 1 155 SER 155 217 217 SER SER A . n 
A 1 156 GLY 156 218 218 GLY GLY A . n 
A 1 157 ASN 157 219 219 ASN ASN A . n 
A 1 158 CYS 158 220 220 CYS CYS A . n 
A 1 159 ARG 159 221 221 ARG ARG A . n 
A 1 160 THR 160 222 222 THR THR A . n 
A 1 161 GLY 161 223 223 GLY GLY A . n 
A 1 162 GLY 162 224 224 GLY GLY A . n 
A 1 163 THR 163 225 225 THR THR A . n 
A 1 164 THR 164 226 226 THR THR A . n 
A 1 165 PHE 165 227 227 PHE PHE A . n 
A 1 166 TYR 166 228 228 TYR TYR A . n 
A 1 167 GLN 167 229 229 GLN GLN A . n 
A 1 168 PRO 168 230 230 PRO PRO A . n 
A 1 169 VAL 169 231 231 VAL VAL A . n 
A 1 170 THR 170 232 232 THR THR A . n 
A 1 171 GLU 171 233 233 GLU GLU A . n 
A 1 172 ALA 172 234 234 ALA ALA A . n 
A 1 173 LEU 173 235 235 LEU LEU A . n 
A 1 174 SER 174 235 235 SER SER A A n 
A 1 175 ALA 175 236 236 ALA ALA A . n 
A 1 176 TYR 176 237 237 TYR TYR A . n 
A 1 177 GLY 177 238 238 GLY GLY A . n 
A 1 178 ALA 178 239 239 ALA ALA A . n 
A 1 179 THR 179 240 240 THR THR A . n 
A 1 180 VAL 180 241 241 VAL VAL A . n 
A 1 181 LEU 181 242 242 LEU LEU A . n 
# 
loop_
_pdbx_nonpoly_scheme.asym_id 
_pdbx_nonpoly_scheme.entity_id 
_pdbx_nonpoly_scheme.mon_id 
_pdbx_nonpoly_scheme.ndb_seq_num 
_pdbx_nonpoly_scheme.pdb_seq_num 
_pdbx_nonpoly_scheme.auth_seq_num 
_pdbx_nonpoly_scheme.pdb_mon_id 
_pdbx_nonpoly_scheme.auth_mon_id 
_pdbx_nonpoly_scheme.pdb_strand_id 
_pdbx_nonpoly_scheme.pdb_ins_code 
B 2 HOH 1   243 1   HOH HOH A . 
B 2 HOH 2   244 2   HOH HOH A . 
B 2 HOH 3   245 3   HOH HOH A . 
B 2 HOH 4   246 4   HOH HOH A . 
B 2 HOH 5   247 5   HOH HOH A . 
B 2 HOH 6   248 6   HOH HOH A . 
B 2 HOH 7   249 7   HOH HOH A . 
B 2 HOH 8   250 8   HOH HOH A . 
B 2 HOH 9   251 9   HOH HOH A . 
B 2 HOH 10  252 10  HOH HOH A . 
B 2 HOH 11  253 11  HOH HOH A . 
B 2 HOH 12  254 12  HOH HOH A . 
B 2 HOH 13  255 13  HOH HOH A . 
B 2 HOH 14  256 14  HOH HOH A . 
B 2 HOH 15  257 15  HOH HOH A . 
B 2 HOH 16  258 16  HOH HOH A . 
B 2 HOH 17  259 17  HOH HOH A . 
B 2 HOH 18  260 18  HOH HOH A . 
B 2 HOH 19  261 19  HOH HOH A . 
B 2 HOH 20  262 20  HOH HOH A . 
B 2 HOH 21  263 21  HOH HOH A . 
B 2 HOH 22  264 22  HOH HOH A . 
B 2 HOH 23  265 23  HOH HOH A . 
B 2 HOH 24  266 24  HOH HOH A . 
B 2 HOH 25  267 25  HOH HOH A . 
B 2 HOH 26  268 26  HOH HOH A . 
B 2 HOH 27  269 27  HOH HOH A . 
B 2 HOH 28  270 28  HOH HOH A . 
B 2 HOH 29  271 29  HOH HOH A . 
B 2 HOH 30  272 30  HOH HOH A . 
B 2 HOH 31  273 31  HOH HOH A . 
B 2 HOH 32  274 32  HOH HOH A . 
B 2 HOH 33  275 33  HOH HOH A . 
B 2 HOH 34  276 34  HOH HOH A . 
B 2 HOH 35  277 35  HOH HOH A . 
B 2 HOH 36  278 36  HOH HOH A . 
B 2 HOH 37  279 37  HOH HOH A . 
B 2 HOH 38  280 38  HOH HOH A . 
B 2 HOH 39  281 39  HOH HOH A . 
B 2 HOH 40  282 40  HOH HOH A . 
B 2 HOH 41  283 41  HOH HOH A . 
B 2 HOH 42  284 42  HOH HOH A . 
B 2 HOH 43  285 43  HOH HOH A . 
B 2 HOH 44  286 44  HOH HOH A . 
B 2 HOH 45  287 45  HOH HOH A . 
B 2 HOH 46  288 46  HOH HOH A . 
B 2 HOH 47  289 47  HOH HOH A . 
B 2 HOH 48  290 48  HOH HOH A . 
B 2 HOH 49  291 49  HOH HOH A . 
B 2 HOH 50  292 50  HOH HOH A . 
B 2 HOH 51  293 51  HOH HOH A . 
B 2 HOH 52  294 52  HOH HOH A . 
B 2 HOH 53  295 53  HOH HOH A . 
B 2 HOH 54  296 54  HOH HOH A . 
B 2 HOH 55  297 55  HOH HOH A . 
B 2 HOH 56  298 56  HOH HOH A . 
B 2 HOH 57  299 57  HOH HOH A . 
B 2 HOH 58  300 58  HOH HOH A . 
B 2 HOH 59  301 59  HOH HOH A . 
B 2 HOH 60  302 60  HOH HOH A . 
B 2 HOH 61  303 61  HOH HOH A . 
B 2 HOH 62  304 62  HOH HOH A . 
B 2 HOH 63  305 63  HOH HOH A . 
B 2 HOH 64  306 64  HOH HOH A . 
B 2 HOH 65  307 65  HOH HOH A . 
B 2 HOH 66  308 66  HOH HOH A . 
B 2 HOH 67  309 67  HOH HOH A . 
B 2 HOH 68  310 68  HOH HOH A . 
B 2 HOH 69  311 69  HOH HOH A . 
B 2 HOH 70  312 70  HOH HOH A . 
B 2 HOH 71  313 71  HOH HOH A . 
B 2 HOH 72  314 72  HOH HOH A . 
B 2 HOH 73  315 73  HOH HOH A . 
B 2 HOH 74  316 74  HOH HOH A . 
B 2 HOH 75  317 75  HOH HOH A . 
B 2 HOH 76  318 76  HOH HOH A . 
B 2 HOH 77  319 77  HOH HOH A . 
B 2 HOH 78  320 78  HOH HOH A . 
B 2 HOH 79  321 79  HOH HOH A . 
B 2 HOH 80  322 80  HOH HOH A . 
B 2 HOH 81  323 81  HOH HOH A . 
B 2 HOH 82  324 82  HOH HOH A . 
B 2 HOH 83  325 83  HOH HOH A . 
B 2 HOH 84  326 84  HOH HOH A . 
B 2 HOH 85  327 85  HOH HOH A . 
B 2 HOH 86  328 86  HOH HOH A . 
B 2 HOH 87  329 87  HOH HOH A . 
B 2 HOH 88  330 88  HOH HOH A . 
B 2 HOH 89  331 89  HOH HOH A . 
B 2 HOH 90  332 90  HOH HOH A . 
B 2 HOH 91  333 91  HOH HOH A . 
B 2 HOH 92  334 92  HOH HOH A . 
B 2 HOH 93  335 93  HOH HOH A . 
B 2 HOH 94  336 94  HOH HOH A . 
B 2 HOH 95  337 95  HOH HOH A . 
B 2 HOH 96  338 96  HOH HOH A . 
B 2 HOH 97  339 97  HOH HOH A . 
B 2 HOH 98  340 98  HOH HOH A . 
B 2 HOH 99  341 99  HOH HOH A . 
B 2 HOH 100 342 100 HOH HOH A . 
B 2 HOH 101 343 101 HOH HOH A . 
B 2 HOH 102 344 102 HOH HOH A . 
B 2 HOH 103 345 103 HOH HOH A . 
B 2 HOH 104 346 104 HOH HOH A . 
B 2 HOH 105 347 105 HOH HOH A . 
B 2 HOH 106 348 106 HOH HOH A . 
B 2 HOH 107 349 107 HOH HOH A . 
B 2 HOH 108 350 108 HOH HOH A . 
B 2 HOH 109 351 109 HOH HOH A . 
B 2 HOH 110 352 110 HOH HOH A . 
B 2 HOH 111 353 111 HOH HOH A . 
B 2 HOH 112 354 112 HOH HOH A . 
B 2 HOH 113 355 113 HOH HOH A . 
B 2 HOH 114 356 114 HOH HOH A . 
B 2 HOH 115 357 115 HOH HOH A . 
B 2 HOH 116 358 116 HOH HOH A . 
B 2 HOH 117 359 117 HOH HOH A . 
B 2 HOH 118 360 118 HOH HOH A . 
B 2 HOH 119 361 119 HOH HOH A . 
B 2 HOH 120 362 120 HOH HOH A . 
B 2 HOH 121 363 121 HOH HOH A . 
B 2 HOH 122 364 122 HOH HOH A . 
B 2 HOH 123 365 123 HOH HOH A . 
B 2 HOH 124 366 124 HOH HOH A . 
B 2 HOH 125 367 125 HOH HOH A . 
B 2 HOH 126 368 126 HOH HOH A . 
B 2 HOH 127 369 127 HOH HOH A . 
B 2 HOH 128 370 128 HOH HOH A . 
B 2 HOH 129 371 129 HOH HOH A . 
B 2 HOH 130 372 130 HOH HOH A . 
B 2 HOH 131 373 131 HOH HOH A . 
B 2 HOH 132 374 132 HOH HOH A . 
B 2 HOH 133 375 133 HOH HOH A . 
B 2 HOH 134 376 134 HOH HOH A . 
B 2 HOH 135 377 135 HOH HOH A . 
B 2 HOH 136 378 136 HOH HOH A . 
B 2 HOH 137 379 137 HOH HOH A . 
B 2 HOH 138 380 138 HOH HOH A . 
B 2 HOH 139 381 139 HOH HOH A . 
B 2 HOH 140 382 140 HOH HOH A . 
B 2 HOH 141 383 141 HOH HOH A . 
B 2 HOH 142 384 142 HOH HOH A . 
B 2 HOH 143 385 143 HOH HOH A . 
B 2 HOH 144 386 144 HOH HOH A . 
B 2 HOH 145 387 145 HOH HOH A . 
B 2 HOH 146 388 146 HOH HOH A . 
B 2 HOH 147 389 147 HOH HOH A . 
B 2 HOH 148 390 148 HOH HOH A . 
B 2 HOH 149 391 149 HOH HOH A . 
B 2 HOH 150 392 150 HOH HOH A . 
B 2 HOH 151 393 151 HOH HOH A . 
B 2 HOH 152 394 152 HOH HOH A . 
B 2 HOH 153 395 153 HOH HOH A . 
B 2 HOH 154 396 154 HOH HOH A . 
B 2 HOH 155 397 155 HOH HOH A . 
B 2 HOH 156 398 156 HOH HOH A . 
B 2 HOH 157 399 157 HOH HOH A . 
B 2 HOH 158 400 158 HOH HOH A . 
B 2 HOH 159 401 159 HOH HOH A . 
B 2 HOH 160 402 160 HOH HOH A . 
B 2 HOH 161 403 161 HOH HOH A . 
B 2 HOH 162 404 162 HOH HOH A . 
B 2 HOH 163 405 163 HOH HOH A . 
B 2 HOH 164 406 164 HOH HOH A . 
B 2 HOH 165 407 165 HOH HOH A . 
B 2 HOH 166 408 166 HOH HOH A . 
B 2 HOH 167 409 167 HOH HOH A . 
B 2 HOH 168 410 168 HOH HOH A . 
B 2 HOH 169 411 169 HOH HOH A . 
B 2 HOH 170 412 170 HOH HOH A . 
B 2 HOH 171 413 171 HOH HOH A . 
B 2 HOH 172 414 172 HOH HOH A . 
B 2 HOH 173 415 173 HOH HOH A . 
B 2 HOH 174 416 174 HOH HOH A . 
B 2 HOH 175 417 175 HOH HOH A . 
B 2 HOH 176 418 176 HOH HOH A . 
B 2 HOH 177 419 177 HOH HOH A . 
B 2 HOH 178 420 178 HOH HOH A . 
B 2 HOH 179 421 179 HOH HOH A . 
B 2 HOH 180 422 180 HOH HOH A . 
B 2 HOH 181 423 181 HOH HOH A . 
B 2 HOH 182 424 182 HOH HOH A . 
B 2 HOH 183 425 183 HOH HOH A . 
B 2 HOH 184 426 184 HOH HOH A . 
B 2 HOH 185 427 185 HOH HOH A . 
B 2 HOH 186 428 186 HOH HOH A . 
B 2 HOH 187 429 187 HOH HOH A . 
B 2 HOH 188 430 188 HOH HOH A . 
B 2 HOH 189 431 189 HOH HOH A . 
B 2 HOH 190 432 190 HOH HOH A . 
B 2 HOH 191 433 191 HOH HOH A . 
B 2 HOH 192 434 192 HOH HOH A . 
B 2 HOH 193 435 193 HOH HOH A . 
B 2 HOH 194 436 194 HOH HOH A . 
B 2 HOH 195 437 195 HOH HOH A . 
B 2 HOH 196 438 196 HOH HOH A . 
B 2 HOH 197 439 197 HOH HOH A . 
B 2 HOH 198 440 198 HOH HOH A . 
B 2 HOH 199 441 199 HOH HOH A . 
B 2 HOH 200 442 200 HOH HOH A . 
B 2 HOH 201 443 201 HOH HOH A . 
B 2 HOH 202 444 202 HOH HOH A . 
B 2 HOH 203 445 203 HOH HOH A . 
B 2 HOH 204 446 204 HOH HOH A . 
B 2 HOH 205 447 205 HOH HOH A . 
B 2 HOH 206 448 206 HOH HOH A . 
B 2 HOH 207 449 207 HOH HOH A . 
B 2 HOH 208 450 208 HOH HOH A . 
B 2 HOH 209 451 209 HOH HOH A . 
B 2 HOH 210 452 210 HOH HOH A . 
B 2 HOH 211 453 211 HOH HOH A . 
B 2 HOH 212 454 212 HOH HOH A . 
B 2 HOH 213 455 213 HOH HOH A . 
B 2 HOH 214 456 214 HOH HOH A . 
B 2 HOH 215 457 215 HOH HOH A . 
B 2 HOH 216 458 216 HOH HOH A . 
B 2 HOH 217 459 217 HOH HOH A . 
B 2 HOH 218 460 218 HOH HOH A . 
B 2 HOH 219 461 219 HOH HOH A . 
B 2 HOH 220 462 220 HOH HOH A . 
# 
loop_
_pdbx_unobs_or_zero_occ_atoms.id 
_pdbx_unobs_or_zero_occ_atoms.PDB_model_num 
_pdbx_unobs_or_zero_occ_atoms.polymer_flag 
_pdbx_unobs_or_zero_occ_atoms.occupancy_flag 
_pdbx_unobs_or_zero_occ_atoms.auth_asym_id 
_pdbx_unobs_or_zero_occ_atoms.auth_comp_id 
_pdbx_unobs_or_zero_occ_atoms.auth_seq_id 
_pdbx_unobs_or_zero_occ_atoms.PDB_ins_code 
_pdbx_unobs_or_zero_occ_atoms.auth_atom_id 
_pdbx_unobs_or_zero_occ_atoms.label_alt_id 
_pdbx_unobs_or_zero_occ_atoms.label_asym_id 
_pdbx_unobs_or_zero_occ_atoms.label_comp_id 
_pdbx_unobs_or_zero_occ_atoms.label_seq_id 
_pdbx_unobs_or_zero_occ_atoms.label_atom_id 
1 1 Y 1 A ARG 221 ? CG  ? A ARG 159 CG  
2 1 Y 1 A ARG 221 ? CD  ? A ARG 159 CD  
3 1 Y 1 A ARG 221 ? NE  ? A ARG 159 NE  
4 1 Y 1 A ARG 221 ? CZ  ? A ARG 159 CZ  
5 1 Y 1 A ARG 221 ? NH1 ? A ARG 159 NH1 
6 1 Y 1 A ARG 221 ? NH2 ? A ARG 159 NH2 
# 
_software.name             PROLSQ 
_software.classification   refinement 
_software.version          . 
_software.citation_id      ? 
_software.pdbx_ordinal     1 
# 
_cell.entry_id           2SGA 
_cell.length_a           55.120 
_cell.length_b           55.120 
_cell.length_c           54.810 
_cell.angle_alpha        90.00 
_cell.angle_beta         90.00 
_cell.angle_gamma        90.00 
_cell.Z_PDB              4 
_cell.pdbx_unique_axis   ? 
# 
_symmetry.entry_id                         2SGA 
_symmetry.space_group_name_H-M             'P 42' 
_symmetry.pdbx_full_space_group_name_H-M   ? 
_symmetry.cell_setting                     ? 
_symmetry.Int_Tables_number                77 
# 
_exptl.entry_id          2SGA 
_exptl.method            'X-RAY DIFFRACTION' 
_exptl.crystals_number   ? 
# 
_exptl_crystal.id                    1 
_exptl_crystal.density_meas          ? 
_exptl_crystal.density_Matthews      2.31 
_exptl_crystal.density_percent_sol   46.76 
_exptl_crystal.description           ? 
# 
_refine.entry_id                                 2SGA 
_refine.ls_number_reflns_obs                     ? 
_refine.ls_number_reflns_all                     ? 
_refine.pdbx_ls_sigma_I                          ? 
_refine.pdbx_ls_sigma_F                          ? 
_refine.pdbx_data_cutoff_high_absF               ? 
_refine.pdbx_data_cutoff_low_absF                ? 
_refine.pdbx_data_cutoff_high_rms_absF           ? 
_refine.ls_d_res_low                             12.0 
_refine.ls_d_res_high                            1.5 
_refine.ls_percent_reflns_obs                    ? 
_refine.ls_R_factor_obs                          ? 
_refine.ls_R_factor_all                          ? 
_refine.ls_R_factor_R_work                       0.126 
_refine.ls_R_factor_R_free                       ? 
_refine.ls_R_factor_R_free_error                 ? 
_refine.ls_R_factor_R_free_error_details         ? 
_refine.ls_percent_reflns_R_free                 ? 
_refine.ls_number_reflns_R_free                  ? 
_refine.ls_number_parameters                     ? 
_refine.ls_number_restraints                     ? 
_refine.occupancy_min                            ? 
_refine.occupancy_max                            ? 
_refine.B_iso_mean                               ? 
_refine.aniso_B[1][1]                            ? 
_refine.aniso_B[2][2]                            ? 
_refine.aniso_B[3][3]                            ? 
_refine.aniso_B[1][2]                            ? 
_refine.aniso_B[1][3]                            ? 
_refine.aniso_B[2][3]                            ? 
_refine.solvent_model_details                    ? 
_refine.solvent_model_param_ksol                 ? 
_refine.solvent_model_param_bsol                 ? 
_refine.pdbx_ls_cross_valid_method               ? 
_refine.details                                  
;THE WATER MOLECULES HAVE BEEN NUMBERED TO REFLECT THEIR
ACCURACY, WITH HOH 1 BEING THE MOST ACCURATE.  SOLVENT 1,
ALTHOUGH REFINED AS WATER (OXYGEN ATOM), HAS BEEN
INTERPRETED AS A NA+ ION.  SEE REFERENCE 3 ABOVE FOR
FURTHER DETAILS.
;
_refine.pdbx_starting_model                      ? 
_refine.pdbx_method_to_determine_struct          ? 
_refine.pdbx_isotropic_thermal_model             ? 
_refine.pdbx_stereochemistry_target_values       ? 
_refine.pdbx_stereochem_target_val_spec_case     ? 
_refine.pdbx_R_Free_selection_details            ? 
_refine.pdbx_overall_ESU_R                       ? 
_refine.pdbx_overall_ESU_R_Free                  ? 
_refine.overall_SU_ML                            ? 
_refine.overall_SU_B                             ? 
_refine.pdbx_refine_id                           'X-RAY DIFFRACTION' 
_refine.pdbx_diffrn_id                           1 
_refine.pdbx_TLS_residual_ADP_flag               ? 
_refine.correlation_coeff_Fo_to_Fc               ? 
_refine.correlation_coeff_Fo_to_Fc_free          ? 
_refine.pdbx_solvent_vdw_probe_radii             ? 
_refine.pdbx_solvent_ion_probe_radii             ? 
_refine.pdbx_solvent_shrinkage_radii             ? 
_refine.pdbx_overall_phase_error                 ? 
_refine.overall_SU_R_Cruickshank_DPI             ? 
_refine.pdbx_overall_SU_R_free_Cruickshank_DPI   ? 
_refine.pdbx_overall_SU_R_Blow_DPI               ? 
_refine.pdbx_overall_SU_R_free_Blow_DPI          ? 
# 
_refine_hist.pdbx_refine_id                   'X-RAY DIFFRACTION' 
_refine_hist.cycle_id                         LAST 
_refine_hist.pdbx_number_atoms_protein        1259 
_refine_hist.pdbx_number_atoms_nucleic_acid   0 
_refine_hist.pdbx_number_atoms_ligand         0 
_refine_hist.number_atoms_solvent             220 
_refine_hist.number_atoms_total               1479 
_refine_hist.d_res_high                       1.5 
_refine_hist.d_res_low                        12.0 
# 
_struct.entry_id                  2SGA 
_struct.title                     
;ELECTRON DENSITY CALCULATIONS AS AN EXTENSION OF PROTEIN STRUCTURE REFINEMENT. STREPTOMYCES GRISEUS PROTEASE AT 1.5 ANGSTROMS RESOLUTION
;
_struct.pdbx_model_details        ? 
_struct.pdbx_CASP_flag            ? 
_struct.pdbx_model_type_details   ? 
# 
_struct_keywords.entry_id        2SGA 
_struct_keywords.pdbx_keywords   'HYDROLASE (SERINE PROTEINASE)' 
_struct_keywords.text            'HYDROLASE (SERINE PROTEINASE)' 
# 
loop_
_struct_asym.id 
_struct_asym.pdbx_blank_PDB_chainid_flag 
_struct_asym.pdbx_modified 
_struct_asym.entity_id 
_struct_asym.details 
A N N 1 ? 
B N N 2 ? 
# 
_struct_ref.id                         1 
_struct_ref.db_name                    UNP 
_struct_ref.db_code                    PRTA_STRGR 
_struct_ref.entity_id                  1 
_struct_ref.pdbx_db_accession          P00776 
_struct_ref.pdbx_align_begin           1 
_struct_ref.pdbx_seq_one_letter_code   
;MTFKRFSPLSSTSRYARLLAVASGLVAAAALATPSAVAAPEAESKATVSQLADASSAILAADVAGTAWYTEASTGKIVLT
ADSTVSKAELAKVSNALAGSKAKLTVKRAEGKFTPLIAGGEAITTGGSRCSLGFNVSVNGVAHALTAGHCTNISASWSIG
TRTGTSFPNNDYGIIRHSNPAAADGRVYLYNGSYQDITTAGNAFVGQAVQRSGSTTGLRSGSVTGLNATVNYGSSGIVYG
MIQTNVCAEPGDSGGSLFAGSTALGLTSGGSGNCRTGGTTFYQPVTEALSAYGATVL
;
_struct_ref.pdbx_db_isoform            ? 
# 
_struct_ref_seq.align_id                      1 
_struct_ref_seq.ref_id                        1 
_struct_ref_seq.pdbx_PDB_id_code              2SGA 
_struct_ref_seq.pdbx_strand_id                A 
_struct_ref_seq.seq_align_beg                 1 
_struct_ref_seq.pdbx_seq_align_beg_ins_code   ? 
_struct_ref_seq.seq_align_end                 181 
_struct_ref_seq.pdbx_seq_align_end_ins_code   ? 
_struct_ref_seq.pdbx_db_accession             P00776 
_struct_ref_seq.db_align_beg                  117 
_struct_ref_seq.pdbx_db_align_beg_ins_code    ? 
_struct_ref_seq.db_align_end                  297 
_struct_ref_seq.pdbx_db_align_end_ins_code    ? 
_struct_ref_seq.pdbx_auth_seq_align_beg       16 
_struct_ref_seq.pdbx_auth_seq_align_end       242 
# 
_struct_ref_seq_dif.align_id                     1 
_struct_ref_seq_dif.pdbx_pdb_id_code             2SGA 
_struct_ref_seq_dif.mon_id                       GLN 
_struct_ref_seq_dif.pdbx_pdb_strand_id           A 
_struct_ref_seq_dif.seq_num                      133 
_struct_ref_seq_dif.pdbx_pdb_ins_code            A 
_struct_ref_seq_dif.pdbx_seq_db_name             UNP 
_struct_ref_seq_dif.pdbx_seq_db_accession_code   P00776 
_struct_ref_seq_dif.db_mon_id                    GLU 
_struct_ref_seq_dif.pdbx_seq_db_seq_num          249 
_struct_ref_seq_dif.details                      conflict 
_struct_ref_seq_dif.pdbx_auth_seq_num            192 
_struct_ref_seq_dif.pdbx_ordinal                 1 
# 
_pdbx_struct_assembly.id                   1 
_pdbx_struct_assembly.details              author_defined_assembly 
_pdbx_struct_assembly.method_details       ? 
_pdbx_struct_assembly.oligomeric_details   monomeric 
_pdbx_struct_assembly.oligomeric_count     1 
# 
_pdbx_struct_assembly_gen.assembly_id       1 
_pdbx_struct_assembly_gen.oper_expression   1 
_pdbx_struct_assembly_gen.asym_id_list      A,B 
# 
_pdbx_struct_oper_list.id                   1 
_pdbx_struct_oper_list.type                 'identity operation' 
_pdbx_struct_oper_list.name                 1_555 
_pdbx_struct_oper_list.symmetry_operation   x,y,z 
_pdbx_struct_oper_list.matrix[1][1]         1.0000000000 
_pdbx_struct_oper_list.matrix[1][2]         0.0000000000 
_pdbx_struct_oper_list.matrix[1][3]         0.0000000000 
_pdbx_struct_oper_list.vector[1]            0.0000000000 
_pdbx_struct_oper_list.matrix[2][1]         0.0000000000 
_pdbx_struct_oper_list.matrix[2][2]         1.0000000000 
_pdbx_struct_oper_list.matrix[2][3]         0.0000000000 
_pdbx_struct_oper_list.vector[2]            0.0000000000 
_pdbx_struct_oper_list.matrix[3][1]         0.0000000000 
_pdbx_struct_oper_list.matrix[3][2]         0.0000000000 
_pdbx_struct_oper_list.matrix[3][3]         1.0000000000 
_pdbx_struct_oper_list.vector[3]            0.0000000000 
# 
_struct_biol.id   1 
# 
loop_
_struct_conf.conf_type_id 
_struct_conf.id 
_struct_conf.pdbx_PDB_helix_id 
_struct_conf.beg_label_comp_id 
_struct_conf.beg_label_asym_id 
_struct_conf.beg_label_seq_id 
_struct_conf.pdbx_beg_PDB_ins_code 
_struct_conf.end_label_comp_id 
_struct_conf.end_label_asym_id 
_struct_conf.end_label_seq_id 
_struct_conf.pdbx_end_PDB_ins_code 
_struct_conf.beg_auth_comp_id 
_struct_conf.beg_auth_asym_id 
_struct_conf.beg_auth_seq_id 
_struct_conf.end_auth_comp_id 
_struct_conf.end_auth_asym_id 
_struct_conf.end_auth_seq_id 
_struct_conf.pdbx_PDB_helix_class 
_struct_conf.details 
_struct_conf.pdbx_PDB_helix_length 
HELX_P HELX_P1 H1 GLY A 32  ? ILE A 37  ? GLY A 56  ILE A 63  1 ? 6 
HELX_P HELX_P2 H2 PRO A 168 ? ALA A 175 ? PRO A 230 ALA A 236 1 ? 8 
# 
_struct_conf_type.id          HELX_P 
_struct_conf_type.criteria    ? 
_struct_conf_type.reference   ? 
# 
loop_
_struct_conn.id 
_struct_conn.conn_type_id 
_struct_conn.pdbx_leaving_atom_flag 
_struct_conn.pdbx_PDB_id 
_struct_conn.ptnr1_label_asym_id 
_struct_conn.ptnr1_label_comp_id 
_struct_conn.ptnr1_label_seq_id 
_struct_conn.ptnr1_label_atom_id 
_struct_conn.pdbx_ptnr1_label_alt_id 
_struct_conn.pdbx_ptnr1_PDB_ins_code 
_struct_conn.pdbx_ptnr1_standard_comp_id 
_struct_conn.ptnr1_symmetry 
_struct_conn.ptnr2_label_asym_id 
_struct_conn.ptnr2_label_comp_id 
_struct_conn.ptnr2_label_seq_id 
_struct_conn.ptnr2_label_atom_id 
_struct_conn.pdbx_ptnr2_label_alt_id 
_struct_conn.pdbx_ptnr2_PDB_ins_code 
_struct_conn.ptnr1_auth_asym_id 
_struct_conn.ptnr1_auth_comp_id 
_struct_conn.ptnr1_auth_seq_id 
_struct_conn.ptnr2_auth_asym_id 
_struct_conn.ptnr2_auth_comp_id 
_struct_conn.ptnr2_auth_seq_id 
_struct_conn.ptnr2_symmetry 
_struct_conn.pdbx_ptnr3_label_atom_id 
_struct_conn.pdbx_ptnr3_label_seq_id 
_struct_conn.pdbx_ptnr3_label_comp_id 
_struct_conn.pdbx_ptnr3_label_asym_id 
_struct_conn.pdbx_ptnr3_label_alt_id 
_struct_conn.pdbx_ptnr3_PDB_ins_code 
_struct_conn.details 
_struct_conn.pdbx_dist_value 
_struct_conn.pdbx_value_order 
_struct_conn.pdbx_role 
disulf1 disulf ? ? A CYS 14  SG ? ? ? 1_555 A CYS 34  SG ? ? A CYS 42  A CYS 58  1_555 ? ? ? ? ? ? ? 2.031 ? ? 
disulf2 disulf ? ? A CYS 131 SG ? ? ? 1_555 A CYS 158 SG ? ? A CYS 191 A CYS 220 1_555 ? ? ? ? ? ? ? 2.047 ? ? 
# 
_struct_conn_type.id          disulf 
_struct_conn_type.criteria    ? 
_struct_conn_type.reference   ? 
# 
loop_
_pdbx_modification_feature.ordinal 
_pdbx_modification_feature.label_comp_id 
_pdbx_modification_feature.label_asym_id 
_pdbx_modification_feature.label_seq_id 
_pdbx_modification_feature.label_alt_id 
_pdbx_modification_feature.modified_residue_label_comp_id 
_pdbx_modification_feature.modified_residue_label_asym_id 
_pdbx_modification_feature.modified_residue_label_seq_id 
_pdbx_modification_feature.modified_residue_label_alt_id 
_pdbx_modification_feature.auth_comp_id 
_pdbx_modification_feature.auth_asym_id 
_pdbx_modification_feature.auth_seq_id 
_pdbx_modification_feature.PDB_ins_code 
_pdbx_modification_feature.symmetry 
_pdbx_modification_feature.modified_residue_auth_comp_id 
_pdbx_modification_feature.modified_residue_auth_asym_id 
_pdbx_modification_feature.modified_residue_auth_seq_id 
_pdbx_modification_feature.modified_residue_PDB_ins_code 
_pdbx_modification_feature.modified_residue_symmetry 
_pdbx_modification_feature.comp_id_linking_atom 
_pdbx_modification_feature.modified_residue_id_linking_atom 
_pdbx_modification_feature.modified_residue_id 
_pdbx_modification_feature.ref_pcm_id 
_pdbx_modification_feature.ref_comp_id 
_pdbx_modification_feature.type 
_pdbx_modification_feature.category 
1 CYS A 14  ? CYS A 34  ? CYS A 42  ? 1_555 CYS A 58  ? 1_555 SG SG . . . None 'Disulfide bridge' 
2 CYS A 131 ? CYS A 158 ? CYS A 191 ? 1_555 CYS A 220 ? 1_555 SG SG . . . None 'Disulfide bridge' 
# 
_struct_mon_prot_cis.pdbx_id                1 
_struct_mon_prot_cis.label_comp_id          PHE 
_struct_mon_prot_cis.label_seq_id           51 
_struct_mon_prot_cis.label_asym_id          A 
_struct_mon_prot_cis.label_alt_id           . 
_struct_mon_prot_cis.pdbx_PDB_ins_code      ? 
_struct_mon_prot_cis.auth_comp_id           PHE 
_struct_mon_prot_cis.auth_seq_id            94 
_struct_mon_prot_cis.auth_asym_id           A 
_struct_mon_prot_cis.pdbx_label_comp_id_2   PRO 
_struct_mon_prot_cis.pdbx_label_seq_id_2    52 
_struct_mon_prot_cis.pdbx_label_asym_id_2   A 
_struct_mon_prot_cis.pdbx_PDB_ins_code_2    A 
_struct_mon_prot_cis.pdbx_auth_comp_id_2    PRO 
_struct_mon_prot_cis.pdbx_auth_seq_id_2     99 
_struct_mon_prot_cis.pdbx_auth_asym_id_2    A 
_struct_mon_prot_cis.pdbx_PDB_model_num     1 
_struct_mon_prot_cis.pdbx_omega_angle       -4.44 
# 
loop_
_struct_sheet.id 
_struct_sheet.type 
_struct_sheet.number_strands 
_struct_sheet.details 
S1 ? 3 ? 
S2 ? 2 ? 
S3 ? 5 ? 
S4 ? 3 ? 
S5 ? 6 ? 
S6 ? 2 ? 
# 
loop_
_struct_sheet_order.sheet_id 
_struct_sheet_order.range_id_1 
_struct_sheet_order.range_id_2 
_struct_sheet_order.offset 
_struct_sheet_order.sense 
S1 1 2 ? parallel      
S1 2 3 ? anti-parallel 
S2 1 2 ? anti-parallel 
S3 1 2 ? anti-parallel 
S3 2 3 ? anti-parallel 
S3 3 4 ? anti-parallel 
S3 4 5 ? anti-parallel 
S4 1 2 ? parallel      
S4 2 3 ? anti-parallel 
S5 1 2 ? anti-parallel 
S5 2 3 ? anti-parallel 
S5 3 4 ? anti-parallel 
S5 4 5 ? anti-parallel 
S5 5 6 ? anti-parallel 
S6 1 2 ? anti-parallel 
# 
loop_
_struct_sheet_range.sheet_id 
_struct_sheet_range.id 
_struct_sheet_range.beg_label_comp_id 
_struct_sheet_range.beg_label_asym_id 
_struct_sheet_range.beg_label_seq_id 
_struct_sheet_range.pdbx_beg_PDB_ins_code 
_struct_sheet_range.end_label_comp_id 
_struct_sheet_range.end_label_asym_id 
_struct_sheet_range.end_label_seq_id 
_struct_sheet_range.pdbx_end_PDB_ins_code 
_struct_sheet_range.beg_auth_comp_id 
_struct_sheet_range.beg_auth_asym_id 
_struct_sheet_range.beg_auth_seq_id 
_struct_sheet_range.end_auth_comp_id 
_struct_sheet_range.end_auth_asym_id 
_struct_sheet_range.end_auth_seq_id 
S1 1 ILE A 1   ? GLY A 3   ? ILE A 16  GLY A 18  
S1 2 ASP A 68  ? LEU A 73  ? ASP A 115 LEU A 120 
S1 3 SER A 77  D ILE A 81  ? SER A 120 ILE A 124 
S2 1 GLY A 4   ? THR A 9   ? GLY A 19  THR A 33  
S2 2 GLY A 11  ? LEU A 16  ? GLY A 39  LEU A 44  
S3 1 GLY A 17  ? VAL A 22  B GLY A 45  VAL A 48  
S3 2 VAL A 25  ? THR A 30  ? VAL A 49  THR A 54  
S3 3 GLY A 57  ? HIS A 61  ? GLY A 104 HIS A 108 
S3 4 GLY A 44  ? SER A 50  ? GLY A 86  SER A 93  
S3 5 ALA A 39  ? TRP A 41  ? ALA A 65  TRP A 66  
S4 1 THR A 83  ? GLY A 85  ? THR A 126 GLY A 128 
S4 2 SER A 145 ? ALA A 147 ? SER A 207 ALA A 209 
S4 3 PHE A 142 ? ALA A 143 ? PHE A 200 ALA A 201 
S5 1 GLY A 139 ? LEU A 141 ? GLY A 197 LEU A 199 
S5 2 LEU A 148 ? ASN A 157 ? LEU A 210 ASN A 219 
S5 3 GLY A 161 ? GLN A 167 ? GLY A 223 GLN A 229 
S5 4 ILE A 126 ? THR A 128 ? ILE A 181 THR A 183 
S5 5 SER A 106 ? ASN A 111 ? SER A 161 ASN A 166 
S5 6 GLN A 91  ? GLY A 97  ? GLN A 134 GLY A 140 
S6 1 ALA A 112 ? TYR A 116 ? ALA A 167 TYR A 171 
S6 2 GLY A 120 ? MET A 125 ? GLY A 175 MET A 180 
# 
_pdbx_entry_details.entry_id                   2SGA 
_pdbx_entry_details.compound_details           ? 
_pdbx_entry_details.source_details             ? 
_pdbx_entry_details.nonpolymer_details         ? 
_pdbx_entry_details.sequence_details           ? 
_pdbx_entry_details.has_ligand_of_interest     ? 
_pdbx_entry_details.has_protein_modification   Y 
# 
loop_
_pdbx_validate_rmsd_angle.id 
_pdbx_validate_rmsd_angle.PDB_model_num 
_pdbx_validate_rmsd_angle.auth_atom_id_1 
_pdbx_validate_rmsd_angle.auth_asym_id_1 
_pdbx_validate_rmsd_angle.auth_comp_id_1 
_pdbx_validate_rmsd_angle.auth_seq_id_1 
_pdbx_validate_rmsd_angle.PDB_ins_code_1 
_pdbx_validate_rmsd_angle.label_alt_id_1 
_pdbx_validate_rmsd_angle.auth_atom_id_2 
_pdbx_validate_rmsd_angle.auth_asym_id_2 
_pdbx_validate_rmsd_angle.auth_comp_id_2 
_pdbx_validate_rmsd_angle.auth_seq_id_2 
_pdbx_validate_rmsd_angle.PDB_ins_code_2 
_pdbx_validate_rmsd_angle.label_alt_id_2 
_pdbx_validate_rmsd_angle.auth_atom_id_3 
_pdbx_validate_rmsd_angle.auth_asym_id_3 
_pdbx_validate_rmsd_angle.auth_comp_id_3 
_pdbx_validate_rmsd_angle.auth_seq_id_3 
_pdbx_validate_rmsd_angle.PDB_ins_code_3 
_pdbx_validate_rmsd_angle.label_alt_id_3 
_pdbx_validate_rmsd_angle.angle_value 
_pdbx_validate_rmsd_angle.angle_target_value 
_pdbx_validate_rmsd_angle.angle_deviation 
_pdbx_validate_rmsd_angle.angle_standard_deviation 
_pdbx_validate_rmsd_angle.linker_flag 
1 1 NE A ARG 41  ? ? CZ A ARG 41  ? ? NH1 A ARG 41  ? ? 126.27 120.30 5.97  0.50 N 
2 1 NE A ARG 41  ? ? CZ A ARG 41  ? ? NH2 A ARG 41  ? ? 116.92 120.30 -3.38 0.50 N 
3 1 NE A ARG 88  ? ? CZ A ARG 88  ? ? NH2 A ARG 88  ? ? 114.50 120.30 -5.80 0.50 N 
4 1 NE A ARG 107 ? ? CZ A ARG 107 ? ? NH1 A ARG 107 ? ? 124.05 120.30 3.75  0.50 N 
5 1 NE A ARG 107 ? ? CZ A ARG 107 ? ? NH2 A ARG 107 ? ? 115.59 120.30 -4.71 0.50 N 
6 1 CB A ASP 123 ? ? CG A ASP 123 ? ? OD1 A ASP 123 ? ? 126.81 118.30 8.51  0.90 N 
7 1 CD A ARG 138 ? ? NE A ARG 138 ? ? CZ  A ARG 138 ? ? 135.71 123.60 12.11 1.40 N 
8 1 NE A ARG 138 ? ? CZ A ARG 138 ? ? NH1 A ARG 138 ? ? 123.79 120.30 3.49  0.50 N 
9 1 NE A ARG 158 ? ? CZ A ARG 158 ? ? NH2 A ARG 158 ? ? 117.12 120.30 -3.18 0.50 N 
# 
loop_
_pdbx_validate_torsion.id 
_pdbx_validate_torsion.PDB_model_num 
_pdbx_validate_torsion.auth_comp_id 
_pdbx_validate_torsion.auth_asym_id 
_pdbx_validate_torsion.auth_seq_id 
_pdbx_validate_torsion.PDB_ins_code 
_pdbx_validate_torsion.label_alt_id 
_pdbx_validate_torsion.phi 
_pdbx_validate_torsion.psi 
1 1 PRO A 99  A ? -79.67  -151.42 
2 1 ASN A 100 ? ? 79.96   -75.16  
3 1 ASN A 120 B ? -141.65 20.96   
# 
loop_
_pdbx_struct_special_symmetry.id 
_pdbx_struct_special_symmetry.PDB_model_num 
_pdbx_struct_special_symmetry.auth_asym_id 
_pdbx_struct_special_symmetry.auth_comp_id 
_pdbx_struct_special_symmetry.auth_seq_id 
_pdbx_struct_special_symmetry.PDB_ins_code 
_pdbx_struct_special_symmetry.label_asym_id 
_pdbx_struct_special_symmetry.label_comp_id 
_pdbx_struct_special_symmetry.label_seq_id 
1 1 A HOH 250 ? B HOH . 
2 1 A HOH 268 ? B HOH . 
3 1 A HOH 343 ? B HOH . 
# 
loop_
_chem_comp_atom.comp_id 
_chem_comp_atom.atom_id 
_chem_comp_atom.type_symbol 
_chem_comp_atom.pdbx_aromatic_flag 
_chem_comp_atom.pdbx_stereo_config 
_chem_comp_atom.pdbx_ordinal 
ALA N    N N N 1   
ALA CA   C N S 2   
ALA C    C N N 3   
ALA O    O N N 4   
ALA CB   C N N 5   
ALA OXT  O N N 6   
ALA H    H N N 7   
ALA H2   H N N 8   
ALA HA   H N N 9   
ALA HB1  H N N 10  
ALA HB2  H N N 11  
ALA HB3  H N N 12  
ALA HXT  H N N 13  
ARG N    N N N 14  
ARG CA   C N S 15  
ARG C    C N N 16  
ARG O    O N N 17  
ARG CB   C N N 18  
ARG CG   C N N 19  
ARG CD   C N N 20  
ARG NE   N N N 21  
ARG CZ   C N N 22  
ARG NH1  N N N 23  
ARG NH2  N N N 24  
ARG OXT  O N N 25  
ARG H    H N N 26  
ARG H2   H N N 27  
ARG HA   H N N 28  
ARG HB2  H N N 29  
ARG HB3  H N N 30  
ARG HG2  H N N 31  
ARG HG3  H N N 32  
ARG HD2  H N N 33  
ARG HD3  H N N 34  
ARG HE   H N N 35  
ARG HH11 H N N 36  
ARG HH12 H N N 37  
ARG HH21 H N N 38  
ARG HH22 H N N 39  
ARG HXT  H N N 40  
ASN N    N N N 41  
ASN CA   C N S 42  
ASN C    C N N 43  
ASN O    O N N 44  
ASN CB   C N N 45  
ASN CG   C N N 46  
ASN OD1  O N N 47  
ASN ND2  N N N 48  
ASN OXT  O N N 49  
ASN H    H N N 50  
ASN H2   H N N 51  
ASN HA   H N N 52  
ASN HB2  H N N 53  
ASN HB3  H N N 54  
ASN HD21 H N N 55  
ASN HD22 H N N 56  
ASN HXT  H N N 57  
ASP N    N N N 58  
ASP CA   C N S 59  
ASP C    C N N 60  
ASP O    O N N 61  
ASP CB   C N N 62  
ASP CG   C N N 63  
ASP OD1  O N N 64  
ASP OD2  O N N 65  
ASP OXT  O N N 66  
ASP H    H N N 67  
ASP H2   H N N 68  
ASP HA   H N N 69  
ASP HB2  H N N 70  
ASP HB3  H N N 71  
ASP HD2  H N N 72  
ASP HXT  H N N 73  
CYS N    N N N 74  
CYS CA   C N R 75  
CYS C    C N N 76  
CYS O    O N N 77  
CYS CB   C N N 78  
CYS SG   S N N 79  
CYS OXT  O N N 80  
CYS H    H N N 81  
CYS H2   H N N 82  
CYS HA   H N N 83  
CYS HB2  H N N 84  
CYS HB3  H N N 85  
CYS HG   H N N 86  
CYS HXT  H N N 87  
GLN N    N N N 88  
GLN CA   C N S 89  
GLN C    C N N 90  
GLN O    O N N 91  
GLN CB   C N N 92  
GLN CG   C N N 93  
GLN CD   C N N 94  
GLN OE1  O N N 95  
GLN NE2  N N N 96  
GLN OXT  O N N 97  
GLN H    H N N 98  
GLN H2   H N N 99  
GLN HA   H N N 100 
GLN HB2  H N N 101 
GLN HB3  H N N 102 
GLN HG2  H N N 103 
GLN HG3  H N N 104 
GLN HE21 H N N 105 
GLN HE22 H N N 106 
GLN HXT  H N N 107 
GLU N    N N N 108 
GLU CA   C N S 109 
GLU C    C N N 110 
GLU O    O N N 111 
GLU CB   C N N 112 
GLU CG   C N N 113 
GLU CD   C N N 114 
GLU OE1  O N N 115 
GLU OE2  O N N 116 
GLU OXT  O N N 117 
GLU H    H N N 118 
GLU H2   H N N 119 
GLU HA   H N N 120 
GLU HB2  H N N 121 
GLU HB3  H N N 122 
GLU HG2  H N N 123 
GLU HG3  H N N 124 
GLU HE2  H N N 125 
GLU HXT  H N N 126 
GLY N    N N N 127 
GLY CA   C N N 128 
GLY C    C N N 129 
GLY O    O N N 130 
GLY OXT  O N N 131 
GLY H    H N N 132 
GLY H2   H N N 133 
GLY HA2  H N N 134 
GLY HA3  H N N 135 
GLY HXT  H N N 136 
HIS N    N N N 137 
HIS CA   C N S 138 
HIS C    C N N 139 
HIS O    O N N 140 
HIS CB   C N N 141 
HIS CG   C Y N 142 
HIS ND1  N Y N 143 
HIS CD2  C Y N 144 
HIS CE1  C Y N 145 
HIS NE2  N Y N 146 
HIS OXT  O N N 147 
HIS H    H N N 148 
HIS H2   H N N 149 
HIS HA   H N N 150 
HIS HB2  H N N 151 
HIS HB3  H N N 152 
HIS HD1  H N N 153 
HIS HD2  H N N 154 
HIS HE1  H N N 155 
HIS HE2  H N N 156 
HIS HXT  H N N 157 
HOH O    O N N 158 
HOH H1   H N N 159 
HOH H2   H N N 160 
ILE N    N N N 161 
ILE CA   C N S 162 
ILE C    C N N 163 
ILE O    O N N 164 
ILE CB   C N S 165 
ILE CG1  C N N 166 
ILE CG2  C N N 167 
ILE CD1  C N N 168 
ILE OXT  O N N 169 
ILE H    H N N 170 
ILE H2   H N N 171 
ILE HA   H N N 172 
ILE HB   H N N 173 
ILE HG12 H N N 174 
ILE HG13 H N N 175 
ILE HG21 H N N 176 
ILE HG22 H N N 177 
ILE HG23 H N N 178 
ILE HD11 H N N 179 
ILE HD12 H N N 180 
ILE HD13 H N N 181 
ILE HXT  H N N 182 
LEU N    N N N 183 
LEU CA   C N S 184 
LEU C    C N N 185 
LEU O    O N N 186 
LEU CB   C N N 187 
LEU CG   C N N 188 
LEU CD1  C N N 189 
LEU CD2  C N N 190 
LEU OXT  O N N 191 
LEU H    H N N 192 
LEU H2   H N N 193 
LEU HA   H N N 194 
LEU HB2  H N N 195 
LEU HB3  H N N 196 
LEU HG   H N N 197 
LEU HD11 H N N 198 
LEU HD12 H N N 199 
LEU HD13 H N N 200 
LEU HD21 H N N 201 
LEU HD22 H N N 202 
LEU HD23 H N N 203 
LEU HXT  H N N 204 
MET N    N N N 205 
MET CA   C N S 206 
MET C    C N N 207 
MET O    O N N 208 
MET CB   C N N 209 
MET CG   C N N 210 
MET SD   S N N 211 
MET CE   C N N 212 
MET OXT  O N N 213 
MET H    H N N 214 
MET H2   H N N 215 
MET HA   H N N 216 
MET HB2  H N N 217 
MET HB3  H N N 218 
MET HG2  H N N 219 
MET HG3  H N N 220 
MET HE1  H N N 221 
MET HE2  H N N 222 
MET HE3  H N N 223 
MET HXT  H N N 224 
PHE N    N N N 225 
PHE CA   C N S 226 
PHE C    C N N 227 
PHE O    O N N 228 
PHE CB   C N N 229 
PHE CG   C Y N 230 
PHE CD1  C Y N 231 
PHE CD2  C Y N 232 
PHE CE1  C Y N 233 
PHE CE2  C Y N 234 
PHE CZ   C Y N 235 
PHE OXT  O N N 236 
PHE H    H N N 237 
PHE H2   H N N 238 
PHE HA   H N N 239 
PHE HB2  H N N 240 
PHE HB3  H N N 241 
PHE HD1  H N N 242 
PHE HD2  H N N 243 
PHE HE1  H N N 244 
PHE HE2  H N N 245 
PHE HZ   H N N 246 
PHE HXT  H N N 247 
PRO N    N N N 248 
PRO CA   C N S 249 
PRO C    C N N 250 
PRO O    O N N 251 
PRO CB   C N N 252 
PRO CG   C N N 253 
PRO CD   C N N 254 
PRO OXT  O N N 255 
PRO H    H N N 256 
PRO HA   H N N 257 
PRO HB2  H N N 258 
PRO HB3  H N N 259 
PRO HG2  H N N 260 
PRO HG3  H N N 261 
PRO HD2  H N N 262 
PRO HD3  H N N 263 
PRO HXT  H N N 264 
SER N    N N N 265 
SER CA   C N S 266 
SER C    C N N 267 
SER O    O N N 268 
SER CB   C N N 269 
SER OG   O N N 270 
SER OXT  O N N 271 
SER H    H N N 272 
SER H2   H N N 273 
SER HA   H N N 274 
SER HB2  H N N 275 
SER HB3  H N N 276 
SER HG   H N N 277 
SER HXT  H N N 278 
THR N    N N N 279 
THR CA   C N S 280 
THR C    C N N 281 
THR O    O N N 282 
THR CB   C N R 283 
THR OG1  O N N 284 
THR CG2  C N N 285 
THR OXT  O N N 286 
THR H    H N N 287 
THR H2   H N N 288 
THR HA   H N N 289 
THR HB   H N N 290 
THR HG1  H N N 291 
THR HG21 H N N 292 
THR HG22 H N N 293 
THR HG23 H N N 294 
THR HXT  H N N 295 
TRP N    N N N 296 
TRP CA   C N S 297 
TRP C    C N N 298 
TRP O    O N N 299 
TRP CB   C N N 300 
TRP CG   C Y N 301 
TRP CD1  C Y N 302 
TRP CD2  C Y N 303 
TRP NE1  N Y N 304 
TRP CE2  C Y N 305 
TRP CE3  C Y N 306 
TRP CZ2  C Y N 307 
TRP CZ3  C Y N 308 
TRP CH2  C Y N 309 
TRP OXT  O N N 310 
TRP H    H N N 311 
TRP H2   H N N 312 
TRP HA   H N N 313 
TRP HB2  H N N 314 
TRP HB3  H N N 315 
TRP HD1  H N N 316 
TRP HE1  H N N 317 
TRP HE3  H N N 318 
TRP HZ2  H N N 319 
TRP HZ3  H N N 320 
TRP HH2  H N N 321 
TRP HXT  H N N 322 
TYR N    N N N 323 
TYR CA   C N S 324 
TYR C    C N N 325 
TYR O    O N N 326 
TYR CB   C N N 327 
TYR CG   C Y N 328 
TYR CD1  C Y N 329 
TYR CD2  C Y N 330 
TYR CE1  C Y N 331 
TYR CE2  C Y N 332 
TYR CZ   C Y N 333 
TYR OH   O N N 334 
TYR OXT  O N N 335 
TYR H    H N N 336 
TYR H2   H N N 337 
TYR HA   H N N 338 
TYR HB2  H N N 339 
TYR HB3  H N N 340 
TYR HD1  H N N 341 
TYR HD2  H N N 342 
TYR HE1  H N N 343 
TYR HE2  H N N 344 
TYR HH   H N N 345 
TYR HXT  H N N 346 
VAL N    N N N 347 
VAL CA   C N S 348 
VAL C    C N N 349 
VAL O    O N N 350 
VAL CB   C N N 351 
VAL CG1  C N N 352 
VAL CG2  C N N 353 
VAL OXT  O N N 354 
VAL H    H N N 355 
VAL H2   H N N 356 
VAL HA   H N N 357 
VAL HB   H N N 358 
VAL HG11 H N N 359 
VAL HG12 H N N 360 
VAL HG13 H N N 361 
VAL HG21 H N N 362 
VAL HG22 H N N 363 
VAL HG23 H N N 364 
VAL HXT  H N N 365 
# 
loop_
_chem_comp_bond.comp_id 
_chem_comp_bond.atom_id_1 
_chem_comp_bond.atom_id_2 
_chem_comp_bond.value_order 
_chem_comp_bond.pdbx_aromatic_flag 
_chem_comp_bond.pdbx_stereo_config 
_chem_comp_bond.pdbx_ordinal 
ALA N   CA   sing N N 1   
ALA N   H    sing N N 2   
ALA N   H2   sing N N 3   
ALA CA  C    sing N N 4   
ALA CA  CB   sing N N 5   
ALA CA  HA   sing N N 6   
ALA C   O    doub N N 7   
ALA C   OXT  sing N N 8   
ALA CB  HB1  sing N N 9   
ALA CB  HB2  sing N N 10  
ALA CB  HB3  sing N N 11  
ALA OXT HXT  sing N N 12  
ARG N   CA   sing N N 13  
ARG N   H    sing N N 14  
ARG N   H2   sing N N 15  
ARG CA  C    sing N N 16  
ARG CA  CB   sing N N 17  
ARG CA  HA   sing N N 18  
ARG C   O    doub N N 19  
ARG C   OXT  sing N N 20  
ARG CB  CG   sing N N 21  
ARG CB  HB2  sing N N 22  
ARG CB  HB3  sing N N 23  
ARG CG  CD   sing N N 24  
ARG CG  HG2  sing N N 25  
ARG CG  HG3  sing N N 26  
ARG CD  NE   sing N N 27  
ARG CD  HD2  sing N N 28  
ARG CD  HD3  sing N N 29  
ARG NE  CZ   sing N N 30  
ARG NE  HE   sing N N 31  
ARG CZ  NH1  sing N N 32  
ARG CZ  NH2  doub N N 33  
ARG NH1 HH11 sing N N 34  
ARG NH1 HH12 sing N N 35  
ARG NH2 HH21 sing N N 36  
ARG NH2 HH22 sing N N 37  
ARG OXT HXT  sing N N 38  
ASN N   CA   sing N N 39  
ASN N   H    sing N N 40  
ASN N   H2   sing N N 41  
ASN CA  C    sing N N 42  
ASN CA  CB   sing N N 43  
ASN CA  HA   sing N N 44  
ASN C   O    doub N N 45  
ASN C   OXT  sing N N 46  
ASN CB  CG   sing N N 47  
ASN CB  HB2  sing N N 48  
ASN CB  HB3  sing N N 49  
ASN CG  OD1  doub N N 50  
ASN CG  ND2  sing N N 51  
ASN ND2 HD21 sing N N 52  
ASN ND2 HD22 sing N N 53  
ASN OXT HXT  sing N N 54  
ASP N   CA   sing N N 55  
ASP N   H    sing N N 56  
ASP N   H2   sing N N 57  
ASP CA  C    sing N N 58  
ASP CA  CB   sing N N 59  
ASP CA  HA   sing N N 60  
ASP C   O    doub N N 61  
ASP C   OXT  sing N N 62  
ASP CB  CG   sing N N 63  
ASP CB  HB2  sing N N 64  
ASP CB  HB3  sing N N 65  
ASP CG  OD1  doub N N 66  
ASP CG  OD2  sing N N 67  
ASP OD2 HD2  sing N N 68  
ASP OXT HXT  sing N N 69  
CYS N   CA   sing N N 70  
CYS N   H    sing N N 71  
CYS N   H2   sing N N 72  
CYS CA  C    sing N N 73  
CYS CA  CB   sing N N 74  
CYS CA  HA   sing N N 75  
CYS C   O    doub N N 76  
CYS C   OXT  sing N N 77  
CYS CB  SG   sing N N 78  
CYS CB  HB2  sing N N 79  
CYS CB  HB3  sing N N 80  
CYS SG  HG   sing N N 81  
CYS OXT HXT  sing N N 82  
GLN N   CA   sing N N 83  
GLN N   H    sing N N 84  
GLN N   H2   sing N N 85  
GLN CA  C    sing N N 86  
GLN CA  CB   sing N N 87  
GLN CA  HA   sing N N 88  
GLN C   O    doub N N 89  
GLN C   OXT  sing N N 90  
GLN CB  CG   sing N N 91  
GLN CB  HB2  sing N N 92  
GLN CB  HB3  sing N N 93  
GLN CG  CD   sing N N 94  
GLN CG  HG2  sing N N 95  
GLN CG  HG3  sing N N 96  
GLN CD  OE1  doub N N 97  
GLN CD  NE2  sing N N 98  
GLN NE2 HE21 sing N N 99  
GLN NE2 HE22 sing N N 100 
GLN OXT HXT  sing N N 101 
GLU N   CA   sing N N 102 
GLU N   H    sing N N 103 
GLU N   H2   sing N N 104 
GLU CA  C    sing N N 105 
GLU CA  CB   sing N N 106 
GLU CA  HA   sing N N 107 
GLU C   O    doub N N 108 
GLU C   OXT  sing N N 109 
GLU CB  CG   sing N N 110 
GLU CB  HB2  sing N N 111 
GLU CB  HB3  sing N N 112 
GLU CG  CD   sing N N 113 
GLU CG  HG2  sing N N 114 
GLU CG  HG3  sing N N 115 
GLU CD  OE1  doub N N 116 
GLU CD  OE2  sing N N 117 
GLU OE2 HE2  sing N N 118 
GLU OXT HXT  sing N N 119 
GLY N   CA   sing N N 120 
GLY N   H    sing N N 121 
GLY N   H2   sing N N 122 
GLY CA  C    sing N N 123 
GLY CA  HA2  sing N N 124 
GLY CA  HA3  sing N N 125 
GLY C   O    doub N N 126 
GLY C   OXT  sing N N 127 
GLY OXT HXT  sing N N 128 
HIS N   CA   sing N N 129 
HIS N   H    sing N N 130 
HIS N   H2   sing N N 131 
HIS CA  C    sing N N 132 
HIS CA  CB   sing N N 133 
HIS CA  HA   sing N N 134 
HIS C   O    doub N N 135 
HIS C   OXT  sing N N 136 
HIS CB  CG   sing N N 137 
HIS CB  HB2  sing N N 138 
HIS CB  HB3  sing N N 139 
HIS CG  ND1  sing Y N 140 
HIS CG  CD2  doub Y N 141 
HIS ND1 CE1  doub Y N 142 
HIS ND1 HD1  sing N N 143 
HIS CD2 NE2  sing Y N 144 
HIS CD2 HD2  sing N N 145 
HIS CE1 NE2  sing Y N 146 
HIS CE1 HE1  sing N N 147 
HIS NE2 HE2  sing N N 148 
HIS OXT HXT  sing N N 149 
HOH O   H1   sing N N 150 
HOH O   H2   sing N N 151 
ILE N   CA   sing N N 152 
ILE N   H    sing N N 153 
ILE N   H2   sing N N 154 
ILE CA  C    sing N N 155 
ILE CA  CB   sing N N 156 
ILE CA  HA   sing N N 157 
ILE C   O    doub N N 158 
ILE C   OXT  sing N N 159 
ILE CB  CG1  sing N N 160 
ILE CB  CG2  sing N N 161 
ILE CB  HB   sing N N 162 
ILE CG1 CD1  sing N N 163 
ILE CG1 HG12 sing N N 164 
ILE CG1 HG13 sing N N 165 
ILE CG2 HG21 sing N N 166 
ILE CG2 HG22 sing N N 167 
ILE CG2 HG23 sing N N 168 
ILE CD1 HD11 sing N N 169 
ILE CD1 HD12 sing N N 170 
ILE CD1 HD13 sing N N 171 
ILE OXT HXT  sing N N 172 
LEU N   CA   sing N N 173 
LEU N   H    sing N N 174 
LEU N   H2   sing N N 175 
LEU CA  C    sing N N 176 
LEU CA  CB   sing N N 177 
LEU CA  HA   sing N N 178 
LEU C   O    doub N N 179 
LEU C   OXT  sing N N 180 
LEU CB  CG   sing N N 181 
LEU CB  HB2  sing N N 182 
LEU CB  HB3  sing N N 183 
LEU CG  CD1  sing N N 184 
LEU CG  CD2  sing N N 185 
LEU CG  HG   sing N N 186 
LEU CD1 HD11 sing N N 187 
LEU CD1 HD12 sing N N 188 
LEU CD1 HD13 sing N N 189 
LEU CD2 HD21 sing N N 190 
LEU CD2 HD22 sing N N 191 
LEU CD2 HD23 sing N N 192 
LEU OXT HXT  sing N N 193 
MET N   CA   sing N N 194 
MET N   H    sing N N 195 
MET N   H2   sing N N 196 
MET CA  C    sing N N 197 
MET CA  CB   sing N N 198 
MET CA  HA   sing N N 199 
MET C   O    doub N N 200 
MET C   OXT  sing N N 201 
MET CB  CG   sing N N 202 
MET CB  HB2  sing N N 203 
MET CB  HB3  sing N N 204 
MET CG  SD   sing N N 205 
MET CG  HG2  sing N N 206 
MET CG  HG3  sing N N 207 
MET SD  CE   sing N N 208 
MET CE  HE1  sing N N 209 
MET CE  HE2  sing N N 210 
MET CE  HE3  sing N N 211 
MET OXT HXT  sing N N 212 
PHE N   CA   sing N N 213 
PHE N   H    sing N N 214 
PHE N   H2   sing N N 215 
PHE CA  C    sing N N 216 
PHE CA  CB   sing N N 217 
PHE CA  HA   sing N N 218 
PHE C   O    doub N N 219 
PHE C   OXT  sing N N 220 
PHE CB  CG   sing N N 221 
PHE CB  HB2  sing N N 222 
PHE CB  HB3  sing N N 223 
PHE CG  CD1  doub Y N 224 
PHE CG  CD2  sing Y N 225 
PHE CD1 CE1  sing Y N 226 
PHE CD1 HD1  sing N N 227 
PHE CD2 CE2  doub Y N 228 
PHE CD2 HD2  sing N N 229 
PHE CE1 CZ   doub Y N 230 
PHE CE1 HE1  sing N N 231 
PHE CE2 CZ   sing Y N 232 
PHE CE2 HE2  sing N N 233 
PHE CZ  HZ   sing N N 234 
PHE OXT HXT  sing N N 235 
PRO N   CA   sing N N 236 
PRO N   CD   sing N N 237 
PRO N   H    sing N N 238 
PRO CA  C    sing N N 239 
PRO CA  CB   sing N N 240 
PRO CA  HA   sing N N 241 
PRO C   O    doub N N 242 
PRO C   OXT  sing N N 243 
PRO CB  CG   sing N N 244 
PRO CB  HB2  sing N N 245 
PRO CB  HB3  sing N N 246 
PRO CG  CD   sing N N 247 
PRO CG  HG2  sing N N 248 
PRO CG  HG3  sing N N 249 
PRO CD  HD2  sing N N 250 
PRO CD  HD3  sing N N 251 
PRO OXT HXT  sing N N 252 
SER N   CA   sing N N 253 
SER N   H    sing N N 254 
SER N   H2   sing N N 255 
SER CA  C    sing N N 256 
SER CA  CB   sing N N 257 
SER CA  HA   sing N N 258 
SER C   O    doub N N 259 
SER C   OXT  sing N N 260 
SER CB  OG   sing N N 261 
SER CB  HB2  sing N N 262 
SER CB  HB3  sing N N 263 
SER OG  HG   sing N N 264 
SER OXT HXT  sing N N 265 
THR N   CA   sing N N 266 
THR N   H    sing N N 267 
THR N   H2   sing N N 268 
THR CA  C    sing N N 269 
THR CA  CB   sing N N 270 
THR CA  HA   sing N N 271 
THR C   O    doub N N 272 
THR C   OXT  sing N N 273 
THR CB  OG1  sing N N 274 
THR CB  CG2  sing N N 275 
THR CB  HB   sing N N 276 
THR OG1 HG1  sing N N 277 
THR CG2 HG21 sing N N 278 
THR CG2 HG22 sing N N 279 
THR CG2 HG23 sing N N 280 
THR OXT HXT  sing N N 281 
TRP N   CA   sing N N 282 
TRP N   H    sing N N 283 
TRP N   H2   sing N N 284 
TRP CA  C    sing N N 285 
TRP CA  CB   sing N N 286 
TRP CA  HA   sing N N 287 
TRP C   O    doub N N 288 
TRP C   OXT  sing N N 289 
TRP CB  CG   sing N N 290 
TRP CB  HB2  sing N N 291 
TRP CB  HB3  sing N N 292 
TRP CG  CD1  doub Y N 293 
TRP CG  CD2  sing Y N 294 
TRP CD1 NE1  sing Y N 295 
TRP CD1 HD1  sing N N 296 
TRP CD2 CE2  doub Y N 297 
TRP CD2 CE3  sing Y N 298 
TRP NE1 CE2  sing Y N 299 
TRP NE1 HE1  sing N N 300 
TRP CE2 CZ2  sing Y N 301 
TRP CE3 CZ3  doub Y N 302 
TRP CE3 HE3  sing N N 303 
TRP CZ2 CH2  doub Y N 304 
TRP CZ2 HZ2  sing N N 305 
TRP CZ3 CH2  sing Y N 306 
TRP CZ3 HZ3  sing N N 307 
TRP CH2 HH2  sing N N 308 
TRP OXT HXT  sing N N 309 
TYR N   CA   sing N N 310 
TYR N   H    sing N N 311 
TYR N   H2   sing N N 312 
TYR CA  C    sing N N 313 
TYR CA  CB   sing N N 314 
TYR CA  HA   sing N N 315 
TYR C   O    doub N N 316 
TYR C   OXT  sing N N 317 
TYR CB  CG   sing N N 318 
TYR CB  HB2  sing N N 319 
TYR CB  HB3  sing N N 320 
TYR CG  CD1  doub Y N 321 
TYR CG  CD2  sing Y N 322 
TYR CD1 CE1  sing Y N 323 
TYR CD1 HD1  sing N N 324 
TYR CD2 CE2  doub Y N 325 
TYR CD2 HD2  sing N N 326 
TYR CE1 CZ   doub Y N 327 
TYR CE1 HE1  sing N N 328 
TYR CE2 CZ   sing Y N 329 
TYR CE2 HE2  sing N N 330 
TYR CZ  OH   sing N N 331 
TYR OH  HH   sing N N 332 
TYR OXT HXT  sing N N 333 
VAL N   CA   sing N N 334 
VAL N   H    sing N N 335 
VAL N   H2   sing N N 336 
VAL CA  C    sing N N 337 
VAL CA  CB   sing N N 338 
VAL CA  HA   sing N N 339 
VAL C   O    doub N N 340 
VAL C   OXT  sing N N 341 
VAL CB  CG1  sing N N 342 
VAL CB  CG2  sing N N 343 
VAL CB  HB   sing N N 344 
VAL CG1 HG11 sing N N 345 
VAL CG1 HG12 sing N N 346 
VAL CG1 HG13 sing N N 347 
VAL CG2 HG21 sing N N 348 
VAL CG2 HG22 sing N N 349 
VAL CG2 HG23 sing N N 350 
VAL OXT HXT  sing N N 351 
# 
_atom_sites.entry_id                    2SGA 
_atom_sites.fract_transf_matrix[1][1]   -0.01549836 
_atom_sites.fract_transf_matrix[1][2]   -0.00440743 
_atom_sites.fract_transf_matrix[1][3]   -0.00833711 
_atom_sites.fract_transf_matrix[2][1]   0.00934557 
_atom_sites.fract_transf_matrix[2][2]   -0.00932495 
_atom_sites.fract_transf_matrix[2][3]   -0.01244338 
_atom_sites.fract_transf_matrix[3][1]   -0.00126943 
_atom_sites.fract_transf_matrix[3][2]   -0.01500961 
_atom_sites.fract_transf_matrix[3][3]   0.01029466 
_atom_sites.fract_transf_vector[1]      -0.153054 
_atom_sites.fract_transf_vector[2]      0.268284 
_atom_sites.fract_transf_vector[3]      0.369939 
# 
loop_
_atom_sites_footnote.id 
_atom_sites_footnote.text 
1 'THE SIDE CHAIN OF ARG 221 IS VERY DISORDERED.  COORDINATES FOR THE ATOMS BEYOND CB HAVE BEEN OMITTED.' 
2 'RESIDUE 99A IS A CIS-PROLINE.'                                                                         
# 
loop_
_atom_type.symbol 
C 
N 
O 
S 
# 
loop_
_atom_site.group_PDB 
_atom_site.id 
_atom_site.type_symbol 
_atom_site.label_atom_id 
_atom_site.label_alt_id 
_atom_site.label_comp_id 
_atom_site.label_asym_id 
_atom_site.label_entity_id 
_atom_site.label_seq_id 
_atom_site.pdbx_PDB_ins_code 
_atom_site.Cartn_x 
_atom_site.Cartn_y 
_atom_site.Cartn_z 
_atom_site.occupancy 
_atom_site.B_iso_or_equiv 
_atom_site.pdbx_formal_charge 
_atom_site.auth_seq_id 
_atom_site.auth_comp_id 
_atom_site.auth_asym_id 
_atom_site.auth_atom_id 
_atom_site.pdbx_PDB_model_num 
ATOM   1    N N   . ILE A 1 1   ? -11.230 -2.679  9.461   1.00 10.27 ? 16  ILE A N   1 
ATOM   2    C CA  . ILE A 1 1   ? -9.751  -2.743  9.309   1.00 10.47 ? 16  ILE A CA  1 
ATOM   3    C C   . ILE A 1 1   ? -9.388  -1.562  8.384   1.00 9.22  ? 16  ILE A C   1 
ATOM   4    O O   . ILE A 1 1   ? -10.040 -1.415  7.359   1.00 11.76 ? 16  ILE A O   1 
ATOM   5    C CB  . ILE A 1 1   ? -9.276  -4.146  8.769   1.00 8.22  ? 16  ILE A CB  1 
ATOM   6    C CG1 . ILE A 1 1   ? -7.732  -4.150  8.728   1.00 11.17 ? 16  ILE A CG1 1 
ATOM   7    C CG2 . ILE A 1 1   ? -9.944  -4.421  7.389   1.00 14.08 ? 16  ILE A CG2 1 
ATOM   8    C CD1 . ILE A 1 1   ? -7.055  -5.493  8.327   1.00 13.49 ? 16  ILE A CD1 1 
ATOM   9    N N   . ALA A 1 2   ? -8.367  -0.833  8.821   1.00 10.03 ? 17  ALA A N   1 
ATOM   10   C CA  . ALA A 1 2   ? -7.982  0.394   8.061   1.00 10.87 ? 17  ALA A CA  1 
ATOM   11   C C   . ALA A 1 2   ? -6.662  0.241   7.359   1.00 8.22  ? 17  ALA A C   1 
ATOM   12   O O   . ALA A 1 2   ? -5.916  -0.768  7.540   1.00 9.48  ? 17  ALA A O   1 
ATOM   13   C CB  . ALA A 1 2   ? -8.000  1.581   9.047   1.00 11.23 ? 17  ALA A CB  1 
ATOM   14   N N   . GLY A 1 3   ? -6.298  1.279   6.599   1.00 7.85  ? 18  GLY A N   1 
ATOM   15   C CA  . GLY A 1 3   ? -4.996  1.307   5.898   1.00 8.38  ? 18  GLY A CA  1 
ATOM   16   C C   . GLY A 1 3   ? -3.903  1.146   6.962   1.00 10.81 ? 18  GLY A C   1 
ATOM   17   O O   . GLY A 1 3   ? -3.932  1.657   8.086   1.00 9.47  ? 18  GLY A O   1 
ATOM   18   N N   . GLY A 1 4   ? -2.866  0.398   6.598   1.00 8.76  ? 19  GLY A N   1 
ATOM   19   C CA  . GLY A 1 4   ? -1.674  0.125   7.385   1.00 8.64  ? 19  GLY A CA  1 
ATOM   20   C C   . GLY A 1 4   ? -1.788  -1.072  8.310   1.00 9.13  ? 19  GLY A C   1 
ATOM   21   O O   . GLY A 1 4   ? -0.700  -1.357  8.892   1.00 11.98 ? 19  GLY A O   1 
ATOM   22   N N   . GLU A 1 5   ? -2.988  -1.652  8.380   1.00 8.44  ? 29  GLU A N   1 
ATOM   23   C CA  . GLU A 1 5   ? -3.105  -2.793  9.324   1.00 9.49  ? 29  GLU A CA  1 
ATOM   24   C C   . GLU A 1 5   ? -2.756  -4.120  8.678   1.00 9.41  ? 29  GLU A C   1 
ATOM   25   O O   . GLU A 1 5   ? -2.805  -4.249  7.442   1.00 10.02 ? 29  GLU A O   1 
ATOM   26   C CB  . GLU A 1 5   ? -4.483  -2.788  9.971   1.00 10.86 ? 29  GLU A CB  1 
ATOM   27   C CG  . GLU A 1 5   ? -4.668  -1.511  10.837  1.00 10.42 ? 29  GLU A CG  1 
ATOM   28   C CD  . GLU A 1 5   ? -5.988  -1.598  11.627  1.00 14.18 ? 29  GLU A CD  1 
ATOM   29   O OE1 . GLU A 1 5   ? -7.036  -1.201  11.219  1.00 14.92 ? 29  GLU A OE1 1 
ATOM   30   O OE2 . GLU A 1 5   ? -5.821  -2.106  12.766  1.00 22.92 ? 29  GLU A OE2 1 
ATOM   31   N N   . ALA A 1 6   ? -2.420  -5.089  9.506   1.00 12.30 ? 30  ALA A N   1 
ATOM   32   C CA  . ALA A 1 6   ? -1.999  -6.403  8.991   1.00 10.11 ? 30  ALA A CA  1 
ATOM   33   C C   . ALA A 1 6   ? -3.124  -7.168  8.310   1.00 8.42  ? 30  ALA A C   1 
ATOM   34   O O   . ALA A 1 6   ? -4.250  -7.291  8.762   1.00 10.02 ? 30  ALA A O   1 
ATOM   35   C CB  . ALA A 1 6   ? -1.478  -7.267  10.151  1.00 9.23  ? 30  ALA A CB  1 
ATOM   36   N N   . ILE A 1 7   ? -2.730  -7.813  7.191   1.00 9.01  ? 31  ILE A N   1 
ATOM   37   C CA  . ILE A 1 7   ? -3.539  -8.759  6.418   1.00 9.44  ? 31  ILE A CA  1 
ATOM   38   C C   . ILE A 1 7   ? -2.554  -9.986  6.277   1.00 9.32  ? 31  ILE A C   1 
ATOM   39   O O   . ILE A 1 7   ? -1.355  -9.886  6.084   1.00 12.16 ? 31  ILE A O   1 
ATOM   40   C CB  . ILE A 1 7   ? -4.099  -8.214  5.077   1.00 11.37 ? 31  ILE A CB  1 
ATOM   41   C CG1 . ILE A 1 7   ? -2.980  -7.758  4.141   1.00 15.09 ? 31  ILE A CG1 1 
ATOM   42   C CG2 . ILE A 1 7   ? -5.179  -7.115  5.341   1.00 12.08 ? 31  ILE A CG2 1 
ATOM   43   C CD1 . ILE A 1 7   ? -3.482  -7.531  2.687   1.00 12.85 ? 31  ILE A CD1 1 
ATOM   44   N N   . THR A 1 8   ? -3.210  -11.149 6.401   1.00 12.48 ? 32  THR A N   1 
ATOM   45   C CA  . THR A 1 8   ? -2.409  -12.404 6.376   1.00 12.42 ? 32  THR A CA  1 
ATOM   46   C C   . THR A 1 8   ? -3.046  -13.480 5.508   1.00 9.91  ? 32  THR A C   1 
ATOM   47   O O   . THR A 1 8   ? -4.274  -13.468 5.198   1.00 12.15 ? 32  THR A O   1 
ATOM   48   C CB  . THR A 1 8   ? -2.201  -12.973 7.856   1.00 12.22 ? 32  THR A CB  1 
ATOM   49   O OG1 . THR A 1 8   ? -3.554  -13.304 8.334   1.00 16.28 ? 32  THR A OG1 1 
ATOM   50   C CG2 . THR A 1 8   ? -1.556  -11.920 8.782   1.00 18.07 ? 32  THR A CG2 1 
ATOM   51   N N   . THR A 1 9   ? -2.189  -14.393 5.136   1.00 13.50 ? 33  THR A N   1 
ATOM   52   C CA  . THR A 1 9   ? -2.559  -15.599 4.365   1.00 13.23 ? 33  THR A CA  1 
ATOM   53   C C   . THR A 1 9   ? -1.569  -16.662 4.878   1.00 17.79 ? 33  THR A C   1 
ATOM   54   O O   . THR A 1 9   ? -0.353  -16.439 4.785   1.00 20.05 ? 33  THR A O   1 
ATOM   55   C CB  . THR A 1 9   ? -2.478  -15.422 2.842   1.00 13.75 ? 33  THR A CB  1 
ATOM   56   O OG1 . THR A 1 9   ? -2.959  -16.713 2.254   1.00 19.14 ? 33  THR A OG1 1 
ATOM   57   C CG2 . THR A 1 9   ? -1.108  -15.009 2.277   1.00 11.81 ? 33  THR A CG2 1 
ATOM   58   N N   . GLY A 1 10  ? -2.114  -17.729 5.423   1.00 25.36 ? 34  GLY A N   1 
ATOM   59   C CA  . GLY A 1 10  ? -1.197  -18.788 5.982   1.00 27.10 ? 34  GLY A CA  1 
ATOM   60   C C   . GLY A 1 10  ? -0.244  -18.039 6.951   1.00 29.89 ? 34  GLY A C   1 
ATOM   61   O O   . GLY A 1 10  ? -0.695  -17.198 7.741   1.00 32.62 ? 34  GLY A O   1 
ATOM   62   N N   . GLY A 1 11  ? 1.045   -18.301 6.772   1.00 30.36 ? 39  GLY A N   1 
ATOM   63   C CA  . GLY A 1 11  ? 2.063   -17.644 7.606   1.00 29.66 ? 39  GLY A CA  1 
ATOM   64   C C   . GLY A 1 11  ? 2.558   -16.301 7.063   1.00 30.04 ? 39  GLY A C   1 
ATOM   65   O O   . GLY A 1 11  ? 3.431   -15.727 7.762   1.00 29.99 ? 39  GLY A O   1 
ATOM   66   N N   . SER A 1 12  ? 2.068   -15.833 5.914   1.00 20.39 ? 40  SER A N   1 
ATOM   67   C CA  . SER A 1 12  ? 2.570   -14.564 5.363   1.00 16.67 ? 40  SER A CA  1 
ATOM   68   C C   . SER A 1 12  ? 1.790   -13.339 5.871   1.00 16.52 ? 40  SER A C   1 
ATOM   69   O O   . SER A 1 12  ? 0.564   -13.481 6.016   1.00 17.27 ? 40  SER A O   1 
ATOM   70   C CB  . SER A 1 12  ? 2.504   -14.542 3.844   1.00 19.53 ? 40  SER A CB  1 
ATOM   71   O OG  . SER A 1 12  ? 3.107   -15.764 3.397   1.00 24.36 ? 40  SER A OG  1 
ATOM   72   N N   . ARG A 1 13  ? 2.526   -12.244 5.992   1.00 11.62 ? 41  ARG A N   1 
ATOM   73   C CA  . ARG A 1 13  ? 1.831   -10.999 6.471   1.00 13.94 ? 41  ARG A CA  1 
ATOM   74   C C   . ARG A 1 13  ? 2.245   -9.813  5.596   1.00 14.32 ? 41  ARG A C   1 
ATOM   75   O O   . ARG A 1 13  ? 3.413   -9.665  5.279   1.00 13.68 ? 41  ARG A O   1 
ATOM   76   C CB  . ARG A 1 13  ? 2.163   -10.741 7.946   1.00 13.46 ? 41  ARG A CB  1 
ATOM   77   C CG  . ARG A 1 13  ? 1.516   -9.451  8.486   1.00 16.90 ? 41  ARG A CG  1 
ATOM   78   C CD  . ARG A 1 13  ? 1.748   -9.290  9.958   1.00 22.70 ? 41  ARG A CD  1 
ATOM   79   N NE  . ARG A 1 13  ? 3.146   -9.332  10.359  1.00 18.18 ? 41  ARG A NE  1 
ATOM   80   C CZ  . ARG A 1 13  ? 4.086   -8.399  10.309  1.00 26.17 ? 41  ARG A CZ  1 
ATOM   81   N NH1 . ARG A 1 13  ? 3.923   -7.141  9.922   1.00 23.41 ? 41  ARG A NH1 1 
ATOM   82   N NH2 . ARG A 1 13  ? 5.324   -8.762  10.682  1.00 27.19 ? 41  ARG A NH2 1 
ATOM   83   N N   . CYS A 1 14  ? 1.242   -9.042  5.220   1.00 11.44 ? 42  CYS A N   1 
ATOM   84   C CA  . CYS A 1 14  ? 1.457   -7.786  4.448   1.00 11.58 ? 42  CYS A CA  1 
ATOM   85   C C   . CYS A 1 14  ? 0.611   -6.742  5.201   1.00 11.63 ? 42  CYS A C   1 
ATOM   86   O O   . CYS A 1 14  ? 0.060   -7.126  6.260   1.00 10.21 ? 42  CYS A O   1 
ATOM   87   C CB  . CYS A 1 14  ? 1.049   -7.896  2.995   1.00 9.86  ? 42  CYS A CB  1 
ATOM   88   S SG  . CYS A 1 14  ? 2.278   -9.018  2.176   1.00 12.97 ? 42  CYS A SG  1 
ATOM   89   N N   . SER A 1 15  ? 0.486   -5.587  4.594   1.00 9.22  ? 43  SER A N   1 
ATOM   90   C CA  . SER A 1 15  ? -0.340  -4.512  5.229   1.00 8.10  ? 43  SER A CA  1 
ATOM   91   C C   . SER A 1 15  ? -1.400  -4.095  4.204   1.00 8.59  ? 43  SER A C   1 
ATOM   92   O O   . SER A 1 15  ? -1.192  -4.192  2.977   1.00 8.35  ? 43  SER A O   1 
ATOM   93   C CB  . SER A 1 15  ? 0.515   -3.321  5.557   1.00 7.42  ? 43  SER A CB  1 
ATOM   94   O OG  . SER A 1 15  ? 1.497   -3.679  6.570   1.00 10.77 ? 43  SER A OG  1 
ATOM   95   N N   . LEU A 1 16  ? -2.524  -3.644  4.742   1.00 7.02  ? 44  LEU A N   1 
ATOM   96   C CA  . LEU A 1 16  ? -3.626  -3.180  3.850   1.00 6.42  ? 44  LEU A CA  1 
ATOM   97   C C   . LEU A 1 16  ? -3.207  -1.777  3.364   1.00 6.31  ? 44  LEU A C   1 
ATOM   98   O O   . LEU A 1 16  ? -2.683  -0.975  4.151   1.00 8.52  ? 44  LEU A O   1 
ATOM   99   C CB  . LEU A 1 16  ? -4.905  -3.151  4.662   1.00 7.74  ? 44  LEU A CB  1 
ATOM   100  C CG  . LEU A 1 16  ? -6.217  -2.990  3.900   1.00 12.35 ? 44  LEU A CG  1 
ATOM   101  C CD1 . LEU A 1 16  ? -7.353  -3.641  4.689   1.00 13.04 ? 44  LEU A CD1 1 
ATOM   102  C CD2 . LEU A 1 16  ? -6.496  -1.521  3.628   1.00 14.80 ? 44  LEU A CD2 1 
ATOM   103  N N   . GLY A 1 17  ? -3.496  -1.557  2.087   1.00 5.87  ? 45  GLY A N   1 
ATOM   104  C CA  . GLY A 1 17  ? -3.150  -0.227  1.480   1.00 6.68  ? 45  GLY A CA  1 
ATOM   105  C C   . GLY A 1 17  ? -4.298  0.749   1.724   1.00 7.37  ? 45  GLY A C   1 
ATOM   106  O O   . GLY A 1 17  ? -4.187  1.666   2.583   1.00 9.24  ? 45  GLY A O   1 
ATOM   107  N N   . PHE A 1 18  ? -5.363  0.582   0.989   1.00 7.10  ? 46  PHE A N   1 
ATOM   108  C CA  . PHE A 1 18  ? -6.556  1.441   1.095   1.00 8.27  ? 46  PHE A CA  1 
ATOM   109  C C   . PHE A 1 18  ? -7.791  0.607   0.807   1.00 8.38  ? 46  PHE A C   1 
ATOM   110  O O   . PHE A 1 18  ? -7.781  -0.241  -0.067  1.00 9.16  ? 46  PHE A O   1 
ATOM   111  C CB  . PHE A 1 18  ? -6.562  2.635   0.096   1.00 7.92  ? 46  PHE A CB  1 
ATOM   112  C CG  . PHE A 1 18  ? -5.399  3.569   0.327   1.00 7.01  ? 46  PHE A CG  1 
ATOM   113  C CD1 . PHE A 1 18  ? -5.429  4.536   1.346   1.00 9.92  ? 46  PHE A CD1 1 
ATOM   114  C CD2 . PHE A 1 18  ? -4.282  3.439   -0.495  1.00 6.96  ? 46  PHE A CD2 1 
ATOM   115  C CE1 . PHE A 1 18  ? -4.330  5.376   1.556   1.00 10.06 ? 46  PHE A CE1 1 
ATOM   116  C CE2 . PHE A 1 18  ? -3.165  4.276   -0.269  1.00 8.36  ? 46  PHE A CE2 1 
ATOM   117  C CZ  . PHE A 1 18  ? -3.195  5.235   0.750   1.00 11.60 ? 46  PHE A CZ  1 
ATOM   118  N N   . ASN A 1 19  ? -8.841  0.940   1.564   1.00 6.43  ? 47  ASN A N   1 
ATOM   119  C CA  . ASN A 1 19  ? -10.154 0.332   1.296   1.00 5.29  ? 47  ASN A CA  1 
ATOM   120  C C   . ASN A 1 19  ? -10.754 1.159   0.142   1.00 9.48  ? 47  ASN A C   1 
ATOM   121  O O   . ASN A 1 19  ? -10.691 2.415   0.133   1.00 9.90  ? 47  ASN A O   1 
ATOM   122  C CB  . ASN A 1 19  ? -11.061 0.227   2.520   1.00 6.98  ? 47  ASN A CB  1 
ATOM   123  C CG  . ASN A 1 19  ? -10.512 -0.783  3.512   1.00 8.49  ? 47  ASN A CG  1 
ATOM   124  O OD1 . ASN A 1 19  ? -10.438 -1.941  3.057   1.00 8.07  ? 47  ASN A OD1 1 
ATOM   125  N ND2 . ASN A 1 19  ? -10.170 -0.373  4.723   1.00 8.57  ? 47  ASN A ND2 1 
ATOM   126  N N   . VAL A 1 20  ? -11.333 0.439   -0.827  1.00 7.42  ? 48  VAL A N   1 
ATOM   127  C CA  . VAL A 1 20  ? -11.897 1.077   -1.997  1.00 7.01  ? 48  VAL A CA  1 
ATOM   128  C C   . VAL A 1 20  ? -13.250 0.476   -2.388  1.00 10.77 ? 48  VAL A C   1 
ATOM   129  O O   . VAL A 1 20  ? -13.605 -0.609  -1.858  1.00 10.30 ? 48  VAL A O   1 
ATOM   130  C CB  . VAL A 1 20  ? -10.857 0.897   -3.175  1.00 8.59  ? 48  VAL A CB  1 
ATOM   131  C CG1 . VAL A 1 20  ? -9.503  1.531   -2.857  1.00 11.68 ? 48  VAL A CG1 1 
ATOM   132  C CG2 . VAL A 1 20  ? -10.724 -0.578  -3.562  1.00 8.10  ? 48  VAL A CG2 1 
ATOM   133  N N   . SER A 1 21  A -13.893 1.136   -3.328  1.00 10.69 ? 48  SER A N   1 
ATOM   134  C CA  . SER A 1 21  A -15.191 0.600   -3.806  1.00 10.01 ? 48  SER A CA  1 
ATOM   135  C C   . SER A 1 21  A -15.066 0.354   -5.307  1.00 11.40 ? 48  SER A C   1 
ATOM   136  O O   . SER A 1 21  A -14.476 1.208   -6.014  1.00 12.17 ? 48  SER A O   1 
ATOM   137  C CB  . SER A 1 21  A -16.265 1.612   -3.412  1.00 13.51 ? 48  SER A CB  1 
ATOM   138  O OG  . SER A 1 21  A -17.437 1.431   -4.154  1.00 23.25 ? 48  SER A OG  1 
ATOM   139  N N   . VAL A 1 22  B -15.607 -0.768  -5.741  1.00 8.79  ? 48  VAL A N   1 
ATOM   140  C CA  . VAL A 1 22  B -15.662 -1.079  -7.209  1.00 12.55 ? 48  VAL A CA  1 
ATOM   141  C C   . VAL A 1 22  B -17.169 -1.247  -7.434  1.00 17.24 ? 48  VAL A C   1 
ATOM   142  O O   . VAL A 1 22  B -17.727 -2.231  -6.967  1.00 13.31 ? 48  VAL A O   1 
ATOM   143  C CB  . VAL A 1 22  B -14.852 -2.324  -7.598  1.00 15.00 ? 48  VAL A CB  1 
ATOM   144  C CG1 . VAL A 1 22  B -14.973 -2.596  -9.108  1.00 16.38 ? 48  VAL A CG1 1 
ATOM   145  C CG2 . VAL A 1 22  B -13.399 -2.212  -7.207  1.00 10.34 ? 48  VAL A CG2 1 
ATOM   146  N N   . ASN A 1 23  C -17.785 -0.262  -8.083  1.00 18.55 ? 48  ASN A N   1 
ATOM   147  C CA  . ASN A 1 23  C -19.234 -0.313  -8.341  1.00 21.00 ? 48  ASN A CA  1 
ATOM   148  C C   . ASN A 1 23  C -19.982 -0.592  -7.023  1.00 22.78 ? 48  ASN A C   1 
ATOM   149  O O   . ASN A 1 23  C -20.861 -1.453  -7.054  1.00 20.57 ? 48  ASN A O   1 
ATOM   150  C CB  . ASN A 1 23  C -19.583 -1.395  -9.381  1.00 30.16 ? 48  ASN A CB  1 
ATOM   151  C CG  . ASN A 1 23  C -19.160 -1.167  -10.805 1.00 43.57 ? 48  ASN A CG  1 
ATOM   152  O OD1 . ASN A 1 23  C -18.537 -0.156  -11.180 1.00 46.86 ? 48  ASN A OD1 1 
ATOM   153  N ND2 . ASN A 1 23  C -19.520 -2.147  -11.661 1.00 52.76 ? 48  ASN A ND2 1 
ATOM   154  N N   . GLY A 1 24  D -19.582 0.092   -5.960  1.00 18.50 ? 48  GLY A N   1 
ATOM   155  C CA  . GLY A 1 24  D -20.244 -0.070  -4.660  1.00 19.93 ? 48  GLY A CA  1 
ATOM   156  C C   . GLY A 1 24  D -19.877 -1.305  -3.854  1.00 17.22 ? 48  GLY A C   1 
ATOM   157  O O   . GLY A 1 24  D -20.396 -1.434  -2.718  1.00 18.37 ? 48  GLY A O   1 
ATOM   158  N N   . VAL A 1 25  ? -19.040 -2.181  -4.364  1.00 14.42 ? 49  VAL A N   1 
ATOM   159  C CA  . VAL A 1 25  ? -18.601 -3.402  -3.683  1.00 10.29 ? 49  VAL A CA  1 
ATOM   160  C C   . VAL A 1 25  ? -17.237 -3.102  -2.994  1.00 13.43 ? 49  VAL A C   1 
ATOM   161  O O   . VAL A 1 25  ? -16.333 -2.697  -3.712  1.00 10.97 ? 49  VAL A O   1 
ATOM   162  C CB  . VAL A 1 25  ? -18.431 -4.579  -4.655  1.00 14.16 ? 49  VAL A CB  1 
ATOM   163  C CG1 . VAL A 1 25  ? -17.985 -5.853  -3.872  1.00 12.72 ? 49  VAL A CG1 1 
ATOM   164  C CG2 . VAL A 1 25  ? -19.698 -4.857  -5.445  1.00 18.10 ? 49  VAL A CG2 1 
ATOM   165  N N   . ALA A 1 26  ? -17.189 -3.305  -1.698  1.00 10.10 ? 50  ALA A N   1 
ATOM   166  C CA  . ALA A 1 26  ? -15.988 -3.038  -0.897  1.00 8.99  ? 50  ALA A CA  1 
ATOM   167  C C   . ALA A 1 26  ? -14.841 -4.010  -1.182  1.00 8.47  ? 50  ALA A C   1 
ATOM   168  O O   . ALA A 1 26  ? -14.973 -5.248  -1.133  1.00 11.93 ? 50  ALA A O   1 
ATOM   169  C CB  . ALA A 1 26  ? -16.367 -3.101  0.586   1.00 13.43 ? 50  ALA A CB  1 
ATOM   170  N N   . HIS A 1 27  ? -13.676 -3.406  -1.422  1.00 6.85  ? 51  HIS A N   1 
ATOM   171  C CA  . HIS A 1 27  ? -12.425 -4.144  -1.699  1.00 7.04  ? 51  HIS A CA  1 
ATOM   172  C C   . HIS A 1 27  ? -11.299 -3.422  -0.951  1.00 7.48  ? 51  HIS A C   1 
ATOM   173  O O   . HIS A 1 27  ? -11.443 -2.325  -0.342  1.00 9.93  ? 51  HIS A O   1 
ATOM   174  C CB  . HIS A 1 27  ? -12.022 -4.240  -3.193  1.00 7.73  ? 51  HIS A CB  1 
ATOM   175  C CG  . HIS A 1 27  ? -12.971 -4.967  -4.081  1.00 8.48  ? 51  HIS A CG  1 
ATOM   176  N ND1 . HIS A 1 27  ? -14.235 -4.514  -4.413  1.00 10.27 ? 51  HIS A ND1 1 
ATOM   177  C CD2 . HIS A 1 27  ? -12.757 -6.120  -4.786  1.00 10.30 ? 51  HIS A CD2 1 
ATOM   178  C CE1 . HIS A 1 27  ? -14.780 -5.385  -5.272  1.00 11.24 ? 51  HIS A CE1 1 
ATOM   179  N NE2 . HIS A 1 27  ? -13.930 -6.380  -5.467  1.00 11.51 ? 51  HIS A NE2 1 
ATOM   180  N N   . ALA A 1 28  ? -10.163 -4.100  -0.934  1.00 6.87  ? 52  ALA A N   1 
ATOM   181  C CA  . ALA A 1 28  ? -8.952  -3.556  -0.338  1.00 6.82  ? 52  ALA A CA  1 
ATOM   182  C C   . ALA A 1 28  ? -7.768  -3.620  -1.329  1.00 6.46  ? 52  ALA A C   1 
ATOM   183  O O   . ALA A 1 28  ? -7.600  -4.718  -1.868  1.00 10.16 ? 52  ALA A O   1 
ATOM   184  C CB  . ALA A 1 28  ? -8.548  -4.305  0.938   1.00 10.90 ? 52  ALA A CB  1 
ATOM   185  N N   . LEU A 1 29  ? -7.037  -2.542  -1.480  1.00 6.14  ? 53  LEU A N   1 
ATOM   186  C CA  . LEU A 1 29  ? -5.816  -2.615  -2.341  1.00 7.48  ? 53  LEU A CA  1 
ATOM   187  C C   . LEU A 1 29  ? -4.655  -2.940  -1.392  1.00 8.73  ? 53  LEU A C   1 
ATOM   188  O O   . LEU A 1 29  ? -4.564  -2.508  -0.233  1.00 10.82 ? 53  LEU A O   1 
ATOM   189  C CB  . LEU A 1 29  ? -5.520  -1.231  -2.937  1.00 7.07  ? 53  LEU A CB  1 
ATOM   190  C CG  . LEU A 1 29  ? -5.820  -0.768  -4.317  1.00 25.44 ? 53  LEU A CG  1 
ATOM   191  C CD1 . LEU A 1 29  ? -6.731  -1.653  -5.121  1.00 14.99 ? 53  LEU A CD1 1 
ATOM   192  C CD2 . LEU A 1 29  ? -6.220  0.714   -4.401  1.00 11.07 ? 53  LEU A CD2 1 
ATOM   193  N N   . THR A 1 30  ? -3.708  -3.697  -1.984  1.00 8.32  ? 54  THR A N   1 
ATOM   194  C CA  . THR A 1 30  ? -2.459  -4.063  -1.295  1.00 9.01  ? 54  THR A CA  1 
ATOM   195  C C   . THR A 1 30  ? -1.360  -4.287  -2.358  1.00 5.53  ? 54  THR A C   1 
ATOM   196  O O   . THR A 1 30  ? -1.627  -3.931  -3.523  1.00 6.51  ? 54  THR A O   1 
ATOM   197  C CB  . THR A 1 30  ? -2.687  -5.298  -0.318  1.00 5.73  ? 54  THR A CB  1 
ATOM   198  O OG1 . THR A 1 30  ? -1.438  -5.375  0.474   1.00 8.47  ? 54  THR A OG1 1 
ATOM   199  C CG2 . THR A 1 30  ? -2.951  -6.580  -1.146  1.00 9.72  ? 54  THR A CG2 1 
ATOM   200  N N   . ALA A 1 31  ? -0.190  -4.737  -1.939  1.00 6.92  ? 55  ALA A N   1 
ATOM   201  C CA  . ALA A 1 31  ? 0.889   -4.926  -2.975  1.00 7.29  ? 55  ALA A CA  1 
ATOM   202  C C   . ALA A 1 31  ? 0.599   -6.182  -3.765  1.00 7.52  ? 55  ALA A C   1 
ATOM   203  O O   . ALA A 1 31  ? 0.150   -7.216  -3.222  1.00 7.84  ? 55  ALA A O   1 
ATOM   204  C CB  . ALA A 1 31  ? 2.269   -5.071  -2.281  1.00 8.22  ? 55  ALA A CB  1 
ATOM   205  N N   . GLY A 1 32  ? 0.961   -6.118  -5.057  1.00 6.86  ? 56  GLY A N   1 
ATOM   206  C CA  . GLY A 1 32  ? 0.835   -7.295  -5.924  1.00 8.85  ? 56  GLY A CA  1 
ATOM   207  C C   . GLY A 1 32  ? 1.709   -8.473  -5.496  1.00 9.92  ? 56  GLY A C   1 
ATOM   208  O O   . GLY A 1 32  ? 1.296   -9.631  -5.718  1.00 9.19  ? 56  GLY A O   1 
ATOM   209  N N   . HIS A 1 33  ? 2.894   -8.145  -4.967  1.00 7.20  ? 57  HIS A N   1 
ATOM   210  C CA  . HIS A 1 33  ? 3.825   -9.232  -4.551  1.00 8.44  ? 57  HIS A CA  1 
ATOM   211  C C   . HIS A 1 33  ? 3.230   -10.010 -3.373  1.00 8.16  ? 57  HIS A C   1 
ATOM   212  O O   . HIS A 1 33  ? 3.600   -11.206 -3.196  1.00 11.66 ? 57  HIS A O   1 
ATOM   213  C CB  . HIS A 1 33  ? 5.257   -8.756  -4.363  1.00 7.95  ? 57  HIS A CB  1 
ATOM   214  C CG  . HIS A 1 33  ? 5.489   -7.914  -3.144  1.00 10.42 ? 57  HIS A CG  1 
ATOM   215  N ND1 . HIS A 1 33  ? 5.577   -6.532  -3.162  1.00 12.62 ? 57  HIS A ND1 1 
ATOM   216  C CD2 . HIS A 1 33  ? 5.767   -8.286  -1.863  1.00 9.98  ? 57  HIS A CD2 1 
ATOM   217  C CE1 . HIS A 1 33  ? 5.867   -6.083  -1.961  1.00 10.85 ? 57  HIS A CE1 1 
ATOM   218  N NE2 . HIS A 1 33  ? 5.969   -7.125  -1.150  1.00 11.65 ? 57  HIS A NE2 1 
ATOM   219  N N   . CYS A 1 34  ? 2.318   -9.357  -2.649  1.00 8.04  ? 58  CYS A N   1 
ATOM   220  C CA  . CYS A 1 34  ? 1.553   -10.005 -1.613  1.00 8.21  ? 58  CYS A CA  1 
ATOM   221  C C   . CYS A 1 34  ? 0.422   -10.849 -2.202  1.00 9.58  ? 58  CYS A C   1 
ATOM   222  O O   . CYS A 1 34  ? 0.348   -12.073 -1.923  1.00 8.56  ? 58  CYS A O   1 
ATOM   223  C CB  . CYS A 1 34  ? 0.977   -9.010  -0.579  1.00 9.15  ? 58  CYS A CB  1 
ATOM   224  S SG  . CYS A 1 34  ? 2.337   -8.187  0.324   1.00 12.32 ? 58  CYS A SG  1 
ATOM   225  N N   . THR A 1 35  ? -0.449  -10.252 -3.007  1.00 7.37  ? 59  THR A N   1 
ATOM   226  C CA  . THR A 1 35  ? -1.585  -11.018 -3.571  1.00 8.90  ? 59  THR A CA  1 
ATOM   227  C C   . THR A 1 35  ? -1.103  -12.161 -4.456  1.00 7.73  ? 59  THR A C   1 
ATOM   228  O O   . THR A 1 35  ? -1.896  -13.119 -4.574  1.00 8.95  ? 59  THR A O   1 
ATOM   229  C CB  . THR A 1 35  ? -2.642  -10.104 -4.247  1.00 7.85  ? 59  THR A CB  1 
ATOM   230  O OG1 . THR A 1 35  ? -1.954  -9.101  -5.048  1.00 8.57  ? 59  THR A OG1 1 
ATOM   231  C CG2 . THR A 1 35  ? -3.491  -9.387  -3.155  1.00 12.47 ? 59  THR A CG2 1 
ATOM   232  N N   . ASN A 1 36  ? 0.079   -12.071 -5.037  1.00 9.04  ? 62  ASN A N   1 
ATOM   233  C CA  . ASN A 1 36  ? 0.517   -13.258 -5.863  1.00 11.01 ? 62  ASN A CA  1 
ATOM   234  C C   . ASN A 1 36  ? 0.617   -14.501 -4.977  1.00 11.74 ? 62  ASN A C   1 
ATOM   235  O O   . ASN A 1 36  ? 0.545   -15.598 -5.548  1.00 13.86 ? 62  ASN A O   1 
ATOM   236  C CB  . ASN A 1 36  ? 1.858   -12.938 -6.507  1.00 8.79  ? 62  ASN A CB  1 
ATOM   237  C CG  . ASN A 1 36  ? 1.826   -12.125 -7.793  1.00 8.60  ? 62  ASN A CG  1 
ATOM   238  O OD1 . ASN A 1 36  ? 0.781   -11.588 -8.130  1.00 9.77  ? 62  ASN A OD1 1 
ATOM   239  N ND2 . ASN A 1 36  ? 2.995   -12.041 -8.449  1.00 8.84  ? 62  ASN A ND2 1 
ATOM   240  N N   . ILE A 1 37  ? 0.847   -14.333 -3.663  1.00 9.61  ? 63  ILE A N   1 
ATOM   241  C CA  . ILE A 1 37  ? 1.011   -15.521 -2.789  1.00 11.20 ? 63  ILE A CA  1 
ATOM   242  C C   . ILE A 1 37  ? -0.183  -16.461 -2.772  1.00 12.95 ? 63  ILE A C   1 
ATOM   243  O O   . ILE A 1 37  ? 0.007   -17.698 -2.876  1.00 13.48 ? 63  ILE A O   1 
ATOM   244  C CB  . ILE A 1 37  ? 1.368   -15.054 -1.318  1.00 11.62 ? 63  ILE A CB  1 
ATOM   245  C CG1 . ILE A 1 37  ? 2.667   -14.223 -1.282  1.00 12.79 ? 63  ILE A CG1 1 
ATOM   246  C CG2 . ILE A 1 37  ? 1.495   -16.239 -0.292  1.00 15.96 ? 63  ILE A CG2 1 
ATOM   247  C CD1 . ILE A 1 37  ? 2.929   -13.499 0.093   1.00 20.34 ? 63  ILE A CD1 1 
ATOM   248  N N   . SER A 1 38  ? -1.376  -15.903 -2.570  1.00 10.95 ? 64  SER A N   1 
ATOM   249  C CA  . SER A 1 38  ? -2.582  -16.770 -2.430  1.00 10.48 ? 64  SER A CA  1 
ATOM   250  C C   . SER A 1 38  ? -3.846  -15.996 -2.783  1.00 11.11 ? 64  SER A C   1 
ATOM   251  O O   . SER A 1 38  ? -3.764  -14.743 -2.680  1.00 10.31 ? 64  SER A O   1 
ATOM   252  C CB  . SER A 1 38  ? -2.657  -17.087 -0.913  1.00 15.88 ? 64  SER A CB  1 
ATOM   253  O OG  . SER A 1 38  ? -3.779  -17.900 -0.659  1.00 18.56 ? 64  SER A OG  1 
ATOM   254  N N   . ALA A 1 39  ? -4.900  -16.722 -3.057  1.00 10.69 ? 65  ALA A N   1 
ATOM   255  C CA  . ALA A 1 39  ? -6.213  -16.089 -3.295  1.00 11.03 ? 65  ALA A CA  1 
ATOM   256  C C   . ALA A 1 39  ? -6.937  -15.913 -1.948  1.00 13.16 ? 65  ALA A C   1 
ATOM   257  O O   . ALA A 1 39  ? -7.898  -15.119 -1.916  1.00 12.80 ? 65  ALA A O   1 
ATOM   258  C CB  . ALA A 1 39  ? -7.067  -17.002 -4.182  1.00 12.56 ? 65  ALA A CB  1 
ATOM   259  N N   . SER A 1 40  A -6.506  -16.621 -0.904  1.00 10.56 ? 65  SER A N   1 
ATOM   260  C CA  . SER A 1 40  A -7.228  -16.595 0.379   1.00 11.18 ? 65  SER A CA  1 
ATOM   261  C C   . SER A 1 40  A -6.559  -15.726 1.428   1.00 12.99 ? 65  SER A C   1 
ATOM   262  O O   . SER A 1 40  A -5.424  -16.012 1.782   1.00 15.13 ? 65  SER A O   1 
ATOM   263  C CB  . SER A 1 40  A -7.406  -18.067 0.848   1.00 15.93 ? 65  SER A CB  1 
ATOM   264  O OG  . SER A 1 40  A -8.274  -18.055 1.995   1.00 26.37 ? 65  SER A OG  1 
ATOM   265  N N   . TRP A 1 41  ? -7.245  -14.673 1.885   1.00 8.73  ? 66  TRP A N   1 
ATOM   266  C CA  . TRP A 1 41  ? -6.704  -13.731 2.855   1.00 9.58  ? 66  TRP A CA  1 
ATOM   267  C C   . TRP A 1 41  ? -7.634  -13.670 4.074   1.00 9.37  ? 66  TRP A C   1 
ATOM   268  O O   . TRP A 1 41  ? -8.826  -13.965 3.989   1.00 11.99 ? 66  TRP A O   1 
ATOM   269  C CB  . TRP A 1 41  ? -6.612  -12.339 2.107   1.00 9.38  ? 66  TRP A CB  1 
ATOM   270  C CG  . TRP A 1 41  ? -5.455  -12.397 1.132   1.00 10.42 ? 66  TRP A CG  1 
ATOM   271  C CD1 . TRP A 1 41  ? -5.484  -12.874 -0.154  1.00 11.21 ? 66  TRP A CD1 1 
ATOM   272  C CD2 . TRP A 1 41  ? -4.104  -12.068 1.440   1.00 9.09  ? 66  TRP A CD2 1 
ATOM   273  N NE1 . TRP A 1 41  ? -4.183  -12.809 -0.678  1.00 11.60 ? 66  TRP A NE1 1 
ATOM   274  C CE2 . TRP A 1 41  ? -3.324  -12.360 0.290   1.00 10.45 ? 66  TRP A CE2 1 
ATOM   275  C CE3 . TRP A 1 41  ? -3.491  -11.579 2.587   1.00 9.09  ? 66  TRP A CE3 1 
ATOM   276  C CZ2 . TRP A 1 41  ? -1.948  -12.127 0.262   1.00 9.33  ? 66  TRP A CZ2 1 
ATOM   277  C CZ3 . TRP A 1 41  ? -2.110  -11.356 2.563   1.00 14.23 ? 66  TRP A CZ3 1 
ATOM   278  C CH2 . TRP A 1 41  ? -1.366  -11.621 1.414   1.00 11.49 ? 66  TRP A CH2 1 
ATOM   279  N N   . SER A 1 42  ? -7.021  -13.194 5.161   1.00 10.50 ? 84  SER A N   1 
ATOM   280  C CA  . SER A 1 42  ? -7.815  -12.968 6.424   1.00 12.46 ? 84  SER A CA  1 
ATOM   281  C C   . SER A 1 42  ? -9.099  -12.186 6.156   1.00 12.00 ? 84  SER A C   1 
ATOM   282  O O   . SER A 1 42  ? -10.142 -12.494 6.787   1.00 16.45 ? 84  SER A O   1 
ATOM   283  C CB  . SER A 1 42  ? -7.036  -12.190 7.453   1.00 12.85 ? 84  SER A CB  1 
ATOM   284  O OG  . SER A 1 42  ? -6.321  -11.104 6.920   1.00 12.30 ? 84  SER A OG  1 
ATOM   285  N N   . ILE A 1 43  ? -9.007  -11.157 5.304   1.00 8.48  ? 85  ILE A N   1 
ATOM   286  C CA  . ILE A 1 43  ? -10.155 -10.292 4.995   1.00 8.18  ? 85  ILE A CA  1 
ATOM   287  C C   . ILE A 1 43  ? -11.060 -10.668 3.846   1.00 10.68 ? 85  ILE A C   1 
ATOM   288  O O   . ILE A 1 43  ? -12.119 -10.034 3.697   1.00 9.69  ? 85  ILE A O   1 
ATOM   289  C CB  . ILE A 1 43  ? -9.675  -8.779  4.815   1.00 9.44  ? 85  ILE A CB  1 
ATOM   290  C CG1 . ILE A 1 43  ? -8.672  -8.705  3.604   1.00 13.18 ? 85  ILE A CG1 1 
ATOM   291  C CG2 . ILE A 1 43  ? -9.024  -8.244  6.116   1.00 12.81 ? 85  ILE A CG2 1 
ATOM   292  C CD1 . ILE A 1 43  ? -8.475  -7.228  3.124   1.00 14.08 ? 85  ILE A CD1 1 
ATOM   293  N N   . GLY A 1 44  ? -10.636 -11.659 3.049   1.00 7.31  ? 86  GLY A N   1 
ATOM   294  C CA  . GLY A 1 44  ? -11.511 -11.982 1.896   1.00 8.82  ? 86  GLY A CA  1 
ATOM   295  C C   . GLY A 1 44  ? -10.699 -12.703 0.821   1.00 8.19  ? 86  GLY A C   1 
ATOM   296  O O   . GLY A 1 44  ? -9.700  -13.374 1.098   1.00 10.89 ? 86  GLY A O   1 
ATOM   297  N N   . THR A 1 45  ? -11.283 -12.573 -0.379  1.00 7.50  ? 87  THR A N   1 
ATOM   298  C CA  . THR A 1 45  ? -10.731 -13.275 -1.549  1.00 5.78  ? 87  THR A CA  1 
ATOM   299  C C   . THR A 1 45  ? -10.097 -12.302 -2.563  1.00 7.42  ? 87  THR A C   1 
ATOM   300  O O   . THR A 1 45  ? -10.697 -11.278 -2.934  1.00 9.56  ? 87  THR A O   1 
ATOM   301  C CB  . THR A 1 45  ? -11.899 -14.051 -2.273  1.00 11.34 ? 87  THR A CB  1 
ATOM   302  O OG1 . THR A 1 45  ? -12.499 -14.984 -1.320  1.00 13.06 ? 87  THR A OG1 1 
ATOM   303  C CG2 . THR A 1 45  ? -11.406 -14.830 -3.524  1.00 10.58 ? 87  THR A CG2 1 
ATOM   304  N N   . ARG A 1 46  ? -8.924  -12.744 -3.014  1.00 7.60  ? 88  ARG A N   1 
ATOM   305  C CA  . ARG A 1 46  ? -8.186  -11.956 -4.039  1.00 7.11  ? 88  ARG A CA  1 
ATOM   306  C C   . ARG A 1 46  ? -9.005  -11.869 -5.318  1.00 6.62  ? 88  ARG A C   1 
ATOM   307  O O   . ARG A 1 46  ? -9.417  -12.961 -5.820  1.00 8.90  ? 88  ARG A O   1 
ATOM   308  C CB  . ARG A 1 46  ? -6.823  -12.621 -4.301  1.00 5.75  ? 88  ARG A CB  1 
ATOM   309  C CG  . ARG A 1 46  ? -6.019  -11.893 -5.417  1.00 9.73  ? 88  ARG A CG  1 
ATOM   310  C CD  . ARG A 1 46  ? -4.807  -12.751 -5.758  1.00 10.20 ? 88  ARG A CD  1 
ATOM   311  N NE  . ARG A 1 46  ? -5.261  -13.965 -6.422  1.00 11.10 ? 88  ARG A NE  1 
ATOM   312  C CZ  . ARG A 1 46  ? -4.421  -15.021 -6.629  1.00 10.04 ? 88  ARG A CZ  1 
ATOM   313  N NH1 . ARG A 1 46  ? -3.182  -15.054 -6.140  1.00 8.91  ? 88  ARG A NH1 1 
ATOM   314  N NH2 . ARG A 1 46  ? -4.954  -16.024 -7.347  1.00 12.27 ? 88  ARG A NH2 1 
ATOM   315  N N   . THR A 1 47  ? -9.184  -10.698 -5.888  1.00 8.61  ? 89  THR A N   1 
ATOM   316  C CA  . THR A 1 47  ? -9.863  -10.625 -7.193  1.00 10.76 ? 89  THR A CA  1 
ATOM   317  C C   . THR A 1 47  ? -8.961  -10.077 -8.296  1.00 8.52  ? 89  THR A C   1 
ATOM   318  O O   . THR A 1 47  ? -9.416  -9.945  -9.449  1.00 10.35 ? 89  THR A O   1 
ATOM   319  C CB  . THR A 1 47  ? -11.226 -9.810  -7.110  1.00 9.92  ? 89  THR A CB  1 
ATOM   320  O OG1 . THR A 1 47  ? -10.904 -8.514  -6.594  1.00 10.81 ? 89  THR A OG1 1 
ATOM   321  C CG2 . THR A 1 47  ? -12.179 -10.625 -6.202  1.00 10.52 ? 89  THR A CG2 1 
ATOM   322  N N   . GLY A 1 48  ? -7.699  -9.763  -7.979  1.00 8.79  ? 90  GLY A N   1 
ATOM   323  C CA  . GLY A 1 48  ? -6.798  -9.228  -9.046  1.00 7.99  ? 90  GLY A CA  1 
ATOM   324  C C   . GLY A 1 48  ? -5.393  -9.105  -8.433  1.00 8.71  ? 90  GLY A C   1 
ATOM   325  O O   . GLY A 1 48  ? -5.234  -8.869  -7.214  1.00 8.47  ? 90  GLY A O   1 
ATOM   326  N N   . THR A 1 49  ? -4.426  -9.247  -9.349  1.00 6.83  ? 91  THR A N   1 
ATOM   327  C CA  . THR A 1 49  ? -3.033  -9.139  -8.889  1.00 7.39  ? 91  THR A CA  1 
ATOM   328  C C   . THR A 1 49  ? -2.147  -8.760  -10.092 1.00 7.88  ? 91  THR A C   1 
ATOM   329  O O   . THR A 1 49  ? -2.476  -9.192  -11.200 1.00 8.29  ? 91  THR A O   1 
ATOM   330  C CB  . THR A 1 49  ? -2.481  -10.374 -8.146  1.00 7.36  ? 91  THR A CB  1 
ATOM   331  O OG1 . THR A 1 49  ? -1.287  -10.009 -7.450  1.00 8.31  ? 91  THR A OG1 1 
ATOM   332  C CG2 . THR A 1 49  ? -2.293  -11.588 -9.114  1.00 8.27  ? 91  THR A CG2 1 
ATOM   333  N N   . SER A 1 50  ? -1.122  -7.968  -9.802  1.00 5.94  ? 93  SER A N   1 
ATOM   334  C CA  . SER A 1 50  ? -0.180  -7.554  -10.855 1.00 6.94  ? 93  SER A CA  1 
ATOM   335  C C   . SER A 1 50  ? 1.222   -7.290  -10.260 1.00 6.01  ? 93  SER A C   1 
ATOM   336  O O   . SER A 1 50  ? 1.462   -6.272  -9.636  1.00 9.61  ? 93  SER A O   1 
ATOM   337  C CB  . SER A 1 50  ? -0.668  -6.275  -11.560 1.00 10.20 ? 93  SER A CB  1 
ATOM   338  O OG  . SER A 1 50  ? 0.090   -6.068  -12.759 1.00 10.67 ? 93  SER A OG  1 
ATOM   339  N N   . PHE A 1 51  ? 2.085   -8.264  -10.492 1.00 7.78  ? 94  PHE A N   1 
ATOM   340  C CA  . PHE A 1 51  ? 3.498   -8.116  -10.011 1.00 7.25  ? 94  PHE A CA  1 
ATOM   341  C C   . PHE A 1 51  ? 4.316   -9.181  -10.746 1.00 7.98  ? 94  PHE A C   1 
ATOM   342  O O   . PHE A 1 51  ? 3.882   -10.362 -10.876 1.00 7.67  ? 94  PHE A O   1 
ATOM   343  C CB  . PHE A 1 51  ? 3.546   -8.293  -8.454  1.00 9.25  ? 94  PHE A CB  1 
ATOM   344  C CG  . PHE A 1 51  ? 4.998   -8.292  -7.983  1.00 8.01  ? 94  PHE A CG  1 
ATOM   345  C CD1 . PHE A 1 51  ? 5.634   -7.079  -7.728  1.00 11.41 ? 94  PHE A CD1 1 
ATOM   346  C CD2 . PHE A 1 51  ? 5.680   -9.522  -7.850  1.00 7.87  ? 94  PHE A CD2 1 
ATOM   347  C CE1 . PHE A 1 51  ? 6.956   -7.070  -7.308  1.00 10.39 ? 94  PHE A CE1 1 
ATOM   348  C CE2 . PHE A 1 51  ? 6.999   -9.526  -7.406  1.00 10.19 ? 94  PHE A CE2 1 
ATOM   349  C CZ  . PHE A 1 51  ? 7.645   -8.289  -7.124  1.00 11.09 ? 94  PHE A CZ  1 
ATOM   350  N N   . PRO A 1 52  A 5.517   -8.842  -11.156 1.00 8.99  ? 99  PRO A N   1 
ATOM   351  C CA  . PRO A 1 52  A 6.223   -7.524  -11.105 1.00 8.59  ? 99  PRO A CA  1 
ATOM   352  C C   . PRO A 1 52  A 5.771   -6.614  -12.209 1.00 8.46  ? 99  PRO A C   1 
ATOM   353  O O   . PRO A 1 52  A 4.659   -6.742  -12.716 1.00 8.25  ? 99  PRO A O   1 
ATOM   354  C CB  . PRO A 1 52  A 7.713   -7.940  -11.170 1.00 9.81  ? 99  PRO A CB  1 
ATOM   355  C CG  . PRO A 1 52  A 7.684   -9.134  -12.105 1.00 11.13 ? 99  PRO A CG  1 
ATOM   356  C CD  . PRO A 1 52  A 6.386   -9.891  -11.791 1.00 8.14  ? 99  PRO A CD  1 
ATOM   357  N N   . ASN A 1 53  ? 6.628   -5.674  -12.700 1.00 7.70  ? 100 ASN A N   1 
ATOM   358  C CA  . ASN A 1 53  ? 6.224   -4.659  -13.688 1.00 9.31  ? 100 ASN A CA  1 
ATOM   359  C C   . ASN A 1 53  ? 5.504   -3.600  -12.801 1.00 9.95  ? 100 ASN A C   1 
ATOM   360  O O   . ASN A 1 53  ? 6.074   -2.532  -12.496 1.00 11.36 ? 100 ASN A O   1 
ATOM   361  C CB  . ASN A 1 53  ? 5.500   -5.111  -14.933 1.00 10.81 ? 100 ASN A CB  1 
ATOM   362  C CG  . ASN A 1 53  ? 5.123   -3.932  -15.842 1.00 11.62 ? 100 ASN A CG  1 
ATOM   363  O OD1 . ASN A 1 53  ? 5.905   -2.992  -15.955 1.00 19.72 ? 100 ASN A OD1 1 
ATOM   364  N ND2 . ASN A 1 53  ? 3.941   -3.987  -16.455 1.00 13.72 ? 100 ASN A ND2 1 
ATOM   365  N N   . ASN A 1 54  ? 4.307   -3.958  -12.403 1.00 8.53  ? 101 ASN A N   1 
ATOM   366  C CA  . ASN A 1 54  ? 3.526   -3.134  -11.434 1.00 7.70  ? 101 ASN A CA  1 
ATOM   367  C C   . ASN A 1 54  ? 3.702   -3.834  -10.070 1.00 8.73  ? 101 ASN A C   1 
ATOM   368  O O   . ASN A 1 54  ? 4.402   -4.854  -9.944  1.00 9.30  ? 101 ASN A O   1 
ATOM   369  C CB  . ASN A 1 54  ? 2.036   -3.245  -11.759 1.00 9.19  ? 101 ASN A CB  1 
ATOM   370  C CG  . ASN A 1 54  ? 1.598   -2.824  -13.137 1.00 15.19 ? 101 ASN A CG  1 
ATOM   371  O OD1 . ASN A 1 54  ? 0.893   -3.595  -13.816 1.00 17.25 ? 101 ASN A OD1 1 
ATOM   372  N ND2 . ASN A 1 54  ? 2.049   -1.633  -13.479 1.00 14.48 ? 101 ASN A ND2 1 
ATOM   373  N N   . ASP A 1 55  ? 3.115   -3.250  -9.030  1.00 7.12  ? 102 ASP A N   1 
ATOM   374  C CA  . ASP A 1 55  ? 3.094   -3.894  -7.690  1.00 9.38  ? 102 ASP A CA  1 
ATOM   375  C C   . ASP A 1 55  ? 1.761   -3.513  -7.006  1.00 6.59  ? 102 ASP A C   1 
ATOM   376  O O   . ASP A 1 55  ? 1.774   -2.730  -6.049  1.00 9.67  ? 102 ASP A O   1 
ATOM   377  C CB  . ASP A 1 55  ? 4.325   -3.651  -6.846  1.00 7.14  ? 102 ASP A CB  1 
ATOM   378  C CG  . ASP A 1 55  ? 4.509   -4.584  -5.659  1.00 7.22  ? 102 ASP A CG  1 
ATOM   379  O OD1 . ASP A 1 55  ? 5.522   -4.537  -4.914  1.00 10.29 ? 102 ASP A OD1 1 
ATOM   380  O OD2 . ASP A 1 55  ? 3.569   -5.426  -5.505  1.00 8.14  ? 102 ASP A OD2 1 
ATOM   381  N N   . TYR A 1 56  ? 0.674   -4.101  -7.524  1.00 6.69  ? 103 TYR A N   1 
ATOM   382  C CA  . TYR A 1 56  ? -0.642  -3.829  -6.843  1.00 6.40  ? 103 TYR A CA  1 
ATOM   383  C C   . TYR A 1 56  ? -1.522  -5.080  -6.960  1.00 8.25  ? 103 TYR A C   1 
ATOM   384  O O   . TYR A 1 56  ? -1.271  -5.969  -7.833  1.00 9.04  ? 103 TYR A O   1 
ATOM   385  C CB  . TYR A 1 56  ? -1.357  -2.607  -7.469  1.00 6.76  ? 103 TYR A CB  1 
ATOM   386  C CG  . TYR A 1 56  ? -1.594  -2.635  -8.972  1.00 6.57  ? 103 TYR A CG  1 
ATOM   387  C CD1 . TYR A 1 56  ? -0.974  -1.646  -9.752  1.00 11.42 ? 103 TYR A CD1 1 
ATOM   388  C CD2 . TYR A 1 56  ? -2.505  -3.496  -9.578  1.00 10.15 ? 103 TYR A CD2 1 
ATOM   389  C CE1 . TYR A 1 56  ? -1.192  -1.588  -11.129 1.00 7.34  ? 103 TYR A CE1 1 
ATOM   390  C CE2 . TYR A 1 56  ? -2.735  -3.454  -10.949 1.00 12.20 ? 103 TYR A CE2 1 
ATOM   391  C CZ  . TYR A 1 56  ? -2.086  -2.480  -11.722 1.00 10.68 ? 103 TYR A CZ  1 
ATOM   392  O OH  . TYR A 1 56  ? -2.369  -2.464  -13.063 1.00 13.42 ? 103 TYR A OH  1 
ATOM   393  N N   . GLY A 1 57  ? -2.512  -5.184  -6.098  1.00 7.60  ? 104 GLY A N   1 
ATOM   394  C CA  . GLY A 1 57  ? -3.426  -6.360  -6.079  1.00 7.48  ? 104 GLY A CA  1 
ATOM   395  C C   . GLY A 1 57  ? -4.659  -5.859  -5.283  1.00 10.67 ? 104 GLY A C   1 
ATOM   396  O O   . GLY A 1 57  ? -4.592  -4.809  -4.649  1.00 6.21  ? 104 GLY A O   1 
ATOM   397  N N   . ILE A 1 58  ? -5.737  -6.607  -5.387  1.00 7.08  ? 105 ILE A N   1 
ATOM   398  C CA  . ILE A 1 58  ? -7.018  -6.193  -4.808  1.00 5.17  ? 105 ILE A CA  1 
ATOM   399  C C   . ILE A 1 58  ? -7.716  -7.467  -4.277  1.00 5.42  ? 105 ILE A C   1 
ATOM   400  O O   . ILE A 1 58  ? -7.652  -8.559  -4.831  1.00 8.11  ? 105 ILE A O   1 
ATOM   401  C CB  . ILE A 1 58  ? -7.882  -5.435  -5.856  1.00 6.79  ? 105 ILE A CB  1 
ATOM   402  C CG1 . ILE A 1 58  ? -9.196  -4.857  -5.244  1.00 9.54  ? 105 ILE A CG1 1 
ATOM   403  C CG2 . ILE A 1 58  ? -8.249  -6.293  -7.094  1.00 9.16  ? 105 ILE A CG2 1 
ATOM   404  C CD1 . ILE A 1 58  ? -9.841  -3.761  -6.160  1.00 11.16 ? 105 ILE A CD1 1 
ATOM   405  N N   . ILE A 1 59  ? -8.341  -7.225  -3.141  1.00 5.80  ? 106 ILE A N   1 
ATOM   406  C CA  . ILE A 1 59  ? -9.050  -8.241  -2.381  1.00 6.60  ? 106 ILE A CA  1 
ATOM   407  C C   . ILE A 1 59  ? -10.491 -7.793  -2.086  1.00 7.98  ? 106 ILE A C   1 
ATOM   408  O O   . ILE A 1 59  ? -10.660 -6.681  -1.566  1.00 8.14  ? 106 ILE A O   1 
ATOM   409  C CB  . ILE A 1 59  ? -8.332  -8.559  -1.014  1.00 6.50  ? 106 ILE A CB  1 
ATOM   410  C CG1 . ILE A 1 59  ? -6.890  -9.094  -1.273  1.00 7.17  ? 106 ILE A CG1 1 
ATOM   411  C CG2 . ILE A 1 59  ? -9.141  -9.585  -0.190  1.00 10.00 ? 106 ILE A CG2 1 
ATOM   412  C CD1 . ILE A 1 59  ? -5.939  -8.878  -0.080  1.00 11.92 ? 106 ILE A CD1 1 
ATOM   413  N N   . ARG A 1 60  ? -11.446 -8.657  -2.383  1.00 6.92  ? 107 ARG A N   1 
ATOM   414  C CA  . ARG A 1 60  ? -12.854 -8.316  -2.082  1.00 7.02  ? 107 ARG A CA  1 
ATOM   415  C C   . ARG A 1 60  ? -13.064 -8.718  -0.609  1.00 8.42  ? 107 ARG A C   1 
ATOM   416  O O   . ARG A 1 60  ? -12.775 -9.861  -0.194  1.00 9.44  ? 107 ARG A O   1 
ATOM   417  C CB  . ARG A 1 60  ? -13.799 -9.128  -2.947  1.00 7.55  ? 107 ARG A CB  1 
ATOM   418  C CG  . ARG A 1 60  ? -15.276 -8.856  -2.633  1.00 9.64  ? 107 ARG A CG  1 
ATOM   419  C CD  . ARG A 1 60  ? -16.184 -9.270  -3.734  1.00 11.60 ? 107 ARG A CD  1 
ATOM   420  N NE  . ARG A 1 60  ? -17.558 -9.119  -3.217  1.00 12.59 ? 107 ARG A NE  1 
ATOM   421  C CZ  . ARG A 1 60  ? -18.628 -9.226  -4.050  1.00 15.49 ? 107 ARG A CZ  1 
ATOM   422  N NH1 . ARG A 1 60  ? -18.547 -9.580  -5.298  1.00 15.92 ? 107 ARG A NH1 1 
ATOM   423  N NH2 . ARG A 1 60  ? -19.814 -8.916  -3.511  1.00 15.60 ? 107 ARG A NH2 1 
ATOM   424  N N   . HIS A 1 61  ? -13.599 -7.796  0.186   1.00 7.70  ? 108 HIS A N   1 
ATOM   425  C CA  . HIS A 1 61  ? -13.885 -8.088  1.597   1.00 6.70  ? 108 HIS A CA  1 
ATOM   426  C C   . HIS A 1 61  ? -15.022 -9.104  1.805   1.00 6.20  ? 108 HIS A C   1 
ATOM   427  O O   . HIS A 1 61  ? -16.096 -8.978  1.168   1.00 9.42  ? 108 HIS A O   1 
ATOM   428  C CB  . HIS A 1 61  ? -14.448 -6.818  2.293   1.00 8.47  ? 108 HIS A CB  1 
ATOM   429  C CG  . HIS A 1 61  ? -13.409 -5.834  2.694   1.00 8.74  ? 108 HIS A CG  1 
ATOM   430  N ND1 . HIS A 1 61  ? -12.707 -6.004  3.873   1.00 8.52  ? 108 HIS A ND1 1 
ATOM   431  C CD2 . HIS A 1 61  ? -12.929 -4.703  2.067   1.00 9.02  ? 108 HIS A CD2 1 
ATOM   432  C CE1 . HIS A 1 61  ? -11.808 -4.984  3.936   1.00 12.21 ? 108 HIS A CE1 1 
ATOM   433  N NE2 . HIS A 1 61  ? -11.968 -4.207  2.898   1.00 9.24  ? 108 HIS A NE2 1 
ATOM   434  N N   . SER A 1 62  ? -14.784 -10.055 2.695   1.00 8.29  ? 109 SER A N   1 
ATOM   435  C CA  . SER A 1 62  ? -15.882 -10.989 3.090   1.00 9.51  ? 109 SER A CA  1 
ATOM   436  C C   . SER A 1 62  ? -16.913 -10.239 3.969   1.00 8.11  ? 109 SER A C   1 
ATOM   437  O O   . SER A 1 62  ? -18.103 -10.624 3.910   1.00 12.43 ? 109 SER A O   1 
ATOM   438  C CB  . SER A 1 62  ? -15.322 -12.090 4.008   1.00 12.93 ? 109 SER A CB  1 
ATOM   439  O OG  . SER A 1 62  ? -14.487 -12.910 3.174   1.00 23.25 ? 109 SER A OG  1 
ATOM   440  N N   . ASN A 1 63  ? -16.440 -9.246  4.690   1.00 10.66 ? 110 ASN A N   1 
ATOM   441  C CA  . ASN A 1 63  ? -17.291 -8.430  5.573   1.00 11.31 ? 110 ASN A CA  1 
ATOM   442  C C   . ASN A 1 63  ? -17.207 -6.946  5.095   1.00 7.86  ? 110 ASN A C   1 
ATOM   443  O O   . ASN A 1 63  ? -16.208 -6.293  5.465   1.00 11.12 ? 110 ASN A O   1 
ATOM   444  C CB  . ASN A 1 63  ? -16.804 -8.568  7.029   1.00 10.08 ? 110 ASN A CB  1 
ATOM   445  C CG  . ASN A 1 63  ? -17.605 -7.671  7.995   1.00 9.82  ? 110 ASN A CG  1 
ATOM   446  O OD1 . ASN A 1 63  ? -18.704 -7.284  7.602   1.00 15.10 ? 110 ASN A OD1 1 
ATOM   447  N ND2 . ASN A 1 63  ? -16.981 -7.442  9.160   1.00 14.21 ? 110 ASN A ND2 1 
ATOM   448  N N   . PRO A 1 64  ? -18.194 -6.543  4.333   1.00 11.39 ? 111 PRO A N   1 
ATOM   449  C CA  . PRO A 1 64  ? -18.204 -5.161  3.808   1.00 11.99 ? 111 PRO A CA  1 
ATOM   450  C C   . PRO A 1 64  ? -18.178 -4.153  4.972   1.00 10.36 ? 111 PRO A C   1 
ATOM   451  O O   . PRO A 1 64  ? -17.734 -3.014  4.738   1.00 12.84 ? 111 PRO A O   1 
ATOM   452  C CB  . PRO A 1 64  ? -19.455 -5.053  2.953   1.00 17.95 ? 111 PRO A CB  1 
ATOM   453  C CG  . PRO A 1 64  ? -19.917 -6.458  2.744   1.00 18.33 ? 111 PRO A CG  1 
ATOM   454  C CD  . PRO A 1 64  ? -19.352 -7.309  3.865   1.00 14.61 ? 111 PRO A CD  1 
ATOM   455  N N   . ALA A 1 65  ? -18.650 -4.537  6.159   1.00 9.31  ? 112 ALA A N   1 
ATOM   456  C CA  . ALA A 1 65  ? -18.651 -3.573  7.276   1.00 10.82 ? 112 ALA A CA  1 
ATOM   457  C C   . ALA A 1 65  ? -17.241 -3.212  7.725   1.00 10.72 ? 112 ALA A C   1 
ATOM   458  O O   . ALA A 1 65  ? -17.048 -2.207  8.444   1.00 13.73 ? 112 ALA A O   1 
ATOM   459  C CB  . ALA A 1 65  ? -19.347 -4.202  8.507   1.00 12.92 ? 112 ALA A CB  1 
ATOM   460  N N   . ALA A 1 66  ? -16.255 -4.009  7.337   1.00 9.89  ? 113 ALA A N   1 
ATOM   461  C CA  . ALA A 1 66  ? -14.859 -3.827  7.733   1.00 9.46  ? 113 ALA A CA  1 
ATOM   462  C C   . ALA A 1 66  ? -14.099 -2.844  6.822   1.00 9.49  ? 113 ALA A C   1 
ATOM   463  O O   . ALA A 1 66  ? -12.899 -2.652  7.099   1.00 10.45 ? 113 ALA A O   1 
ATOM   464  C CB  . ALA A 1 66  ? -14.163 -5.196  7.748   1.00 15.11 ? 113 ALA A CB  1 
ATOM   465  N N   . ALA A 1 67  ? -14.743 -2.394  5.769   1.00 9.69  ? 114 ALA A N   1 
ATOM   466  C CA  . ALA A 1 67  ? -14.052 -1.506  4.807   1.00 10.61 ? 114 ALA A CA  1 
ATOM   467  C C   . ALA A 1 67  ? -14.019 -0.048  5.343   1.00 9.09  ? 114 ALA A C   1 
ATOM   468  O O   . ALA A 1 67  ? -14.786 0.784   4.899   1.00 11.97 ? 114 ALA A O   1 
ATOM   469  C CB  . ALA A 1 67  ? -14.708 -1.604  3.440   1.00 10.78 ? 114 ALA A CB  1 
ATOM   470  N N   . ASP A 1 68  ? -13.092 0.143   6.237   1.00 10.41 ? 115 ASP A N   1 
ATOM   471  C CA  . ASP A 1 68  ? -12.874 1.451   6.922   1.00 7.89  ? 115 ASP A CA  1 
ATOM   472  C C   . ASP A 1 68  ? -12.052 2.391   6.046   1.00 5.58  ? 115 ASP A C   1 
ATOM   473  O O   . ASP A 1 68  ? -10.875 2.117   5.777   1.00 10.74 ? 115 ASP A O   1 
ATOM   474  C CB  . ASP A 1 68  ? -12.129 1.089   8.228   1.00 7.40  ? 115 ASP A CB  1 
ATOM   475  C CG  . ASP A 1 68  ? -11.987 2.303   9.140   1.00 11.60 ? 115 ASP A CG  1 
ATOM   476  O OD1 . ASP A 1 68  ? -12.321 3.430   8.742   1.00 12.90 ? 115 ASP A OD1 1 
ATOM   477  O OD2 . ASP A 1 68  ? -11.493 2.123   10.260  1.00 11.68 ? 115 ASP A OD2 1 
ATOM   478  N N   . GLY A 1 69  ? -12.644 3.466   5.574   1.00 7.19  ? 116 GLY A N   1 
ATOM   479  C CA  . GLY A 1 69  ? -11.998 4.425   4.654   1.00 9.70  ? 116 GLY A CA  1 
ATOM   480  C C   . GLY A 1 69  ? -11.017 5.364   5.335   1.00 9.64  ? 116 GLY A C   1 
ATOM   481  O O   . GLY A 1 69  ? -11.075 6.592   5.095   1.00 11.82 ? 116 GLY A O   1 
ATOM   482  N N   . ARG A 1 70  ? -10.119 4.893   6.129   1.00 9.92  ? 117 ARG A N   1 
ATOM   483  C CA  . ARG A 1 70  ? -9.120  5.642   6.885   1.00 10.09 ? 117 ARG A CA  1 
ATOM   484  C C   . ARG A 1 70  ? -7.808  4.865   6.919   1.00 9.84  ? 117 ARG A C   1 
ATOM   485  O O   . ARG A 1 70  ? -7.765  3.705   6.456   1.00 11.37 ? 117 ARG A O   1 
ATOM   486  C CB  . ARG A 1 70  ? -9.613  5.861   8.337   1.00 10.47 ? 117 ARG A CB  1 
ATOM   487  C CG  . ARG A 1 70  ? -11.009 6.481   8.466   1.00 6.98  ? 117 ARG A CG  1 
ATOM   488  C CD  . ARG A 1 70  ? -11.451 6.731   9.887   1.00 12.03 ? 117 ARG A CD  1 
ATOM   489  N NE  . ARG A 1 70  ? -11.627 5.442   10.572  1.00 11.04 ? 117 ARG A NE  1 
ATOM   490  C CZ  . ARG A 1 70  ? -11.806 5.236   11.903  1.00 14.57 ? 117 ARG A CZ  1 
ATOM   491  N NH1 . ARG A 1 70  ? -11.792 6.265   12.745  1.00 17.64 ? 117 ARG A NH1 1 
ATOM   492  N NH2 . ARG A 1 70  ? -12.035 4.010   12.350  1.00 13.74 ? 117 ARG A NH2 1 
ATOM   493  N N   . VAL A 1 71  ? -6.801  5.499   7.437   1.00 7.36  ? 118 VAL A N   1 
ATOM   494  C CA  . VAL A 1 71  ? -5.463  4.919   7.631   1.00 9.50  ? 118 VAL A CA  1 
ATOM   495  C C   . VAL A 1 71  ? -5.219  4.925   9.162   1.00 11.11 ? 118 VAL A C   1 
ATOM   496  O O   . VAL A 1 71  ? -5.422  5.993   9.788   1.00 11.74 ? 118 VAL A O   1 
ATOM   497  C CB  . VAL A 1 71  ? -4.344  5.689   6.921   1.00 9.23  ? 118 VAL A CB  1 
ATOM   498  C CG1 . VAL A 1 71  ? -2.965  5.026   7.198   1.00 13.29 ? 118 VAL A CG1 1 
ATOM   499  C CG2 . VAL A 1 71  ? -4.550  5.638   5.411   1.00 9.42  ? 118 VAL A CG2 1 
ATOM   500  N N   . TYR A 1 72  ? -4.789  3.803   9.679   1.00 7.22  ? 119 TYR A N   1 
ATOM   501  C CA  . TYR A 1 72  ? -4.488  3.691   11.118  1.00 12.43 ? 119 TYR A CA  1 
ATOM   502  C C   . TYR A 1 72  ? -3.141  4.339   11.418  1.00 10.39 ? 119 TYR A C   1 
ATOM   503  O O   . TYR A 1 72  ? -2.172  4.093   10.697  1.00 12.71 ? 119 TYR A O   1 
ATOM   504  C CB  . TYR A 1 72  ? -4.576  2.237   11.647  1.00 13.16 ? 119 TYR A CB  1 
ATOM   505  C CG  . TYR A 1 72  ? -4.365  2.193   13.156  1.00 13.99 ? 119 TYR A CG  1 
ATOM   506  C CD1 . TYR A 1 72  ? -5.157  2.975   14.021  1.00 15.42 ? 119 TYR A CD1 1 
ATOM   507  C CD2 . TYR A 1 72  ? -3.414  1.330   13.672  1.00 15.71 ? 119 TYR A CD2 1 
ATOM   508  C CE1 . TYR A 1 72  ? -4.907  2.925   15.390  1.00 18.87 ? 119 TYR A CE1 1 
ATOM   509  C CE2 . TYR A 1 72  ? -3.195  1.259   15.059  1.00 17.03 ? 119 TYR A CE2 1 
ATOM   510  C CZ  . TYR A 1 72  ? -3.933  2.074   15.902  1.00 19.70 ? 119 TYR A CZ  1 
ATOM   511  O OH  . TYR A 1 72  ? -3.700  1.964   17.253  1.00 24.98 ? 119 TYR A OH  1 
ATOM   512  N N   . LEU A 1 73  ? -3.123  5.203   12.450  1.00 14.20 ? 120 LEU A N   1 
ATOM   513  C CA  . LEU A 1 73  ? -1.890  5.941   12.757  1.00 14.39 ? 120 LEU A CA  1 
ATOM   514  C C   . LEU A 1 73  ? -1.003  5.329   13.828  1.00 16.90 ? 120 LEU A C   1 
ATOM   515  O O   . LEU A 1 73  ? 0.057   5.904   14.155  1.00 16.77 ? 120 LEU A O   1 
ATOM   516  C CB  . LEU A 1 73  ? -2.263  7.411   13.038  1.00 17.02 ? 120 LEU A CB  1 
ATOM   517  C CG  . LEU A 1 73  ? -2.998  8.148   11.949  1.00 14.06 ? 120 LEU A CG  1 
ATOM   518  C CD1 . LEU A 1 73  ? -3.368  9.536   12.452  1.00 13.84 ? 120 LEU A CD1 1 
ATOM   519  C CD2 . LEU A 1 73  ? -2.166  8.315   10.676  1.00 15.95 ? 120 LEU A CD2 1 
ATOM   520  N N   . TYR A 1 74  A -1.420  4.209   14.374  1.00 15.51 ? 120 TYR A N   1 
ATOM   521  C CA  . TYR A 1 74  A -0.638  3.469   15.364  1.00 16.30 ? 120 TYR A CA  1 
ATOM   522  C C   . TYR A 1 74  A -0.447  4.245   16.664  1.00 19.65 ? 120 TYR A C   1 
ATOM   523  O O   . TYR A 1 74  A 0.550   4.021   17.368  1.00 23.95 ? 120 TYR A O   1 
ATOM   524  C CB  . TYR A 1 74  A 0.691   2.972   14.711  1.00 16.49 ? 120 TYR A CB  1 
ATOM   525  C CG  . TYR A 1 74  A 0.413   1.766   13.822  1.00 16.17 ? 120 TYR A CG  1 
ATOM   526  C CD1 . TYR A 1 74  A 0.357   0.481   14.377  1.00 16.87 ? 120 TYR A CD1 1 
ATOM   527  C CD2 . TYR A 1 74  A 0.157   1.898   12.448  1.00 17.21 ? 120 TYR A CD2 1 
ATOM   528  C CE1 . TYR A 1 74  A 0.095   -0.650  13.614  1.00 17.75 ? 120 TYR A CE1 1 
ATOM   529  C CE2 . TYR A 1 74  A -0.117  0.784   11.674  1.00 15.10 ? 120 TYR A CE2 1 
ATOM   530  C CZ  . TYR A 1 74  A -0.140  -0.469  12.235  1.00 16.05 ? 120 TYR A CZ  1 
ATOM   531  O OH  . TYR A 1 74  A -0.416  -1.584  11.481  1.00 15.41 ? 120 TYR A OH  1 
ATOM   532  N N   . ASN A 1 75  B -1.434  5.086   16.950  1.00 23.05 ? 120 ASN A N   1 
ATOM   533  C CA  . ASN A 1 75  B -1.386  5.877   18.238  1.00 24.55 ? 120 ASN A CA  1 
ATOM   534  C C   . ASN A 1 75  B -2.801  5.960   18.806  1.00 24.33 ? 120 ASN A C   1 
ATOM   535  O O   . ASN A 1 75  B -3.111  6.899   19.545  1.00 26.32 ? 120 ASN A O   1 
ATOM   536  C CB  . ASN A 1 75  B -0.756  7.228   17.932  1.00 28.77 ? 120 ASN A CB  1 
ATOM   537  C CG  . ASN A 1 75  B -1.607  8.054   16.961  1.00 27.27 ? 120 ASN A CG  1 
ATOM   538  O OD1 . ASN A 1 75  B -2.696  7.630   16.556  1.00 25.18 ? 120 ASN A OD1 1 
ATOM   539  N ND2 . ASN A 1 75  B -1.079  9.236   16.643  1.00 35.13 ? 120 ASN A ND2 1 
ATOM   540  N N   . GLY A 1 76  C -3.670  5.065   18.407  1.00 23.11 ? 120 GLY A N   1 
ATOM   541  C CA  . GLY A 1 76  C -5.063  4.992   18.771  1.00 24.44 ? 120 GLY A CA  1 
ATOM   542  C C   . GLY A 1 76  C -5.989  5.889   17.944  1.00 26.11 ? 120 GLY A C   1 
ATOM   543  O O   . GLY A 1 76  C -7.204  5.963   18.212  1.00 26.08 ? 120 GLY A O   1 
ATOM   544  N N   . SER A 1 77  D -5.423  6.566   16.957  1.00 21.05 ? 120 SER A N   1 
ATOM   545  C CA  . SER A 1 77  D -6.111  7.490   16.077  1.00 19.14 ? 120 SER A CA  1 
ATOM   546  C C   . SER A 1 77  D -6.012  7.042   14.611  1.00 20.02 ? 120 SER A C   1 
ATOM   547  O O   . SER A 1 77  D -5.195  6.177   14.247  1.00 17.42 ? 120 SER A O   1 
ATOM   548  C CB  . SER A 1 77  D -5.468  8.879   16.228  1.00 25.84 ? 120 SER A CB  1 
ATOM   549  O OG  . SER A 1 77  D -6.458  9.766   16.719  1.00 46.81 ? 120 SER A OG  1 
ATOM   550  N N   . TYR A 1 78  ? -6.849  7.686   13.816  1.00 15.81 ? 121 TYR A N   1 
ATOM   551  C CA  . TYR A 1 78  ? -6.893  7.319   12.366  1.00 13.01 ? 121 TYR A CA  1 
ATOM   552  C C   . TYR A 1 78  ? -6.926  8.598   11.541  1.00 16.94 ? 121 TYR A C   1 
ATOM   553  O O   . TYR A 1 78  ? -7.402  9.647   12.038  1.00 17.78 ? 121 TYR A O   1 
ATOM   554  C CB  . TYR A 1 78  ? -8.163  6.521   12.039  1.00 14.57 ? 121 TYR A CB  1 
ATOM   555  C CG  . TYR A 1 78  ? -8.348  5.187   12.695  1.00 14.02 ? 121 TYR A CG  1 
ATOM   556  C CD1 . TYR A 1 78  ? -8.647  5.086   14.070  1.00 16.35 ? 121 TYR A CD1 1 
ATOM   557  C CD2 . TYR A 1 78  ? -8.251  3.999   11.954  1.00 16.48 ? 121 TYR A CD2 1 
ATOM   558  C CE1 . TYR A 1 78  ? -8.761  3.837   14.662  1.00 14.95 ? 121 TYR A CE1 1 
ATOM   559  C CE2 . TYR A 1 78  ? -8.416  2.747   12.538  1.00 15.61 ? 121 TYR A CE2 1 
ATOM   560  C CZ  . TYR A 1 78  ? -8.663  2.682   13.916  1.00 17.79 ? 121 TYR A CZ  1 
ATOM   561  O OH  . TYR A 1 78  ? -8.819  1.456   14.488  1.00 17.63 ? 121 TYR A OH  1 
ATOM   562  N N   . GLN A 1 79  ? -6.412  8.493   10.335  1.00 12.32 ? 122 GLN A N   1 
ATOM   563  C CA  . GLN A 1 79  ? -6.470  9.590   9.360   1.00 11.39 ? 122 GLN A CA  1 
ATOM   564  C C   . GLN A 1 79  ? -7.573  9.295   8.338   1.00 12.72 ? 122 GLN A C   1 
ATOM   565  O O   . GLN A 1 79  ? -7.489  8.227   7.633   1.00 12.28 ? 122 GLN A O   1 
ATOM   566  C CB  . GLN A 1 79  ? -5.166  9.799   8.608   1.00 14.53 ? 122 GLN A CB  1 
ATOM   567  C CG  . GLN A 1 79  ? -5.186  10.654  7.350   1.00 15.85 ? 122 GLN A CG  1 
ATOM   568  C CD  . GLN A 1 79  ? -5.457  12.124  7.707   1.00 21.34 ? 122 GLN A CD  1 
ATOM   569  O OE1 . GLN A 1 79  ? -6.425  12.741  7.214   1.00 22.79 ? 122 GLN A OE1 1 
ATOM   570  N NE2 . GLN A 1 79  ? -4.579  12.603  8.570   1.00 19.86 ? 122 GLN A NE2 1 
ATOM   571  N N   . ASP A 1 80  ? -8.534  10.184  8.196   1.00 11.42 ? 123 ASP A N   1 
ATOM   572  C CA  . ASP A 1 80  ? -9.592  9.988   7.196   1.00 10.92 ? 123 ASP A CA  1 
ATOM   573  C C   . ASP A 1 80  ? -9.013  10.150  5.784   1.00 11.45 ? 123 ASP A C   1 
ATOM   574  O O   . ASP A 1 80  ? -8.243  11.120  5.593   1.00 13.32 ? 123 ASP A O   1 
ATOM   575  C CB  . ASP A 1 80  ? -10.784 10.897  7.467   1.00 10.77 ? 123 ASP A CB  1 
ATOM   576  C CG  . ASP A 1 80  ? -12.054 10.349  6.855   1.00 13.04 ? 123 ASP A CG  1 
ATOM   577  O OD1 . ASP A 1 80  ? -12.196 9.241   6.282   1.00 12.13 ? 123 ASP A OD1 1 
ATOM   578  O OD2 . ASP A 1 80  ? -13.017 11.150  6.919   1.00 15.08 ? 123 ASP A OD2 1 
ATOM   579  N N   . ILE A 1 81  ? -9.417  9.285   4.871   1.00 8.92  ? 124 ILE A N   1 
ATOM   580  C CA  . ILE A 1 81  ? -8.960  9.397   3.486   1.00 10.04 ? 124 ILE A CA  1 
ATOM   581  C C   . ILE A 1 81  ? -10.213 9.834   2.696   1.00 8.48  ? 124 ILE A C   1 
ATOM   582  O O   . ILE A 1 81  ? -11.308 9.284   2.836   1.00 11.06 ? 124 ILE A O   1 
ATOM   583  C CB  . ILE A 1 81  ? -8.362  8.060   2.939   1.00 9.38  ? 124 ILE A CB  1 
ATOM   584  C CG1 . ILE A 1 81  ? -7.046  7.674   3.650   1.00 10.06 ? 124 ILE A CG1 1 
ATOM   585  C CG2 . ILE A 1 81  ? -8.187  8.136   1.387   1.00 10.22 ? 124 ILE A CG2 1 
ATOM   586  C CD1 . ILE A 1 81  ? -5.891  8.739   3.575   1.00 13.34 ? 124 ILE A CD1 1 
ATOM   587  N N   . THR A 1 82  ? -9.992  10.803  1.818   1.00 11.11 ? 125 THR A N   1 
ATOM   588  C CA  . THR A 1 82  ? -11.109 11.282  0.977   1.00 12.38 ? 125 THR A CA  1 
ATOM   589  C C   . THR A 1 82  ? -10.829 11.234  -0.497  1.00 15.63 ? 125 THR A C   1 
ATOM   590  O O   . THR A 1 82  ? -11.779 11.099  -1.307  1.00 12.30 ? 125 THR A O   1 
ATOM   591  C CB  . THR A 1 82  ? -11.688 12.649  1.526   1.00 20.66 ? 125 THR A CB  1 
ATOM   592  O OG1 . THR A 1 82  ? -10.755 13.661  1.053   1.00 20.65 ? 125 THR A OG1 1 
ATOM   593  C CG2 . THR A 1 82  ? -11.849 12.700  3.031   1.00 19.95 ? 125 THR A CG2 1 
ATOM   594  N N   . THR A 1 83  ? -9.551  11.333  -0.916  1.00 13.06 ? 126 THR A N   1 
ATOM   595  C CA  . THR A 1 83  ? -9.296  11.269  -2.361  1.00 11.88 ? 126 THR A CA  1 
ATOM   596  C C   . THR A 1 83  ? -7.965  10.572  -2.646  1.00 9.73  ? 126 THR A C   1 
ATOM   597  O O   . THR A 1 83  ? -7.272  10.292  -1.668  1.00 11.78 ? 126 THR A O   1 
ATOM   598  C CB  . THR A 1 83  ? -9.280  12.796  -2.866  1.00 16.87 ? 126 THR A CB  1 
ATOM   599  O OG1 . THR A 1 83  ? -9.444  12.694  -4.305  1.00 29.18 ? 126 THR A OG1 1 
ATOM   600  C CG2 . THR A 1 83  ? -8.023  13.476  -2.389  1.00 13.73 ? 126 THR A CG2 1 
ATOM   601  N N   . ALA A 1 84  ? -7.705  10.392  -3.929  1.00 9.35  ? 127 ALA A N   1 
ATOM   602  C CA  . ALA A 1 84  ? -6.387  9.822   -4.335  1.00 11.92 ? 127 ALA A CA  1 
ATOM   603  C C   . ALA A 1 84  ? -5.678  10.945  -5.143  1.00 14.75 ? 127 ALA A C   1 
ATOM   604  O O   . ALA A 1 84  ? -6.376  11.699  -5.817  1.00 15.12 ? 127 ALA A O   1 
ATOM   605  C CB  . ALA A 1 84  ? -6.507  8.595   -5.232  1.00 11.16 ? 127 ALA A CB  1 
ATOM   606  N N   . GLY A 1 85  ? -4.356  10.931  -5.082  1.00 10.89 ? 128 GLY A N   1 
ATOM   607  C CA  . GLY A 1 85  ? -3.624  11.958  -5.864  1.00 14.46 ? 128 GLY A CA  1 
ATOM   608  C C   . GLY A 1 85  ? -2.285  11.428  -6.321  1.00 13.35 ? 128 GLY A C   1 
ATOM   609  O O   . GLY A 1 85  ? -1.964  10.256  -6.073  1.00 14.57 ? 128 GLY A O   1 
ATOM   610  N N   . ASN A 1 86  ? -1.565  12.332  -6.984  1.00 13.04 ? 129 ASN A N   1 
ATOM   611  C CA  . ASN A 1 86  ? -0.221  11.950  -7.535  1.00 13.32 ? 129 ASN A CA  1 
ATOM   612  C C   . ASN A 1 86  ? 0.820   12.687  -6.680  1.00 12.69 ? 129 ASN A C   1 
ATOM   613  O O   . ASN A 1 86  ? 0.612   13.860  -6.368  1.00 14.78 ? 129 ASN A O   1 
ATOM   614  C CB  . ASN A 1 86  ? -0.172  12.390  -9.002  1.00 21.11 ? 129 ASN A CB  1 
ATOM   615  C CG  . ASN A 1 86  ? -1.052  11.477  -9.888  1.00 23.43 ? 129 ASN A CG  1 
ATOM   616  O OD1 . ASN A 1 86  ? -0.868  10.230  -9.860  1.00 26.55 ? 129 ASN A OD1 1 
ATOM   617  N ND2 . ASN A 1 86  ? -1.987  12.139  -10.540 1.00 33.41 ? 129 ASN A ND2 1 
ATOM   618  N N   . ALA A 1 87  ? 1.860   11.969  -6.307  1.00 11.73 ? 130 ALA A N   1 
ATOM   619  C CA  . ALA A 1 87  ? 2.937   12.510  -5.488  1.00 12.19 ? 130 ALA A CA  1 
ATOM   620  C C   . ALA A 1 87  ? 3.789   13.471  -6.313  1.00 10.74 ? 130 ALA A C   1 
ATOM   621  O O   . ALA A 1 87  ? 3.846   13.400  -7.563  1.00 12.78 ? 130 ALA A O   1 
ATOM   622  C CB  . ALA A 1 87  ? 3.800   11.340  -4.973  1.00 15.55 ? 130 ALA A CB  1 
ATOM   623  N N   . PHE A 1 88  ? 4.478   14.347  -5.545  1.00 12.81 ? 131 PHE A N   1 
ATOM   624  C CA  . PHE A 1 88  ? 5.413   15.300  -6.202  1.00 12.74 ? 131 PHE A CA  1 
ATOM   625  C C   . PHE A 1 88  ? 6.705   15.331  -5.378  1.00 10.77 ? 131 PHE A C   1 
ATOM   626  O O   . PHE A 1 88  ? 6.701   15.096  -4.177  1.00 11.21 ? 131 PHE A O   1 
ATOM   627  C CB  . PHE A 1 88  ? 4.748   16.693  -6.401  1.00 9.88  ? 131 PHE A CB  1 
ATOM   628  C CG  . PHE A 1 88  ? 4.315   17.377  -5.152  1.00 11.58 ? 131 PHE A CG  1 
ATOM   629  C CD1 . PHE A 1 88  ? 2.966   17.285  -4.737  1.00 12.67 ? 131 PHE A CD1 1 
ATOM   630  C CD2 . PHE A 1 88  ? 5.194   18.154  -4.376  1.00 11.84 ? 131 PHE A CD2 1 
ATOM   631  C CE1 . PHE A 1 88  ? 2.534   17.916  -3.567  1.00 11.19 ? 131 PHE A CE1 1 
ATOM   632  C CE2 . PHE A 1 88  ? 4.762   18.784  -3.204  1.00 13.19 ? 131 PHE A CE2 1 
ATOM   633  C CZ  . PHE A 1 88  ? 3.416   18.691  -2.822  1.00 13.07 ? 131 PHE A CZ  1 
ATOM   634  N N   . VAL A 1 89  ? 7.814   15.600  -6.083  1.00 12.42 ? 132 VAL A N   1 
ATOM   635  C CA  . VAL A 1 89  ? 9.133   15.650  -5.407  1.00 12.70 ? 132 VAL A CA  1 
ATOM   636  C C   . VAL A 1 89  ? 9.117   16.761  -4.348  1.00 10.50 ? 132 VAL A C   1 
ATOM   637  O O   . VAL A 1 89  ? 8.694   17.896  -4.677  1.00 13.94 ? 132 VAL A O   1 
ATOM   638  C CB  . VAL A 1 89  ? 10.237  15.765  -6.448  1.00 13.69 ? 132 VAL A CB  1 
ATOM   639  C CG1 . VAL A 1 89  ? 11.626  16.001  -5.818  1.00 17.38 ? 132 VAL A CG1 1 
ATOM   640  C CG2 . VAL A 1 89  ? 10.253  14.545  -7.378  1.00 14.31 ? 132 VAL A CG2 1 
ATOM   641  N N   . GLY A 1 90  ? 9.531   16.411  -3.156  1.00 12.04 ? 133 GLY A N   1 
ATOM   642  C CA  . GLY A 1 90  ? 9.587   17.292  -2.004  1.00 11.92 ? 133 GLY A CA  1 
ATOM   643  C C   . GLY A 1 90  ? 8.336   17.261  -1.133  1.00 12.13 ? 133 GLY A C   1 
ATOM   644  O O   . GLY A 1 90  ? 8.279   17.941  -0.069  1.00 13.89 ? 133 GLY A O   1 
ATOM   645  N N   . GLN A 1 91  ? 7.337   16.466  -1.542  1.00 10.38 ? 134 GLN A N   1 
ATOM   646  C CA  . GLN A 1 91  ? 6.093   16.381  -0.759  1.00 11.39 ? 134 GLN A CA  1 
ATOM   647  C C   . GLN A 1 91  ? 6.296   15.713  0.574   1.00 11.37 ? 134 GLN A C   1 
ATOM   648  O O   . GLN A 1 91  ? 6.973   14.639  0.629   1.00 14.26 ? 134 GLN A O   1 
ATOM   649  C CB  . GLN A 1 91  ? 5.060   15.647  -1.591  1.00 10.74 ? 134 GLN A CB  1 
ATOM   650  C CG  . GLN A 1 91  ? 3.698   15.502  -0.926  1.00 9.27  ? 134 GLN A CG  1 
ATOM   651  C CD  . GLN A 1 91  ? 2.719   14.890  -1.925  1.00 9.99  ? 134 GLN A CD  1 
ATOM   652  O OE1 . GLN A 1 91  ? 3.127   14.210  -2.836  1.00 13.32 ? 134 GLN A OE1 1 
ATOM   653  N NE2 . GLN A 1 91  ? 1.450   15.211  -1.709  1.00 14.80 ? 134 GLN A NE2 1 
ATOM   654  N N   . ALA A 1 92  ? 5.766   16.238  1.637   1.00 11.21 ? 135 ALA A N   1 
ATOM   655  C CA  . ALA A 1 92  ? 5.808   15.644  2.995   1.00 10.72 ? 135 ALA A CA  1 
ATOM   656  C C   . ALA A 1 92  ? 4.733   14.507  2.961   1.00 12.00 ? 135 ALA A C   1 
ATOM   657  O O   . ALA A 1 92  ? 3.572   14.761  2.592   1.00 12.32 ? 135 ALA A O   1 
ATOM   658  C CB  . ALA A 1 92  ? 5.456   16.628  4.099   1.00 12.82 ? 135 ALA A CB  1 
ATOM   659  N N   . VAL A 1 93  ? 5.216   13.313  3.298   1.00 10.44 ? 136 VAL A N   1 
ATOM   660  C CA  . VAL A 1 93  ? 4.308   12.135  3.288   1.00 9.46  ? 136 VAL A CA  1 
ATOM   661  C C   . VAL A 1 93  ? 4.466   11.293  4.566   1.00 11.30 ? 136 VAL A C   1 
ATOM   662  O O   . VAL A 1 93  ? 5.467   11.443  5.303   1.00 11.06 ? 136 VAL A O   1 
ATOM   663  C CB  . VAL A 1 93  ? 4.610   11.260  2.031   1.00 11.94 ? 136 VAL A CB  1 
ATOM   664  C CG1 . VAL A 1 93  ? 4.257   12.000  0.734   1.00 13.69 ? 136 VAL A CG1 1 
ATOM   665  C CG2 . VAL A 1 93  ? 6.049   10.781  2.054   1.00 9.40  ? 136 VAL A CG2 1 
ATOM   666  N N   . GLN A 1 94  ? 3.508   10.438  4.743   1.00 12.11 ? 137 GLN A N   1 
ATOM   667  C CA  . GLN A 1 94  ? 3.511   9.469   5.859   1.00 13.23 ? 137 GLN A CA  1 
ATOM   668  C C   . GLN A 1 94  ? 3.235   8.069   5.270   1.00 12.24 ? 137 GLN A C   1 
ATOM   669  O O   . GLN A 1 94  ? 2.571   7.994   4.225   1.00 10.07 ? 137 GLN A O   1 
ATOM   670  C CB  . GLN A 1 94  ? 2.482   9.808   6.919   1.00 11.11 ? 137 GLN A CB  1 
ATOM   671  C CG  . GLN A 1 94  ? 2.891   11.104  7.651   1.00 14.61 ? 137 GLN A CG  1 
ATOM   672  C CD  . GLN A 1 94  ? 1.859   11.434  8.712   1.00 21.73 ? 137 GLN A CD  1 
ATOM   673  O OE1 . GLN A 1 94  ? 0.686   11.694  8.471   1.00 21.18 ? 137 GLN A OE1 1 
ATOM   674  N NE2 . GLN A 1 94  ? 2.320   11.404  9.956   1.00 23.40 ? 137 GLN A NE2 1 
ATOM   675  N N   . ARG A 1 95  ? 3.766   7.090   6.005   1.00 12.05 ? 138 ARG A N   1 
ATOM   676  C CA  . ARG A 1 95  ? 3.541   5.685   5.542   1.00 11.53 ? 138 ARG A CA  1 
ATOM   677  C C   . ARG A 1 95  ? 3.042   4.959   6.785   1.00 11.38 ? 138 ARG A C   1 
ATOM   678  O O   . ARG A 1 95  ? 3.640   5.180   7.843   1.00 13.19 ? 138 ARG A O   1 
ATOM   679  C CB  . ARG A 1 95  ? 4.898   5.086   5.075   1.00 10.47 ? 138 ARG A CB  1 
ATOM   680  C CG  . ARG A 1 95  ? 4.697   3.628   4.603   1.00 16.69 ? 138 ARG A CG  1 
ATOM   681  C CD  . ARG A 1 95  ? 6.006   2.877   4.563   1.00 15.94 ? 138 ARG A CD  1 
ATOM   682  N NE  . ARG A 1 95  ? 6.685   2.853   5.810   1.00 18.62 ? 138 ARG A NE  1 
ATOM   683  C CZ  . ARG A 1 95  ? 6.441   2.360   7.006   1.00 15.93 ? 138 ARG A CZ  1 
ATOM   684  N NH1 . ARG A 1 95  ? 5.328   1.685   7.321   1.00 17.10 ? 138 ARG A NH1 1 
ATOM   685  N NH2 . ARG A 1 95  ? 7.362   2.505   7.972   1.00 17.55 ? 138 ARG A NH2 1 
ATOM   686  N N   . SER A 1 96  ? 2.053   4.094   6.635   1.00 9.25  ? 139 SER A N   1 
ATOM   687  C CA  . SER A 1 96  ? 1.542   3.282   7.779   1.00 8.85  ? 139 SER A CA  1 
ATOM   688  C C   . SER A 1 96  ? 1.742   1.809   7.350   1.00 11.05 ? 139 SER A C   1 
ATOM   689  O O   . SER A 1 96  ? 1.381   1.425   6.230   1.00 8.71  ? 139 SER A O   1 
ATOM   690  C CB  . SER A 1 96  ? 0.074   3.527   8.076   1.00 11.07 ? 139 SER A CB  1 
ATOM   691  O OG  . SER A 1 96  ? -0.402  2.770   9.176   1.00 13.24 ? 139 SER A OG  1 
ATOM   692  N N   . GLY A 1 97  ? 2.265   1.006   8.269   1.00 10.58 ? 140 GLY A N   1 
ATOM   693  C CA  . GLY A 1 97  ? 2.504   -0.419  7.987   1.00 11.56 ? 140 GLY A CA  1 
ATOM   694  C C   . GLY A 1 97  ? 2.497   -1.226  9.263   1.00 11.49 ? 140 GLY A C   1 
ATOM   695  O O   . GLY A 1 97  ? 2.802   -0.701  10.357  1.00 13.38 ? 140 GLY A O   1 
ATOM   696  N N   . SER A 1 98  ? 2.205   -2.501  9.094   1.00 8.93  ? 141 SER A N   1 
ATOM   697  C CA  . SER A 1 98  ? 2.051   -3.416  10.237  1.00 9.74  ? 141 SER A CA  1 
ATOM   698  C C   . SER A 1 98  ? 3.326   -3.821  10.950  1.00 11.65 ? 141 SER A C   1 
ATOM   699  O O   . SER A 1 98  ? 3.136   -4.323  12.103  1.00 16.06 ? 141 SER A O   1 
ATOM   700  C CB  . SER A 1 98  ? 1.131   -4.553  9.895   1.00 14.19 ? 141 SER A CB  1 
ATOM   701  O OG  . SER A 1 98  ? 1.745   -5.507  9.067   1.00 16.17 ? 141 SER A OG  1 
ATOM   702  N N   . THR A 1 99  ? 4.482   -3.565  10.433  1.00 10.08 ? 142 THR A N   1 
ATOM   703  C CA  . THR A 1 99  ? 5.733   -3.917  11.139  1.00 14.86 ? 142 THR A CA  1 
ATOM   704  C C   . THR A 1 99  ? 6.241   -2.719  11.945  1.00 15.78 ? 142 THR A C   1 
ATOM   705  O O   . THR A 1 99  ? 6.497   -2.878  13.133  1.00 19.34 ? 142 THR A O   1 
ATOM   706  C CB  . THR A 1 99  ? 6.865   -4.412  10.192  1.00 16.08 ? 142 THR A CB  1 
ATOM   707  O OG1 . THR A 1 99  ? 6.345   -5.647  9.602   1.00 15.30 ? 142 THR A OG1 1 
ATOM   708  C CG2 . THR A 1 99  ? 8.185   -4.722  10.960  1.00 17.75 ? 142 THR A CG2 1 
ATOM   709  N N   . THR A 1 100 ? 6.421   -1.612  11.256  1.00 16.55 ? 143 THR A N   1 
ATOM   710  C CA  . THR A 1 100 ? 7.005   -0.408  11.877  1.00 14.80 ? 143 THR A CA  1 
ATOM   711  C C   . THR A 1 100 ? 6.033   0.689   12.206  1.00 16.20 ? 143 THR A C   1 
ATOM   712  O O   . THR A 1 100 ? 6.502   1.744   12.721  1.00 20.09 ? 143 THR A O   1 
ATOM   713  C CB  . THR A 1 100 ? 8.162   0.110   10.906  1.00 15.37 ? 143 THR A CB  1 
ATOM   714  O OG1 . THR A 1 100 ? 7.429   0.433   9.680   1.00 15.13 ? 143 THR A OG1 1 
ATOM   715  C CG2 . THR A 1 100 ? 9.224   -0.957  10.701  1.00 15.77 ? 143 THR A CG2 1 
ATOM   716  N N   . GLY A 1 101 ? 4.740   0.472   11.983  1.00 13.11 ? 156 GLY A N   1 
ATOM   717  C CA  . GLY A 1 101 ? 3.736   1.482   12.315  1.00 13.96 ? 156 GLY A CA  1 
ATOM   718  C C   . GLY A 1 101 ? 3.744   2.683   11.402  1.00 14.39 ? 156 GLY A C   1 
ATOM   719  O O   . GLY A 1 101 ? 3.712   2.504   10.173  1.00 13.45 ? 156 GLY A O   1 
ATOM   720  N N   . LEU A 1 102 ? 3.783   3.893   11.977  1.00 13.51 ? 157 LEU A N   1 
ATOM   721  C CA  . LEU A 1 102 ? 3.710   5.136   11.215  1.00 14.43 ? 157 LEU A CA  1 
ATOM   722  C C   . LEU A 1 102 ? 5.070   5.775   11.154  1.00 15.73 ? 157 LEU A C   1 
ATOM   723  O O   . LEU A 1 102 ? 5.758   5.912   12.205  1.00 18.89 ? 157 LEU A O   1 
ATOM   724  C CB  . LEU A 1 102 ? 2.619   6.030   11.858  1.00 18.85 ? 157 LEU A CB  1 
ATOM   725  C CG  . LEU A 1 102 ? 2.372   7.354   11.124  1.00 20.29 ? 157 LEU A CG  1 
ATOM   726  C CD1 . LEU A 1 102 ? 1.561   7.154   9.871   1.00 20.15 ? 157 LEU A CD1 1 
ATOM   727  C CD2 . LEU A 1 102 ? 1.690   8.325   12.089  1.00 25.39 ? 157 LEU A CD2 1 
ATOM   728  N N   . ARG A 1 103 ? 5.488   6.187   9.978   1.00 12.78 ? 158 ARG A N   1 
ATOM   729  C CA  . ARG A 1 103 ? 6.761   6.865   9.740   1.00 12.23 ? 158 ARG A CA  1 
ATOM   730  C C   . ARG A 1 103 ? 6.512   8.001   8.742   1.00 17.02 ? 158 ARG A C   1 
ATOM   731  O O   . ARG A 1 103 ? 5.637   7.919   7.868   1.00 17.07 ? 158 ARG A O   1 
ATOM   732  C CB  . ARG A 1 103 ? 7.887   5.955   9.248   1.00 16.27 ? 158 ARG A CB  1 
ATOM   733  C CG  . ARG A 1 103 ? 8.179   4.748   10.151  1.00 23.56 ? 158 ARG A CG  1 
ATOM   734  C CD  . ARG A 1 103 ? 8.742   5.193   11.465  1.00 26.57 ? 158 ARG A CD  1 
ATOM   735  N NE  . ARG A 1 103 ? 8.593   4.152   12.492  1.00 35.61 ? 158 ARG A NE  1 
ATOM   736  C CZ  . ARG A 1 103 ? 9.642   3.700   13.187  1.00 37.84 ? 158 ARG A CZ  1 
ATOM   737  N NH1 . ARG A 1 103 ? 10.833  4.310   13.181  1.00 42.44 ? 158 ARG A NH1 1 
ATOM   738  N NH2 . ARG A 1 103 ? 9.473   2.577   13.878  1.00 33.69 ? 158 ARG A NH2 1 
ATOM   739  N N   . SER A 1 104 ? 7.330   9.042   8.879   1.00 15.30 ? 159 SER A N   1 
ATOM   740  C CA  . SER A 1 104 ? 7.197   10.214  7.974   1.00 14.47 ? 159 SER A CA  1 
ATOM   741  C C   . SER A 1 104 ? 8.485   10.523  7.238   1.00 17.12 ? 159 SER A C   1 
ATOM   742  O O   . SER A 1 104 ? 9.597   10.053  7.549   1.00 19.47 ? 159 SER A O   1 
ATOM   743  C CB  . SER A 1 104 ? 6.609   11.330  8.856   1.00 17.76 ? 159 SER A CB  1 
ATOM   744  O OG  . SER A 1 104 ? 7.702   11.946  9.496   1.00 31.12 ? 159 SER A OG  1 
ATOM   745  N N   . GLY A 1 105 ? 8.379   11.240  6.131   1.00 13.23 ? 160 GLY A N   1 
ATOM   746  C CA  . GLY A 1 105 ? 9.547   11.614  5.305   1.00 14.20 ? 160 GLY A CA  1 
ATOM   747  C C   . GLY A 1 105 ? 9.069   12.407  4.088   1.00 12.91 ? 160 GLY A C   1 
ATOM   748  O O   . GLY A 1 105 ? 8.002   13.060  4.147   1.00 12.76 ? 160 GLY A O   1 
ATOM   749  N N   . SER A 1 106 ? 9.841   12.361  3.033   1.00 11.24 ? 161 SER A N   1 
ATOM   750  C CA  . SER A 1 106 ? 9.434   13.129  1.824   1.00 14.29 ? 161 SER A CA  1 
ATOM   751  C C   . SER A 1 106 ? 9.760   12.339  0.587   1.00 13.58 ? 161 SER A C   1 
ATOM   752  O O   . SER A 1 106 ? 10.578  11.392  0.582   1.00 13.15 ? 161 SER A O   1 
ATOM   753  C CB  . SER A 1 106 ? 9.974   14.552  1.860   1.00 21.01 ? 161 SER A CB  1 
ATOM   754  O OG  . SER A 1 106 ? 11.342  14.532  1.996   1.00 27.22 ? 161 SER A OG  1 
ATOM   755  N N   . VAL A 1 107 ? 9.058   12.711  -0.479  1.00 12.39 ? 162 VAL A N   1 
ATOM   756  C CA  . VAL A 1 107 ? 9.185   12.108  -1.786  1.00 11.40 ? 162 VAL A CA  1 
ATOM   757  C C   . VAL A 1 107 ? 10.486  12.674  -2.364  1.00 13.89 ? 162 VAL A C   1 
ATOM   758  O O   . VAL A 1 107 ? 10.654  13.931  -2.414  1.00 13.88 ? 162 VAL A O   1 
ATOM   759  C CB  . VAL A 1 107 ? 7.954   12.441  -2.653  1.00 11.67 ? 162 VAL A CB  1 
ATOM   760  C CG1 . VAL A 1 107 ? 8.232   11.920  -4.059  1.00 12.41 ? 162 VAL A CG1 1 
ATOM   761  C CG2 . VAL A 1 107 ? 6.696   11.898  -2.018  1.00 12.30 ? 162 VAL A CG2 1 
ATOM   762  N N   . THR A 1 108 ? 11.330  11.775  -2.795  1.00 13.46 ? 163 THR A N   1 
ATOM   763  C CA  . THR A 1 108 ? 12.635  12.202  -3.351  1.00 12.45 ? 163 THR A CA  1 
ATOM   764  C C   . THR A 1 108 ? 12.749  11.898  -4.814  1.00 16.13 ? 163 THR A C   1 
ATOM   765  O O   . THR A 1 108 ? 13.712  12.352  -5.495  1.00 16.69 ? 163 THR A O   1 
ATOM   766  C CB  . THR A 1 108 ? 13.781  11.582  -2.474  1.00 12.62 ? 163 THR A CB  1 
ATOM   767  O OG1 . THR A 1 108 ? 13.583  10.119  -2.630  1.00 17.45 ? 163 THR A OG1 1 
ATOM   768  C CG2 . THR A 1 108 ? 13.862  11.982  -1.012  1.00 15.21 ? 163 THR A CG2 1 
ATOM   769  N N   . GLY A 1 109 ? 11.818  11.160  -5.428  1.00 12.59 ? 164 GLY A N   1 
ATOM   770  C CA  . GLY A 1 109 ? 11.898  10.859  -6.860  1.00 14.01 ? 164 GLY A CA  1 
ATOM   771  C C   . GLY A 1 109 ? 10.615  10.166  -7.319  1.00 14.68 ? 164 GLY A C   1 
ATOM   772  O O   . GLY A 1 109 ? 9.867   9.624   -6.492  1.00 15.34 ? 164 GLY A O   1 
ATOM   773  N N   . LEU A 1 110 ? 10.433  10.253  -8.615  1.00 14.57 ? 165 LEU A N   1 
ATOM   774  C CA  . LEU A 1 110 ? 9.287   9.639   -9.272  1.00 14.36 ? 165 LEU A CA  1 
ATOM   775  C C   . LEU A 1 110 ? 9.743   8.741   -10.409 1.00 16.43 ? 165 LEU A C   1 
ATOM   776  O O   . LEU A 1 110 ? 10.860  8.919   -10.942 1.00 17.29 ? 165 LEU A O   1 
ATOM   777  C CB  . LEU A 1 110 ? 8.344   10.764  -9.745  1.00 14.39 ? 165 LEU A CB  1 
ATOM   778  C CG  . LEU A 1 110 ? 7.774   11.720  -8.700  1.00 14.48 ? 165 LEU A CG  1 
ATOM   779  C CD1 . LEU A 1 110 ? 6.936   12.767  -9.423  1.00 20.71 ? 165 LEU A CD1 1 
ATOM   780  C CD2 . LEU A 1 110 ? 6.932   10.914  -7.688  1.00 17.37 ? 165 LEU A CD2 1 
ATOM   781  N N   . ASN A 1 111 ? 8.837   7.880   -10.808 1.00 14.99 ? 166 ASN A N   1 
ATOM   782  C CA  . ASN A 1 111 ? 9.100   6.988   -11.960 1.00 18.26 ? 166 ASN A CA  1 
ATOM   783  C C   . ASN A 1 111 ? 10.383  6.210   -11.860 1.00 15.39 ? 166 ASN A C   1 
ATOM   784  O O   . ASN A 1 111 ? 11.125  5.960   -12.876 1.00 19.34 ? 166 ASN A O   1 
ATOM   785  C CB  . ASN A 1 111 ? 8.995   7.820   -13.254 1.00 25.04 ? 166 ASN A CB  1 
ATOM   786  C CG  . ASN A 1 111 ? 8.438   6.925   -14.363 1.00 41.50 ? 166 ASN A CG  1 
ATOM   787  O OD1 . ASN A 1 111 ? 7.489   7.342   -15.056 1.00 56.03 ? 166 ASN A OD1 1 
ATOM   788  N ND2 . ASN A 1 111 ? 8.942   5.705   -14.543 1.00 43.82 ? 166 ASN A ND2 1 
ATOM   789  N N   . ALA A 1 112 ? 10.699  5.761   -10.672 1.00 15.70 ? 167 ALA A N   1 
ATOM   790  C CA  . ALA A 1 112 ? 11.916  4.954   -10.397 1.00 13.34 ? 167 ALA A CA  1 
ATOM   791  C C   . ALA A 1 112 ? 11.711  3.494   -10.792 1.00 16.46 ? 167 ALA A C   1 
ATOM   792  O O   . ALA A 1 112 ? 10.619  2.908   -10.655 1.00 14.99 ? 167 ALA A O   1 
ATOM   793  C CB  . ALA A 1 112 ? 12.167  5.035   -8.887  1.00 16.26 ? 167 ALA A CB  1 
ATOM   794  N N   . THR A 1 113 ? 12.756  2.921   -11.333 1.00 16.18 ? 168 THR A N   1 
ATOM   795  C CA  . THR A 1 113 ? 12.852  1.509   -11.719 1.00 16.92 ? 168 THR A CA  1 
ATOM   796  C C   . THR A 1 113 ? 13.528  0.808   -10.558 1.00 18.16 ? 168 THR A C   1 
ATOM   797  O O   . THR A 1 113 ? 14.590  1.269   -10.020 1.00 18.65 ? 168 THR A O   1 
ATOM   798  C CB  . THR A 1 113 ? 13.621  1.318   -13.087 1.00 11.62 ? 168 THR A CB  1 
ATOM   799  O OG1 . THR A 1 113 ? 12.870  2.007   -14.089 1.00 18.71 ? 168 THR A OG1 1 
ATOM   800  C CG2 . THR A 1 113 ? 13.857  -0.181  -13.411 1.00 20.92 ? 168 THR A CG2 1 
ATOM   801  N N   . VAL A 1 114 ? 12.968  -0.338  -10.140 1.00 16.30 ? 169 VAL A N   1 
ATOM   802  C CA  . VAL A 1 114 ? 13.523  -1.063  -9.000  1.00 13.27 ? 169 VAL A CA  1 
ATOM   803  C C   . VAL A 1 114 ? 13.655  -2.547  -9.333  1.00 15.69 ? 169 VAL A C   1 
ATOM   804  O O   . VAL A 1 114 ? 12.683  -3.195  -9.687  1.00 16.78 ? 169 VAL A O   1 
ATOM   805  C CB  . VAL A 1 114 ? 12.691  -0.906  -7.710  1.00 18.07 ? 169 VAL A CB  1 
ATOM   806  C CG1 . VAL A 1 114 ? 13.488  -1.403  -6.487  1.00 20.36 ? 169 VAL A CG1 1 
ATOM   807  C CG2 . VAL A 1 114 ? 12.186  0.501   -7.459  1.00 19.97 ? 169 VAL A CG2 1 
ATOM   808  N N   . ASN A 1 115 ? 14.867  -3.017  -9.156  1.00 18.08 ? 170 ASN A N   1 
ATOM   809  C CA  . ASN A 1 115 ? 15.227  -4.423  -9.392  1.00 15.72 ? 170 ASN A CA  1 
ATOM   810  C C   . ASN A 1 115 ? 15.231  -5.140  -8.043  1.00 15.59 ? 170 ASN A C   1 
ATOM   811  O O   . ASN A 1 115 ? 16.040  -4.856  -7.146  1.00 21.63 ? 170 ASN A O   1 
ATOM   812  C CB  . ASN A 1 115 ? 16.545  -4.491  -10.154 1.00 23.66 ? 170 ASN A CB  1 
ATOM   813  C CG  . ASN A 1 115 ? 16.909  -5.880  -10.617 1.00 19.69 ? 170 ASN A CG  1 
ATOM   814  O OD1 . ASN A 1 115 ? 16.622  -6.892  -9.973  1.00 27.08 ? 170 ASN A OD1 1 
ATOM   815  N ND2 . ASN A 1 115 ? 17.586  -5.944  -11.761 1.00 31.21 ? 170 ASN A ND2 1 
ATOM   816  N N   . TYR A 1 116 ? 14.318  -6.088  -7.924  1.00 13.79 ? 171 TYR A N   1 
ATOM   817  C CA  . TYR A 1 116 ? 14.168  -6.954  -6.749  1.00 16.69 ? 171 TYR A CA  1 
ATOM   818  C C   . TYR A 1 116 ? 14.834  -8.338  -6.934  1.00 18.15 ? 171 TYR A C   1 
ATOM   819  O O   . TYR A 1 116 ? 14.463  -9.313  -6.248  1.00 20.93 ? 171 TYR A O   1 
ATOM   820  C CB  . TYR A 1 116 ? 12.659  -7.130  -6.444  1.00 15.07 ? 171 TYR A CB  1 
ATOM   821  C CG  . TYR A 1 116 ? 11.973  -5.877  -5.944  1.00 15.34 ? 171 TYR A CG  1 
ATOM   822  C CD1 . TYR A 1 116 ? 10.701  -5.553  -6.435  1.00 15.23 ? 171 TYR A CD1 1 
ATOM   823  C CD2 . TYR A 1 116 ? 12.535  -5.034  -4.987  1.00 16.59 ? 171 TYR A CD2 1 
ATOM   824  C CE1 . TYR A 1 116 ? 9.993   -4.436  -5.977  1.00 12.72 ? 171 TYR A CE1 1 
ATOM   825  C CE2 . TYR A 1 116 ? 11.851  -3.905  -4.522  1.00 15.40 ? 171 TYR A CE2 1 
ATOM   826  C CZ  . TYR A 1 116 ? 10.587  -3.605  -5.043  1.00 14.39 ? 171 TYR A CZ  1 
ATOM   827  O OH  . TYR A 1 116 ? 9.917   -2.507  -4.570  1.00 17.74 ? 171 TYR A OH  1 
ATOM   828  N N   . GLY A 1 117 ? 15.769  -8.409  -7.868  1.00 20.59 ? 172 GLY A N   1 
ATOM   829  C CA  . GLY A 1 117 ? 16.488  -9.680  -8.118  1.00 19.57 ? 172 GLY A CA  1 
ATOM   830  C C   . GLY A 1 117 ? 15.605  -10.803 -8.622  1.00 18.70 ? 172 GLY A C   1 
ATOM   831  O O   . GLY A 1 117 ? 14.922  -10.656 -9.634  1.00 20.94 ? 172 GLY A O   1 
ATOM   832  N N   . SER A 1 118 ? 15.640  -11.932 -7.891  1.00 18.72 ? 173 SER A N   1 
ATOM   833  C CA  . SER A 1 118 ? 14.836  -13.105 -8.280  1.00 21.48 ? 173 SER A CA  1 
ATOM   834  C C   . SER A 1 118 ? 13.348  -12.771 -8.429  1.00 17.85 ? 173 SER A C   1 
ATOM   835  O O   . SER A 1 118 ? 12.673  -13.398 -9.250  1.00 21.79 ? 173 SER A O   1 
ATOM   836  C CB  . SER A 1 118 ? 15.106  -14.290 -7.365  1.00 25.00 ? 173 SER A CB  1 
ATOM   837  O OG  . SER A 1 118 ? 15.493  -13.801 -6.087  1.00 41.38 ? 173 SER A OG  1 
ATOM   838  N N   . SER A 1 119 ? 12.883  -11.760 -7.712  1.00 18.46 ? 174 SER A N   1 
ATOM   839  C CA  . SER A 1 119 ? 11.475  -11.313 -7.742  1.00 16.52 ? 174 SER A CA  1 
ATOM   840  C C   . SER A 1 119 ? 11.101  -10.487 -8.959  1.00 15.31 ? 174 SER A C   1 
ATOM   841  O O   . SER A 1 119 ? 9.878   -10.314 -9.238  1.00 17.75 ? 174 SER A O   1 
ATOM   842  C CB  . SER A 1 119 ? 11.062  -10.578 -6.464  1.00 15.96 ? 174 SER A CB  1 
ATOM   843  O OG  . SER A 1 119 ? 11.036  -11.486 -5.386  1.00 26.56 ? 174 SER A OG  1 
ATOM   844  N N   . GLY A 1 120 ? 12.069  -9.972  -9.675  1.00 14.40 ? 175 GLY A N   1 
ATOM   845  C CA  . GLY A 1 120 ? 11.826  -9.202  -10.908 1.00 15.41 ? 175 GLY A CA  1 
ATOM   846  C C   . GLY A 1 120 ? 11.991  -7.684  -10.673 1.00 13.94 ? 175 GLY A C   1 
ATOM   847  O O   . GLY A 1 120 ? 12.449  -7.293  -9.609  1.00 16.44 ? 175 GLY A O   1 
ATOM   848  N N   . ILE A 1 121 ? 11.614  -6.982  -11.707 1.00 13.54 ? 176 ILE A N   1 
ATOM   849  C CA  . ILE A 1 121 ? 11.765  -5.538  -11.789 1.00 13.20 ? 176 ILE A CA  1 
ATOM   850  C C   . ILE A 1 121 ? 10.407  -4.854  -11.867 1.00 12.35 ? 176 ILE A C   1 
ATOM   851  O O   . ILE A 1 121 ? 9.501   -5.356  -12.544 1.00 10.83 ? 176 ILE A O   1 
ATOM   852  C CB  . ILE A 1 121 ? 12.622  -5.205  -13.072 1.00 15.33 ? 176 ILE A CB  1 
ATOM   853  C CG1 . ILE A 1 121 ? 13.944  -6.057  -13.028 1.00 17.57 ? 176 ILE A CG1 1 
ATOM   854  C CG2 . ILE A 1 121 ? 12.955  -3.697  -13.132 1.00 16.38 ? 176 ILE A CG2 1 
ATOM   855  C CD1 . ILE A 1 121 ? 14.655  -6.071  -14.418 1.00 25.99 ? 176 ILE A CD1 1 
ATOM   856  N N   . VAL A 1 122 ? 10.308  -3.757  -11.145 1.00 11.99 ? 177 VAL A N   1 
ATOM   857  C CA  . VAL A 1 122 ? 9.089   -2.917  -11.185 1.00 12.44 ? 177 VAL A CA  1 
ATOM   858  C C   . VAL A 1 122 ? 9.474   -1.544  -11.747 1.00 12.56 ? 177 VAL A C   1 
ATOM   859  O O   . VAL A 1 122 ? 10.602  -1.117  -11.529 1.00 12.72 ? 177 VAL A O   1 
ATOM   860  C CB  . VAL A 1 122 ? 8.461   -2.839  -9.781  1.00 16.17 ? 177 VAL A CB  1 
ATOM   861  C CG1 . VAL A 1 122 ? 8.042   -4.240  -9.316  1.00 11.72 ? 177 VAL A CG1 1 
ATOM   862  C CG2 . VAL A 1 122 ? 9.395   -2.210  -8.766  1.00 17.72 ? 177 VAL A CG2 1 
ATOM   863  N N   . TYR A 1 123 ? 8.572   -0.894  -12.415 1.00 10.60 ? 178 TYR A N   1 
ATOM   864  C CA  . TYR A 1 123 ? 8.747   0.421   -13.023 1.00 13.55 ? 178 TYR A CA  1 
ATOM   865  C C   . TYR A 1 123 ? 7.703   1.420   -12.489 1.00 14.43 ? 178 TYR A C   1 
ATOM   866  O O   . TYR A 1 123 ? 6.635   1.022   -12.012 1.00 12.76 ? 178 TYR A O   1 
ATOM   867  C CB  . TYR A 1 123 ? 8.569   0.343   -14.571 1.00 11.82 ? 178 TYR A CB  1 
ATOM   868  C CG  . TYR A 1 123 ? 9.455   -0.710  -15.189 1.00 19.17 ? 178 TYR A CG  1 
ATOM   869  C CD1 . TYR A 1 123 ? 9.001   -2.007  -15.441 1.00 19.92 ? 178 TYR A CD1 1 
ATOM   870  C CD2 . TYR A 1 123 ? 10.783  -0.384  -15.479 1.00 20.55 ? 178 TYR A CD2 1 
ATOM   871  C CE1 . TYR A 1 123 ? 9.843   -2.984  -16.007 1.00 20.94 ? 178 TYR A CE1 1 
ATOM   872  C CE2 . TYR A 1 123 ? 11.647  -1.332  -16.039 1.00 23.75 ? 178 TYR A CE2 1 
ATOM   873  C CZ  . TYR A 1 123 ? 11.165  -2.608  -16.300 1.00 22.77 ? 178 TYR A CZ  1 
ATOM   874  O OH  . TYR A 1 123 ? 12.064  -3.485  -16.849 1.00 26.67 ? 178 TYR A OH  1 
ATOM   875  N N   . GLY A 1 124 ? 8.051   2.692   -12.628 1.00 10.83 ? 179 GLY A N   1 
ATOM   876  C CA  . GLY A 1 124 ? 7.115   3.782   -12.330 1.00 11.19 ? 179 GLY A CA  1 
ATOM   877  C C   . GLY A 1 124 ? 6.864   4.007   -10.858 1.00 12.28 ? 179 GLY A C   1 
ATOM   878  O O   . GLY A 1 124 ? 5.791   4.582   -10.568 1.00 14.32 ? 179 GLY A O   1 
ATOM   879  N N   . MET A 1 125 ? 7.829   3.694   -10.031 1.00 10.91 ? 180 MET A N   1 
ATOM   880  C CA  . MET A 1 125 ? 7.660   3.817   -8.582  1.00 10.12 ? 180 MET A CA  1 
ATOM   881  C C   . MET A 1 125 ? 8.035   5.187   -8.004  1.00 10.96 ? 180 MET A C   1 
ATOM   882  O O   . MET A 1 125 ? 8.896   5.891   -8.487  1.00 12.59 ? 180 MET A O   1 
ATOM   883  C CB  . MET A 1 125 ? 8.466   2.729   -7.858  1.00 13.32 ? 180 MET A CB  1 
ATOM   884  C CG  . MET A 1 125 ? 8.325   1.362   -8.482  1.00 11.59 ? 180 MET A CG  1 
ATOM   885  S SD  . MET A 1 125 ? 6.598   0.769   -8.111  1.00 22.84 ? 180 MET A SD  1 
ATOM   886  C CE  . MET A 1 125 ? 6.766   0.405   -6.425  1.00 25.03 ? 180 MET A CE  1 
ATOM   887  N N   . ILE A 1 126 ? 7.288   5.551   -6.983  1.00 12.86 ? 181 ILE A N   1 
ATOM   888  C CA  . ILE A 1 126 ? 7.514   6.768   -6.180  1.00 10.14 ? 181 ILE A CA  1 
ATOM   889  C C   . ILE A 1 126 ? 8.689   6.389   -5.265  1.00 14.30 ? 181 ILE A C   1 
ATOM   890  O O   . ILE A 1 126 ? 8.651   5.297   -4.666  1.00 14.65 ? 181 ILE A O   1 
ATOM   891  C CB  . ILE A 1 126 ? 6.280   7.140   -5.309  1.00 10.68 ? 181 ILE A CB  1 
ATOM   892  C CG1 . ILE A 1 126 ? 5.028   7.409   -6.191  1.00 13.89 ? 181 ILE A CG1 1 
ATOM   893  C CG2 . ILE A 1 126 ? 6.594   8.296   -4.351  1.00 11.59 ? 181 ILE A CG2 1 
ATOM   894  C CD1 . ILE A 1 126 ? 3.672   7.336   -5.385  1.00 19.75 ? 181 ILE A CD1 1 
ATOM   895  N N   . GLN A 1 127 ? 9.651   7.264   -5.136  1.00 10.61 ? 182 GLN A N   1 
ATOM   896  C CA  . GLN A 1 127 ? 10.786  7.051   -4.241  1.00 12.92 ? 182 GLN A CA  1 
ATOM   897  C C   . GLN A 1 127 ? 10.694  7.994   -3.033  1.00 11.32 ? 182 GLN A C   1 
ATOM   898  O O   . GLN A 1 127 ? 10.406  9.206   -3.269  1.00 12.66 ? 182 GLN A O   1 
ATOM   899  C CB  . GLN A 1 127 ? 12.085  7.260   -5.047  1.00 14.97 ? 182 GLN A CB  1 
ATOM   900  C CG  . GLN A 1 127 ? 13.301  7.248   -4.128  1.00 20.03 ? 182 GLN A CG  1 
ATOM   901  C CD  . GLN A 1 127 ? 14.630  7.098   -4.818  1.00 28.07 ? 182 GLN A CD  1 
ATOM   902  O OE1 . GLN A 1 127 ? 14.823  7.159   -6.021  1.00 30.01 ? 182 GLN A OE1 1 
ATOM   903  N NE2 . GLN A 1 127 ? 15.637  6.842   -3.971  1.00 37.79 ? 182 GLN A NE2 1 
ATOM   904  N N   . THR A 1 128 ? 10.956  7.510   -1.844  1.00 11.95 ? 183 THR A N   1 
ATOM   905  C CA  . THR A 1 128 ? 10.943  8.336   -0.640  1.00 13.17 ? 183 THR A CA  1 
ATOM   906  C C   . THR A 1 128 ? 12.121  8.004   0.277   1.00 12.11 ? 183 THR A C   1 
ATOM   907  O O   . THR A 1 128 ? 12.729  6.941   0.077   1.00 15.46 ? 183 THR A O   1 
ATOM   908  C CB  . THR A 1 128 ? 9.606   8.278   0.199   1.00 11.98 ? 183 THR A CB  1 
ATOM   909  O OG1 . THR A 1 128 ? 9.702   7.103   1.046   1.00 13.29 ? 183 THR A OG1 1 
ATOM   910  C CG2 . THR A 1 128 ? 8.333   8.276   -0.663  1.00 11.45 ? 183 THR A CG2 1 
ATOM   911  N N   . ASN A 1 129 ? 12.322  8.877   1.244   1.00 10.73 ? 184 ASN A N   1 
ATOM   912  C CA  . ASN A 1 129 ? 13.392  8.631   2.240   1.00 13.84 ? 184 ASN A CA  1 
ATOM   913  C C   . ASN A 1 129 ? 12.727  8.068   3.491   1.00 14.33 ? 184 ASN A C   1 
ATOM   914  O O   . ASN A 1 129 ? 13.246  8.201   4.616   1.00 17.67 ? 184 ASN A O   1 
ATOM   915  C CB  . ASN A 1 129 ? 14.214  9.917   2.429   1.00 19.01 ? 184 ASN A CB  1 
ATOM   916  C CG  . ASN A 1 129 ? 13.416  11.055  3.034   1.00 22.90 ? 184 ASN A CG  1 
ATOM   917  O OD1 . ASN A 1 129 ? 12.263  10.901  3.435   1.00 15.86 ? 184 ASN A OD1 1 
ATOM   918  N ND2 . ASN A 1 129 ? 14.040  12.239  3.114   1.00 23.24 ? 184 ASN A ND2 1 
ATOM   919  N N   . VAL A 1 130 ? 11.518  7.440   3.335   1.00 14.85 ? 190 VAL A N   1 
ATOM   920  C CA  . VAL A 1 130 ? 10.848  6.881   4.507   1.00 14.54 ? 190 VAL A CA  1 
ATOM   921  C C   . VAL A 1 130 ? 11.342  5.418   4.654   1.00 11.88 ? 190 VAL A C   1 
ATOM   922  O O   . VAL A 1 130 ? 11.492  4.731   3.631   1.00 16.00 ? 190 VAL A O   1 
ATOM   923  C CB  . VAL A 1 130 ? 9.312   6.948   4.379   1.00 15.73 ? 190 VAL A CB  1 
ATOM   924  C CG1 . VAL A 1 130 ? 8.647   6.352   5.618   1.00 14.50 ? 190 VAL A CG1 1 
ATOM   925  C CG2 . VAL A 1 130 ? 8.798   8.311   3.983   1.00 17.03 ? 190 VAL A CG2 1 
ATOM   926  N N   . CYS A 1 131 ? 11.549  5.030   5.901   1.00 15.71 ? 191 CYS A N   1 
ATOM   927  C CA  . CYS A 1 131 ? 12.013  3.635   6.119   1.00 15.72 ? 191 CYS A CA  1 
ATOM   928  C C   . CYS A 1 131 ? 10.814  2.678   6.102   1.00 14.70 ? 191 CYS A C   1 
ATOM   929  O O   . CYS A 1 131 ? 9.654   3.081   6.256   1.00 15.43 ? 191 CYS A O   1 
ATOM   930  C CB  . CYS A 1 131 ? 12.782  3.551   7.448   1.00 18.40 ? 191 CYS A CB  1 
ATOM   931  S SG  . CYS A 1 131 ? 11.744  3.808   8.916   1.00 20.67 ? 191 CYS A SG  1 
ATOM   932  N N   . ALA A 1 132 ? 11.121  1.393   5.897   1.00 15.24 ? 192 ALA A N   1 
ATOM   933  C CA  . ALA A 1 132 ? 10.138  0.319   5.959   1.00 16.88 ? 192 ALA A CA  1 
ATOM   934  C C   . ALA A 1 132 ? 10.871  -1.008  6.204   1.00 15.06 ? 192 ALA A C   1 
ATOM   935  O O   . ALA A 1 132 ? 12.062  -1.109  5.891   1.00 18.10 ? 192 ALA A O   1 
ATOM   936  C CB  . ALA A 1 132 ? 9.278   0.263   4.689   1.00 15.05 ? 192 ALA A CB  1 
ATOM   937  N N   . GLN A 1 133 A 10.113  -1.971  6.669   1.00 14.61 ? 192 GLN A N   1 
ATOM   938  C CA  . GLN A 1 133 A 10.660  -3.336  6.956   1.00 14.90 ? 192 GLN A CA  1 
ATOM   939  C C   . GLN A 1 133 A 9.680   -4.358  6.430   1.00 17.43 ? 192 GLN A C   1 
ATOM   940  O O   . GLN A 1 133 A 8.506   -4.049  6.065   1.00 17.18 ? 192 GLN A O   1 
ATOM   941  C CB  . GLN A 1 133 A 10.899  -3.462  8.472   1.00 16.34 ? 192 GLN A CB  1 
ATOM   942  C CG  . GLN A 1 133 A 11.957  -2.461  8.954   1.00 19.29 ? 192 GLN A CG  1 
ATOM   943  C CD  . GLN A 1 133 A 12.296  -2.505  10.420  1.00 24.10 ? 192 GLN A CD  1 
ATOM   944  O OE1 . GLN A 1 133 A 13.043  -1.643  10.899  1.00 26.90 ? 192 GLN A OE1 1 
ATOM   945  N NE2 . GLN A 1 133 A 11.753  -3.464  11.168  1.00 25.59 ? 192 GLN A NE2 1 
ATOM   946  N N   . PRO A 1 134 B 10.121  -5.610  6.296   1.00 17.95 ? 192 PRO A N   1 
ATOM   947  C CA  . PRO A 1 134 B 9.270   -6.705  5.802   1.00 18.24 ? 192 PRO A CA  1 
ATOM   948  C C   . PRO A 1 134 B 8.004   -6.726  6.661   1.00 17.54 ? 192 PRO A C   1 
ATOM   949  O O   . PRO A 1 134 B 8.078   -6.579  7.893   1.00 17.79 ? 192 PRO A O   1 
ATOM   950  C CB  . PRO A 1 134 B 10.128  -7.967  5.977   1.00 20.78 ? 192 PRO A CB  1 
ATOM   951  C CG  . PRO A 1 134 B 11.522  -7.425  5.822   1.00 19.85 ? 192 PRO A CG  1 
ATOM   952  C CD  . PRO A 1 134 B 11.476  -6.108  6.631   1.00 19.73 ? 192 PRO A CD  1 
ATOM   953  N N   . GLY A 1 135 ? 6.876   -6.883  5.959   1.00 15.12 ? 193 GLY A N   1 
ATOM   954  C CA  . GLY A 1 135 ? 5.564   -6.867  6.632   1.00 12.85 ? 193 GLY A CA  1 
ATOM   955  C C   . GLY A 1 135 ? 4.871   -5.508  6.342   1.00 11.13 ? 193 GLY A C   1 
ATOM   956  O O   . GLY A 1 135 ? 3.646   -5.470  6.418   1.00 10.32 ? 193 GLY A O   1 
ATOM   957  N N   . ASP A 1 136 ? 5.663   -4.474  6.100   1.00 9.72  ? 194 ASP A N   1 
ATOM   958  C CA  . ASP A 1 136 ? 5.091   -3.169  5.786   1.00 10.52 ? 194 ASP A CA  1 
ATOM   959  C C   . ASP A 1 136 ? 4.523   -3.107  4.355   1.00 9.18  ? 194 ASP A C   1 
ATOM   960  O O   . ASP A 1 136 ? 3.772   -2.161  4.056   1.00 9.86  ? 194 ASP A O   1 
ATOM   961  C CB  . ASP A 1 136 ? 6.149   -2.071  5.975   1.00 11.51 ? 194 ASP A CB  1 
ATOM   962  C CG  . ASP A 1 136 ? 6.398   -1.751  7.448   1.00 12.84 ? 194 ASP A CG  1 
ATOM   963  O OD1 . ASP A 1 136 ? 7.509   -1.269  7.747   1.00 12.71 ? 194 ASP A OD1 1 
ATOM   964  O OD2 . ASP A 1 136 ? 5.524   -1.952  8.293   1.00 11.74 ? 194 ASP A OD2 1 
ATOM   965  N N   . SER A 1 137 ? 4.943   -4.025  3.512   1.00 10.97 ? 195 SER A N   1 
ATOM   966  C CA  . SER A 1 137 ? 4.482   -4.017  2.097   1.00 10.66 ? 195 SER A CA  1 
ATOM   967  C C   . SER A 1 137 ? 2.957   -3.960  1.963   1.00 7.84  ? 195 SER A C   1 
ATOM   968  O O   . SER A 1 137 ? 2.257   -4.628  2.737   1.00 9.92  ? 195 SER A O   1 
ATOM   969  C CB  . SER A 1 137 ? 4.906   -5.349  1.405   1.00 15.16 ? 195 SER A CB  1 
ATOM   970  O OG  . SER A 1 137 ? 6.298   -5.214  1.177   1.00 23.34 ? 195 SER A OG  1 
ATOM   971  N N   . GLY A 1 138 ? 2.535   -3.198  0.960   1.00 8.23  ? 196 GLY A N   1 
ATOM   972  C CA  . GLY A 1 138 ? 1.119   -3.012  0.693   1.00 6.38  ? 196 GLY A CA  1 
ATOM   973  C C   . GLY A 1 138 ? 0.507   -1.862  1.475   1.00 7.66  ? 196 GLY A C   1 
ATOM   974  O O   . GLY A 1 138 ? -0.626  -1.461  1.103   1.00 11.14 ? 196 GLY A O   1 
ATOM   975  N N   . GLY A 1 139 ? 1.228   -1.372  2.489   1.00 8.10  ? 197 GLY A N   1 
ATOM   976  C CA  . GLY A 1 139 ? 0.667   -0.326  3.361   1.00 11.83 ? 197 GLY A CA  1 
ATOM   977  C C   . GLY A 1 139 ? 0.502   1.029   2.668   1.00 11.07 ? 197 GLY A C   1 
ATOM   978  O O   . GLY A 1 139 ? 0.964   1.293   1.553   1.00 12.44 ? 197 GLY A O   1 
ATOM   979  N N   . SER A 1 140 ? -0.091  1.938   3.390   1.00 7.63  ? 198 SER A N   1 
ATOM   980  C CA  . SER A 1 140 ? -0.479  3.232   2.858   1.00 8.69  ? 198 SER A CA  1 
ATOM   981  C C   . SER A 1 140 ? 0.613   4.302   2.839   1.00 8.93  ? 198 SER A C   1 
ATOM   982  O O   . SER A 1 140 ? 1.218   4.490   3.876   1.00 12.09 ? 198 SER A O   1 
ATOM   983  C CB  . SER A 1 140 ? -1.626  3.758   3.767   1.00 10.64 ? 198 SER A CB  1 
ATOM   984  O OG  . SER A 1 140 ? -2.467  2.743   4.320   1.00 8.76  ? 198 SER A OG  1 
ATOM   985  N N   . LEU A 1 141 ? 0.737   4.928   1.670   1.00 7.63  ? 199 LEU A N   1 
ATOM   986  C CA  . LEU A 1 141 ? 1.544   6.155   1.552   1.00 8.85  ? 199 LEU A CA  1 
ATOM   987  C C   . LEU A 1 141 ? 0.427   7.235   1.312   1.00 8.17  ? 199 LEU A C   1 
ATOM   988  O O   . LEU A 1 141 ? -0.408  7.101   0.404   1.00 8.68  ? 199 LEU A O   1 
ATOM   989  C CB  . LEU A 1 141 ? 2.577   6.178   0.436   1.00 10.21 ? 199 LEU A CB  1 
ATOM   990  C CG  . LEU A 1 141 ? 3.440   7.462   0.504   1.00 8.18  ? 199 LEU A CG  1 
ATOM   991  C CD1 . LEU A 1 141 ? 4.575   7.296   1.495   1.00 11.52 ? 199 LEU A CD1 1 
ATOM   992  C CD2 . LEU A 1 141 ? 4.020   7.668   -0.900  1.00 14.15 ? 199 LEU A CD2 1 
ATOM   993  N N   . PHE A 1 142 ? 0.490   8.270   2.176   1.00 6.42  ? 200 PHE A N   1 
ATOM   994  C CA  . PHE A 1 142 ? -0.588  9.316   2.080   1.00 8.33  ? 200 PHE A CA  1 
ATOM   995  C C   . PHE A 1 142 ? -0.037  10.684  2.576   1.00 8.29  ? 200 PHE A C   1 
ATOM   996  O O   . PHE A 1 142 ? 1.038   10.731  3.203   1.00 11.39 ? 200 PHE A O   1 
ATOM   997  C CB  . PHE A 1 142 ? -1.785  8.858   2.931   1.00 9.32  ? 200 PHE A CB  1 
ATOM   998  C CG  . PHE A 1 142 ? -1.463  8.694   4.395   1.00 8.41  ? 200 PHE A CG  1 
ATOM   999  C CD1 . PHE A 1 142 ? -1.832  9.723   5.297   1.00 13.34 ? 200 PHE A CD1 1 
ATOM   1000 C CD2 . PHE A 1 142 ? -0.759  7.590   4.907   1.00 9.94  ? 200 PHE A CD2 1 
ATOM   1001 C CE1 . PHE A 1 142 ? -1.515  9.651   6.644   1.00 10.84 ? 200 PHE A CE1 1 
ATOM   1002 C CE2 . PHE A 1 142 ? -0.466  7.492   6.262   1.00 10.49 ? 200 PHE A CE2 1 
ATOM   1003 C CZ  . PHE A 1 142 ? -0.840  8.538   7.148   1.00 10.30 ? 200 PHE A CZ  1 
ATOM   1004 N N   . ALA A 1 143 ? -0.792  11.707  2.239   1.00 9.33  ? 201 ALA A N   1 
ATOM   1005 C CA  . ALA A 1 143 ? -0.416  13.108  2.684   1.00 11.56 ? 201 ALA A CA  1 
ATOM   1006 C C   . ALA A 1 143 ? -1.781  13.667  3.138   1.00 7.31  ? 201 ALA A C   1 
ATOM   1007 O O   . ALA A 1 143 ? -2.632  13.917  2.295   1.00 11.12 ? 201 ALA A O   1 
ATOM   1008 C CB  . ALA A 1 143 ? 0.205   13.848  1.525   1.00 13.57 ? 201 ALA A CB  1 
ATOM   1009 N N   . GLY A 1 144 ? -1.963  13.682  4.438   1.00 12.12 ? 202 GLY A N   1 
ATOM   1010 C CA  . GLY A 1 144 ? -3.291  14.129  4.975   1.00 16.03 ? 202 GLY A CA  1 
ATOM   1011 C C   . GLY A 1 144 ? -4.353  13.154  4.449   1.00 12.60 ? 202 GLY A C   1 
ATOM   1012 O O   . GLY A 1 144 ? -4.160  11.907  4.492   1.00 14.47 ? 202 GLY A O   1 
ATOM   1013 N N   . SER A 1 145 ? -5.430  13.710  3.922   1.00 10.10 ? 207 SER A N   1 
ATOM   1014 C CA  . SER A 1 145 ? -6.552  12.860  3.461   1.00 10.58 ? 207 SER A CA  1 
ATOM   1015 C C   . SER A 1 145 ? -6.448  12.395  2.007   1.00 10.64 ? 207 SER A C   1 
ATOM   1016 O O   . SER A 1 145 ? -7.432  11.883  1.452   1.00 12.03 ? 207 SER A O   1 
ATOM   1017 C CB  . SER A 1 145 ? -7.859  13.613  3.717   1.00 14.28 ? 207 SER A CB  1 
ATOM   1018 O OG  . SER A 1 145 ? -7.922  14.734  2.837   1.00 15.58 ? 207 SER A OG  1 
ATOM   1019 N N   . THR A 1 146 ? -5.255  12.580  1.425   1.00 10.24 ? 208 THR A N   1 
ATOM   1020 C CA  . THR A 1 146 ? -5.028  12.189  0.027   1.00 8.39  ? 208 THR A CA  1 
ATOM   1021 C C   . THR A 1 146 ? -4.141  10.910  -0.023  1.00 10.41 ? 208 THR A C   1 
ATOM   1022 O O   . THR A 1 146 ? -2.999  10.944  0.463   1.00 10.21 ? 208 THR A O   1 
ATOM   1023 C CB  . THR A 1 146 ? -4.275  13.363  -0.732  1.00 13.52 ? 208 THR A CB  1 
ATOM   1024 O OG1 . THR A 1 146 ? -5.101  14.584  -0.651  1.00 12.39 ? 208 THR A OG1 1 
ATOM   1025 C CG2 . THR A 1 146 ? -3.974  12.953  -2.181  1.00 10.87 ? 208 THR A CG2 1 
ATOM   1026 N N   . ALA A 1 147 ? -4.713  9.868   -0.602  1.00 9.77  ? 209 ALA A N   1 
ATOM   1027 C CA  . ALA A 1 147 ? -4.007  8.590   -0.775  1.00 8.96  ? 209 ALA A CA  1 
ATOM   1028 C C   . ALA A 1 147 ? -3.012  8.759   -1.930  1.00 9.75  ? 209 ALA A C   1 
ATOM   1029 O O   . ALA A 1 147 ? -3.423  9.294   -2.986  1.00 9.60  ? 209 ALA A O   1 
ATOM   1030 C CB  . ALA A 1 147 ? -5.017  7.476   -1.101  1.00 8.50  ? 209 ALA A CB  1 
ATOM   1031 N N   . LEU A 1 148 ? -1.783  8.236   -1.763  1.00 7.66  ? 210 LEU A N   1 
ATOM   1032 C CA  . LEU A 1 148 ? -0.795  8.354   -2.793  1.00 8.26  ? 210 LEU A CA  1 
ATOM   1033 C C   . LEU A 1 148 ? -0.194  7.040   -3.332  1.00 6.51  ? 210 LEU A C   1 
ATOM   1034 O O   . LEU A 1 148 ? 0.067   6.981   -4.536  1.00 7.85  ? 210 LEU A O   1 
ATOM   1035 C CB  . LEU A 1 148 ? 0.425   9.190   -2.294  1.00 11.25 ? 210 LEU A CB  1 
ATOM   1036 C CG  . LEU A 1 148 ? 0.056   10.618  -1.817  1.00 10.00 ? 210 LEU A CG  1 
ATOM   1037 C CD1 . LEU A 1 148 ? 1.305   11.215  -1.157  1.00 11.87 ? 210 LEU A CD1 1 
ATOM   1038 C CD2 . LEU A 1 148 ? -0.446  11.454  -2.986  1.00 11.83 ? 210 LEU A CD2 1 
ATOM   1039 N N   . GLY A 1 149 ? 0.045   6.116   -2.417  1.00 7.81  ? 211 GLY A N   1 
ATOM   1040 C CA  . GLY A 1 149 ? 0.760   4.892   -2.896  1.00 7.76  ? 211 GLY A CA  1 
ATOM   1041 C C   . GLY A 1 149 ? 0.666   3.699   -2.013  1.00 6.50  ? 211 GLY A C   1 
ATOM   1042 O O   . GLY A 1 149 ? 0.091   3.852   -0.927  1.00 8.07  ? 211 GLY A O   1 
ATOM   1043 N N   . LEU A 1 150 ? 1.217   2.594   -2.529  1.00 8.03  ? 212 LEU A N   1 
ATOM   1044 C CA  . LEU A 1 150 ? 1.183   1.318   -1.751  1.00 6.15  ? 212 LEU A CA  1 
ATOM   1045 C C   . LEU A 1 150 ? 2.640   0.877   -1.571  1.00 8.07  ? 212 LEU A C   1 
ATOM   1046 O O   . LEU A 1 150 ? 3.364   0.825   -2.572  1.00 8.30  ? 212 LEU A O   1 
ATOM   1047 C CB  . LEU A 1 150 ? 0.410   0.311   -2.575  1.00 7.81  ? 212 LEU A CB  1 
ATOM   1048 C CG  . LEU A 1 150 ? -0.992  0.620   -3.100  1.00 8.00  ? 212 LEU A CG  1 
ATOM   1049 C CD1 . LEU A 1 150 ? -1.431  -0.419  -4.133  1.00 8.64  ? 212 LEU A CD1 1 
ATOM   1050 C CD2 . LEU A 1 150 ? -1.989  0.541   -1.942  1.00 12.47 ? 212 LEU A CD2 1 
ATOM   1051 N N   . THR A 1 151 ? 3.052   0.609   -0.372  1.00 8.88  ? 213 THR A N   1 
ATOM   1052 C CA  . THR A 1 151 ? 4.457   0.234   -0.119  1.00 8.44  ? 213 THR A CA  1 
ATOM   1053 C C   . THR A 1 151 ? 4.862   -1.010  -0.935  1.00 10.04 ? 213 THR A C   1 
ATOM   1054 O O   . THR A 1 151 ? 4.210   -2.061  -0.783  1.00 8.13  ? 213 THR A O   1 
ATOM   1055 C CB  . THR A 1 151 ? 4.742   -0.002  1.413   1.00 11.00 ? 213 THR A CB  1 
ATOM   1056 O OG1 . THR A 1 151 ? 4.160   1.163   2.084   1.00 10.29 ? 213 THR A OG1 1 
ATOM   1057 C CG2 . THR A 1 151 ? 6.234   -0.194  1.691   1.00 10.59 ? 213 THR A CG2 1 
ATOM   1058 N N   . SER A 1 152 ? 5.949   -0.841  -1.677  1.00 10.78 ? 214 SER A N   1 
ATOM   1059 C CA  . SER A 1 152 ? 6.438   -1.990  -2.503  1.00 9.70  ? 214 SER A CA  1 
ATOM   1060 C C   . SER A 1 152 ? 7.689   -2.628  -1.914  1.00 13.17 ? 214 SER A C   1 
ATOM   1061 O O   . SER A 1 152 ? 7.735   -3.849  -1.627  1.00 14.56 ? 214 SER A O   1 
ATOM   1062 C CB  . SER A 1 152 ? 6.623   -1.555  -3.934  1.00 8.98  ? 214 SER A CB  1 
ATOM   1063 O OG  . SER A 1 152 ? 7.221   -2.596  -4.743  1.00 10.93 ? 214 SER A OG  1 
ATOM   1064 N N   . GLY A 1 153 ? 8.700   -1.814  -1.738  1.00 12.99 ? 215 GLY A N   1 
ATOM   1065 C CA  . GLY A 1 153 ? 10.002  -2.347  -1.209  1.00 14.54 ? 215 GLY A CA  1 
ATOM   1066 C C   . GLY A 1 153 ? 10.973  -1.220  -0.941  1.00 16.11 ? 215 GLY A C   1 
ATOM   1067 O O   . GLY A 1 153 ? 10.590  -0.051  -0.836  1.00 14.05 ? 215 GLY A O   1 
ATOM   1068 N N   . GLY A 1 154 ? 12.232  -1.616  -0.766  1.00 16.89 ? 216 GLY A N   1 
ATOM   1069 C CA  . GLY A 1 154 ? 13.284  -0.574  -0.510  1.00 18.55 ? 216 GLY A CA  1 
ATOM   1070 C C   . GLY A 1 154 ? 14.532  -1.253  0.069   1.00 18.10 ? 216 GLY A C   1 
ATOM   1071 O O   . GLY A 1 154 ? 14.740  -2.457  -0.106  1.00 19.69 ? 216 GLY A O   1 
ATOM   1072 N N   . SER A 1 155 ? 15.315  -0.378  0.641   1.00 17.05 ? 217 SER A N   1 
ATOM   1073 C CA  . SER A 1 155 ? 16.618  -0.785  1.255   1.00 19.86 ? 217 SER A CA  1 
ATOM   1074 C C   . SER A 1 155 ? 16.652  -0.229  2.678   1.00 20.24 ? 217 SER A C   1 
ATOM   1075 O O   . SER A 1 155 ? 15.923  0.700   3.038   1.00 21.45 ? 217 SER A O   1 
ATOM   1076 C CB  . SER A 1 155 ? 17.741  -0.272  0.379   1.00 23.24 ? 217 SER A CB  1 
ATOM   1077 O OG  . SER A 1 155 ? 17.807  1.139   0.454   1.00 33.76 ? 217 SER A OG  1 
ATOM   1078 N N   . GLY A 1 156 ? 17.534  -0.807  3.469   1.00 23.77 ? 218 GLY A N   1 
ATOM   1079 C CA  . GLY A 1 156 ? 17.741  -0.434  4.867   1.00 23.21 ? 218 GLY A CA  1 
ATOM   1080 C C   . GLY A 1 156 ? 16.593  -0.907  5.737   1.00 22.61 ? 218 GLY A C   1 
ATOM   1081 O O   . GLY A 1 156 ? 15.885  -1.892  5.456   1.00 27.25 ? 218 GLY A O   1 
ATOM   1082 N N   . ASN A 1 157 ? 16.398  -0.136  6.806   1.00 24.33 ? 219 ASN A N   1 
ATOM   1083 C CA  . ASN A 1 157 ? 15.399  -0.445  7.832   1.00 24.84 ? 219 ASN A CA  1 
ATOM   1084 C C   . ASN A 1 157 ? 15.090  0.793   8.667   1.00 23.39 ? 219 ASN A C   1 
ATOM   1085 O O   . ASN A 1 157 ? 15.670  1.843   8.402   1.00 22.94 ? 219 ASN A O   1 
ATOM   1086 C CB  . ASN A 1 157 ? 15.897  -1.656  8.660   1.00 33.26 ? 219 ASN A CB  1 
ATOM   1087 C CG  . ASN A 1 157 ? 17.278  -1.264  9.238   1.00 38.25 ? 219 ASN A CG  1 
ATOM   1088 O OD1 . ASN A 1 157 ? 17.286  -0.464  10.184  1.00 34.79 ? 219 ASN A OD1 1 
ATOM   1089 N ND2 . ASN A 1 157 ? 18.327  -1.752  8.582   1.00 41.83 ? 219 ASN A ND2 1 
ATOM   1090 N N   . CYS A 1 158 ? 14.207  0.641   9.642   1.00 25.12 ? 220 CYS A N   1 
ATOM   1091 C CA  . CYS A 1 158 ? 13.780  1.773   10.462  1.00 25.67 ? 220 CYS A CA  1 
ATOM   1092 C C   . CYS A 1 158 ? 14.751  2.170   11.552  1.00 31.14 ? 220 CYS A C   1 
ATOM   1093 O O   . CYS A 1 158 ? 14.423  3.130   12.298  1.00 34.00 ? 220 CYS A O   1 
ATOM   1094 C CB  . CYS A 1 158 ? 12.337  1.568   10.923  1.00 22.13 ? 220 CYS A CB  1 
ATOM   1095 S SG  . CYS A 1 158 ? 11.228  1.921   9.517   1.00 20.79 ? 220 CYS A SG  1 
ATOM   1096 N N   . ARG A 1 159 ? 15.879  1.467   11.608  1.00 33.78 ? 221 ARG A N   1 
ATOM   1097 C CA  . ARG A 1 159 ? 16.854  1.860   12.670  1.00 38.65 ? 221 ARG A CA  1 
ATOM   1098 C C   . ARG A 1 159 ? 17.925  2.741   12.048  1.00 40.83 ? 221 ARG A C   1 
ATOM   1099 O O   . ARG A 1 159 ? 18.328  3.779   12.601  1.00 41.67 ? 221 ARG A O   1 
ATOM   1100 C CB  . ARG A 1 159 ? 17.388  0.627   13.367  1.00 44.04 ? 221 ARG A CB  1 
ATOM   1101 N N   . THR A 1 160 ? 18.354  2.301   10.883  1.00 40.28 ? 222 THR A N   1 
ATOM   1102 C CA  . THR A 1 160 ? 19.406  2.962   10.101  1.00 42.35 ? 222 THR A CA  1 
ATOM   1103 C C   . THR A 1 160 ? 18.807  3.930   9.089   1.00 41.05 ? 222 THR A C   1 
ATOM   1104 O O   . THR A 1 160 ? 19.501  4.836   8.601   1.00 42.28 ? 222 THR A O   1 
ATOM   1105 C CB  . THR A 1 160 ? 20.329  1.889   9.385   1.00 46.69 ? 222 THR A CB  1 
ATOM   1106 O OG1 . THR A 1 160 ? 19.754  1.567   8.070   1.00 52.50 ? 222 THR A OG1 1 
ATOM   1107 C CG2 . THR A 1 160 ? 20.557  0.598   10.186  1.00 51.05 ? 222 THR A CG2 1 
ATOM   1108 N N   . GLY A 1 161 ? 17.541  3.668   8.792   1.00 38.67 ? 223 GLY A N   1 
ATOM   1109 C CA  . GLY A 1 161 ? 16.793  4.457   7.785   1.00 33.56 ? 223 GLY A CA  1 
ATOM   1110 C C   . GLY A 1 161 ? 17.075  3.735   6.452   1.00 33.91 ? 223 GLY A C   1 
ATOM   1111 O O   . GLY A 1 161 ? 17.849  2.740   6.430   1.00 29.98 ? 223 GLY A O   1 
ATOM   1112 N N   . GLY A 1 162 ? 16.425  4.253   5.420   1.00 29.54 ? 224 GLY A N   1 
ATOM   1113 C CA  . GLY A 1 162 ? 16.611  3.649   4.086   1.00 27.03 ? 224 GLY A CA  1 
ATOM   1114 C C   . GLY A 1 162 ? 15.792  4.426   3.073   1.00 24.08 ? 224 GLY A C   1 
ATOM   1115 O O   . GLY A 1 162 ? 15.303  5.539   3.343   1.00 22.99 ? 224 GLY A O   1 
ATOM   1116 N N   . THR A 1 163 ? 15.694  3.822   1.916   1.00 22.22 ? 225 THR A N   1 
ATOM   1117 C CA  . THR A 1 163 ? 14.968  4.325   0.756   1.00 19.79 ? 225 THR A CA  1 
ATOM   1118 C C   . THR A 1 163 ? 13.795  3.362   0.533   1.00 21.11 ? 225 THR A C   1 
ATOM   1119 O O   . THR A 1 163 ? 14.035  2.133   0.674   1.00 18.57 ? 225 THR A O   1 
ATOM   1120 C CB  . THR A 1 163 ? 15.897  4.331   -0.514  1.00 23.20 ? 225 THR A CB  1 
ATOM   1121 O OG1 . THR A 1 163 ? 16.968  5.261   -0.145  1.00 32.05 ? 225 THR A OG1 1 
ATOM   1122 C CG2 . THR A 1 163 ? 15.211  4.758   -1.812  1.00 25.42 ? 225 THR A CG2 1 
ATOM   1123 N N   . THR A 1 164 ? 12.644  3.908   0.203   1.00 13.35 ? 226 THR A N   1 
ATOM   1124 C CA  . THR A 1 164 ? 11.482  3.005   -0.040  1.00 13.05 ? 226 THR A CA  1 
ATOM   1125 C C   . THR A 1 164 ? 10.812  3.449   -1.316  1.00 11.72 ? 226 THR A C   1 
ATOM   1126 O O   . THR A 1 164 ? 10.885  4.645   -1.705  1.00 12.50 ? 226 THR A O   1 
ATOM   1127 C CB  . THR A 1 164 ? 10.518  2.878   1.188   1.00 16.04 ? 226 THR A CB  1 
ATOM   1128 O OG1 . THR A 1 164 ? 10.149  4.251   1.563   1.00 15.04 ? 226 THR A OG1 1 
ATOM   1129 C CG2 . THR A 1 164 ? 11.163  2.110   2.358   1.00 18.57 ? 226 THR A CG2 1 
ATOM   1130 N N   . PHE A 1 165 ? 10.175  2.490   -1.982  1.00 9.52  ? 227 PHE A N   1 
ATOM   1131 C CA  . PHE A 1 165 ? 9.494   2.682   -3.283  1.00 8.75  ? 227 PHE A CA  1 
ATOM   1132 C C   . PHE A 1 165 ? 8.014   2.260   -3.120  1.00 10.66 ? 227 PHE A C   1 
ATOM   1133 O O   . PHE A 1 165 ? 7.759   1.295   -2.370  1.00 9.32  ? 227 PHE A O   1 
ATOM   1134 C CB  . PHE A 1 165 ? 10.142  1.779   -4.346  1.00 14.47 ? 227 PHE A CB  1 
ATOM   1135 C CG  . PHE A 1 165 ? 11.630  2.133   -4.449  1.00 13.50 ? 227 PHE A CG  1 
ATOM   1136 C CD1 . PHE A 1 165 ? 12.559  1.404   -3.740  1.00 15.38 ? 227 PHE A CD1 1 
ATOM   1137 C CD2 . PHE A 1 165 ? 11.989  3.206   -5.253  1.00 16.84 ? 227 PHE A CD2 1 
ATOM   1138 C CE1 . PHE A 1 165 ? 13.931  1.723   -3.860  1.00 18.23 ? 227 PHE A CE1 1 
ATOM   1139 C CE2 . PHE A 1 165 ? 13.343  3.566   -5.382  1.00 19.54 ? 227 PHE A CE2 1 
ATOM   1140 C CZ  . PHE A 1 165 ? 14.288  2.808   -4.671  1.00 17.69 ? 227 PHE A CZ  1 
ATOM   1141 N N   . TYR A 1 166 ? 7.169   3.000   -3.773  1.00 8.04  ? 228 TYR A N   1 
ATOM   1142 C CA  . TYR A 1 166 ? 5.697   2.785   -3.666  1.00 6.83  ? 228 TYR A CA  1 
ATOM   1143 C C   . TYR A 1 166 ? 5.059   2.811   -5.044  1.00 7.82  ? 228 TYR A C   1 
ATOM   1144 O O   . TYR A 1 166 ? 5.441   3.603   -5.912  1.00 10.87 ? 228 TYR A O   1 
ATOM   1145 C CB  . TYR A 1 166 ? 5.004   4.026   -2.937  1.00 9.18  ? 228 TYR A CB  1 
ATOM   1146 C CG  . TYR A 1 166 ? 5.645   4.147   -1.552  1.00 11.12 ? 228 TYR A CG  1 
ATOM   1147 C CD1 . TYR A 1 166 ? 4.993   3.620   -0.438  1.00 9.75  ? 228 TYR A CD1 1 
ATOM   1148 C CD2 . TYR A 1 166 ? 6.892   4.697   -1.405  1.00 10.76 ? 228 TYR A CD2 1 
ATOM   1149 C CE1 . TYR A 1 166 ? 5.576   3.662   0.837   1.00 7.96  ? 228 TYR A CE1 1 
ATOM   1150 C CE2 . TYR A 1 166 ? 7.539   4.717   -0.152  1.00 11.22 ? 228 TYR A CE2 1 
ATOM   1151 C CZ  . TYR A 1 166 ? 6.891   4.193   0.957   1.00 8.24  ? 228 TYR A CZ  1 
ATOM   1152 O OH  . TYR A 1 166 ? 7.561   4.221   2.139   1.00 14.32 ? 228 TYR A OH  1 
ATOM   1153 N N   . GLN A 1 167 ? 4.101   1.935   -5.166  1.00 8.20  ? 229 GLN A N   1 
ATOM   1154 C CA  . GLN A 1 167 ? 3.287   1.880   -6.435  1.00 9.45  ? 229 GLN A CA  1 
ATOM   1155 C C   . GLN A 1 167 ? 2.259   3.032   -6.327  1.00 7.60  ? 229 GLN A C   1 
ATOM   1156 O O   . GLN A 1 167 ? 1.504   3.149   -5.347  1.00 7.77  ? 229 GLN A O   1 
ATOM   1157 C CB  . GLN A 1 167 ? 2.521   0.536   -6.391  1.00 7.39  ? 229 GLN A CB  1 
ATOM   1158 C CG  . GLN A 1 167 ? 1.359   0.405   -7.343  1.00 8.36  ? 229 GLN A CG  1 
ATOM   1159 C CD  . GLN A 1 167 ? 1.721   0.438   -8.813  1.00 9.58  ? 229 GLN A CD  1 
ATOM   1160 O OE1 . GLN A 1 167 ? 2.536   -0.370  -9.294  1.00 11.00 ? 229 GLN A OE1 1 
ATOM   1161 N NE2 . GLN A 1 167 ? 1.134   1.410   -9.526  1.00 10.80 ? 229 GLN A NE2 1 
ATOM   1162 N N   . PRO A 1 168 ? 2.224   3.896   -7.317  1.00 8.50  ? 230 PRO A N   1 
ATOM   1163 C CA  . PRO A 1 168 ? 1.233   4.977   -7.337  1.00 6.80  ? 230 PRO A CA  1 
ATOM   1164 C C   . PRO A 1 168 ? -0.199  4.377   -7.294  1.00 7.72  ? 230 PRO A C   1 
ATOM   1165 O O   . PRO A 1 168 ? -0.547  3.441   -8.005  1.00 9.15  ? 230 PRO A O   1 
ATOM   1166 C CB  . PRO A 1 168 ? 1.514   5.711   -8.654  1.00 9.86  ? 230 PRO A CB  1 
ATOM   1167 C CG  . PRO A 1 168 ? 2.980   5.411   -8.911  1.00 11.16 ? 230 PRO A CG  1 
ATOM   1168 C CD  . PRO A 1 168 ? 3.082   3.911   -8.520  1.00 10.75 ? 230 PRO A CD  1 
ATOM   1169 N N   . VAL A 1 169 ? -0.987  4.883   -6.321  1.00 8.67  ? 231 VAL A N   1 
ATOM   1170 C CA  . VAL A 1 169 ? -2.333  4.370   -6.086  1.00 10.50 ? 231 VAL A CA  1 
ATOM   1171 C C   . VAL A 1 169 ? -3.261  4.588   -7.275  1.00 6.74  ? 231 VAL A C   1 
ATOM   1172 O O   . VAL A 1 169 ? -4.158  3.757   -7.562  1.00 10.42 ? 231 VAL A O   1 
ATOM   1173 C CB  . VAL A 1 169 ? -2.894  4.865   -4.701  1.00 8.50  ? 231 VAL A CB  1 
ATOM   1174 C CG1 . VAL A 1 169 ? -3.346  6.293   -4.709  1.00 10.83 ? 231 VAL A CG1 1 
ATOM   1175 C CG2 . VAL A 1 169 ? -3.965  3.857   -4.247  1.00 15.97 ? 231 VAL A CG2 1 
ATOM   1176 N N   . THR A 1 170 ? -3.104  5.723   -7.956  1.00 7.84  ? 232 THR A N   1 
ATOM   1177 C CA  . THR A 1 170 ? -3.999  6.041   -9.096  1.00 10.57 ? 232 THR A CA  1 
ATOM   1178 C C   . THR A 1 170 ? -3.894  4.991   -10.187 1.00 8.67  ? 232 THR A C   1 
ATOM   1179 O O   . THR A 1 170 ? -4.990  4.737   -10.747 1.00 11.21 ? 232 THR A O   1 
ATOM   1180 C CB  . THR A 1 170 ? -3.793  7.507   -9.603  1.00 17.22 ? 232 THR A CB  1 
ATOM   1181 O OG1 . THR A 1 170 ? -2.384  7.489   -9.989  1.00 18.03 ? 232 THR A OG1 1 
ATOM   1182 C CG2 . THR A 1 170 ? -4.055  8.600   -8.560  1.00 13.98 ? 232 THR A CG2 1 
ATOM   1183 N N   . GLU A 1 171 ? -2.728  4.367   -10.418 1.00 9.64  ? 233 GLU A N   1 
ATOM   1184 C CA  . GLU A 1 171 ? -2.687  3.327   -11.481 1.00 11.70 ? 233 GLU A CA  1 
ATOM   1185 C C   . GLU A 1 171 ? -3.443  2.078   -11.049 1.00 9.32  ? 233 GLU A C   1 
ATOM   1186 O O   . GLU A 1 171 ? -4.118  1.467   -11.888 1.00 11.45 ? 233 GLU A O   1 
ATOM   1187 C CB  . GLU A 1 171 ? -1.243  3.011   -11.797 1.00 14.99 ? 233 GLU A CB  1 
ATOM   1188 C CG  . GLU A 1 171 ? -0.898  2.024   -12.877 1.00 34.44 ? 233 GLU A CG  1 
ATOM   1189 C CD  . GLU A 1 171 ? 0.556   1.667   -13.036 1.00 32.25 ? 233 GLU A CD  1 
ATOM   1190 O OE1 . GLU A 1 171 ? 1.466   1.969   -12.282 1.00 38.52 ? 233 GLU A OE1 1 
ATOM   1191 O OE2 . GLU A 1 171 ? 0.713   1.005   -14.105 1.00 48.71 ? 233 GLU A OE2 1 
ATOM   1192 N N   . ALA A 1 172 ? -3.359  1.727   -9.754  1.00 8.05  ? 234 ALA A N   1 
ATOM   1193 C CA  . ALA A 1 172 ? -4.101  0.574   -9.216  1.00 9.07  ? 234 ALA A CA  1 
ATOM   1194 C C   . ALA A 1 172 ? -5.592  0.863   -9.259  1.00 8.13  ? 234 ALA A C   1 
ATOM   1195 O O   . ALA A 1 172 ? -6.415  -0.025  -9.599  1.00 12.02 ? 234 ALA A O   1 
ATOM   1196 C CB  . ALA A 1 172 ? -3.641  0.331   -7.766  1.00 9.18  ? 234 ALA A CB  1 
ATOM   1197 N N   . LEU A 1 173 ? -6.032  2.060   -8.919  1.00 9.25  ? 235 LEU A N   1 
ATOM   1198 C CA  . LEU A 1 173 ? -7.458  2.400   -8.958  1.00 10.14 ? 235 LEU A CA  1 
ATOM   1199 C C   . LEU A 1 173 ? -8.032  2.303   -10.362 1.00 11.50 ? 235 LEU A C   1 
ATOM   1200 O O   . LEU A 1 173 ? -9.136  1.746   -10.553 1.00 14.16 ? 235 LEU A O   1 
ATOM   1201 C CB  . LEU A 1 173 ? -7.680  3.775   -8.327  1.00 9.95  ? 235 LEU A CB  1 
ATOM   1202 C CG  . LEU A 1 173 ? -7.374  3.917   -6.852  1.00 10.58 ? 235 LEU A CG  1 
ATOM   1203 C CD1 . LEU A 1 173 ? -7.417  5.413   -6.503  1.00 12.62 ? 235 LEU A CD1 1 
ATOM   1204 C CD2 . LEU A 1 173 ? -8.396  3.187   -5.982  1.00 9.81  ? 235 LEU A CD2 1 
ATOM   1205 N N   . SER A 1 174 A -7.303  2.825   -11.358 1.00 11.53 ? 235 SER A N   1 
ATOM   1206 C CA  . SER A 1 174 A -7.815  2.794   -12.756 1.00 13.85 ? 235 SER A CA  1 
ATOM   1207 C C   . SER A 1 174 A -7.766  1.360   -13.295 1.00 13.66 ? 235 SER A C   1 
ATOM   1208 O O   . SER A 1 174 A -8.653  1.026   -14.110 1.00 15.01 ? 235 SER A O   1 
ATOM   1209 C CB  . SER A 1 174 A -7.155  3.853   -13.601 1.00 19.53 ? 235 SER A CB  1 
ATOM   1210 O OG  . SER A 1 174 A -5.788  3.649   -13.503 1.00 31.66 ? 235 SER A OG  1 
ATOM   1211 N N   . ALA A 1 175 ? -6.818  0.554   -12.838 1.00 13.18 ? 236 ALA A N   1 
ATOM   1212 C CA  . ALA A 1 175 ? -6.755  -0.844  -13.313 1.00 13.35 ? 236 ALA A CA  1 
ATOM   1213 C C   . ALA A 1 175 ? -8.028  -1.605  -13.046 1.00 10.29 ? 236 ALA A C   1 
ATOM   1214 O O   . ALA A 1 175 ? -8.434  -2.548  -13.744 1.00 14.23 ? 236 ALA A O   1 
ATOM   1215 C CB  . ALA A 1 175 ? -5.564  -1.575  -12.669 1.00 10.96 ? 236 ALA A CB  1 
ATOM   1216 N N   . TYR A 1 176 ? -8.633  -1.288  -11.885 1.00 9.19  ? 237 TYR A N   1 
ATOM   1217 C CA  . TYR A 1 176 ? -9.793  -2.018  -11.355 1.00 9.29  ? 237 TYR A CA  1 
ATOM   1218 C C   . TYR A 1 176 ? -11.102 -1.245  -11.336 1.00 9.03  ? 237 TYR A C   1 
ATOM   1219 O O   . TYR A 1 176 ? -12.092 -1.839  -10.870 1.00 13.47 ? 237 TYR A O   1 
ATOM   1220 C CB  . TYR A 1 176 ? -9.485  -2.608  -9.954  1.00 11.29 ? 237 TYR A CB  1 
ATOM   1221 C CG  . TYR A 1 176 ? -8.253  -3.494  -9.912  1.00 10.81 ? 237 TYR A CG  1 
ATOM   1222 C CD1 . TYR A 1 176 ? -8.118  -4.583  -10.806 1.00 13.31 ? 237 TYR A CD1 1 
ATOM   1223 C CD2 . TYR A 1 176 ? -7.208  -3.244  -9.032  1.00 7.54  ? 237 TYR A CD2 1 
ATOM   1224 C CE1 . TYR A 1 176 ? -6.973  -5.389  -10.778 1.00 14.26 ? 237 TYR A CE1 1 
ATOM   1225 C CE2 . TYR A 1 176 ? -6.062  -4.042  -8.958  1.00 8.80  ? 237 TYR A CE2 1 
ATOM   1226 C CZ  . TYR A 1 176 ? -5.960  -5.126  -9.861  1.00 12.17 ? 237 TYR A CZ  1 
ATOM   1227 O OH  . TYR A 1 176 ? -4.855  -5.928  -9.831  1.00 13.34 ? 237 TYR A OH  1 
ATOM   1228 N N   . GLY A 1 177 ? -11.041 0.001   -11.791 1.00 11.58 ? 238 GLY A N   1 
ATOM   1229 C CA  . GLY A 1 177 ? -12.278 0.822   -11.794 1.00 11.93 ? 238 GLY A CA  1 
ATOM   1230 C C   . GLY A 1 177 ? -12.730 1.108   -10.356 1.00 14.56 ? 238 GLY A C   1 
ATOM   1231 O O   . GLY A 1 177 ? -13.956 1.145   -10.111 1.00 13.86 ? 238 GLY A O   1 
ATOM   1232 N N   . ALA A 1 178 ? -11.769 1.340   -9.494  1.00 9.17  ? 239 ALA A N   1 
ATOM   1233 C CA  . ALA A 1 178 ? -12.062 1.571   -8.055  1.00 9.24  ? 239 ALA A CA  1 
ATOM   1234 C C   . ALA A 1 178 ? -11.914 3.038   -7.676  1.00 11.66 ? 239 ALA A C   1 
ATOM   1235 O O   . ALA A 1 178 ? -11.273 3.850   -8.370  1.00 13.26 ? 239 ALA A O   1 
ATOM   1236 C CB  . ALA A 1 178 ? -11.068 0.715   -7.275  1.00 9.67  ? 239 ALA A CB  1 
ATOM   1237 N N   . THR A 1 179 ? -12.562 3.369   -6.575  1.00 9.43  ? 240 THR A N   1 
ATOM   1238 C CA  . THR A 1 179 ? -12.492 4.710   -5.979  1.00 10.96 ? 240 THR A CA  1 
ATOM   1239 C C   . THR A 1 179 ? -12.152 4.522   -4.487  1.00 10.13 ? 240 THR A C   1 
ATOM   1240 O O   . THR A 1 179 ? -12.669 3.550   -3.873  1.00 9.64  ? 240 THR A O   1 
ATOM   1241 C CB  . THR A 1 179 ? -13.795 5.533   -6.220  1.00 20.30 ? 240 THR A CB  1 
ATOM   1242 O OG1 . THR A 1 179 ? -14.935 4.840   -5.603  1.00 21.32 ? 240 THR A OG1 1 
ATOM   1243 C CG2 . THR A 1 179 ? -14.169 5.726   -7.688  1.00 16.78 ? 240 THR A CG2 1 
ATOM   1244 N N   . VAL A 1 180 ? -11.359 5.394   -3.903  1.00 8.75  ? 241 VAL A N   1 
ATOM   1245 C CA  . VAL A 1 180 ? -11.047 5.255   -2.465  1.00 9.04  ? 241 VAL A CA  1 
ATOM   1246 C C   . VAL A 1 180 ? -12.304 5.583   -1.624  1.00 10.83 ? 241 VAL A C   1 
ATOM   1247 O O   . VAL A 1 180 ? -13.144 6.419   -2.052  1.00 12.18 ? 241 VAL A O   1 
ATOM   1248 C CB  . VAL A 1 180 ? -9.813  6.091   -2.041  1.00 15.94 ? 241 VAL A CB  1 
ATOM   1249 C CG1 . VAL A 1 180 ? -8.505  5.616   -2.627  1.00 17.79 ? 241 VAL A CG1 1 
ATOM   1250 C CG2 . VAL A 1 180 ? -10.052 7.563   -2.224  1.00 18.84 ? 241 VAL A CG2 1 
ATOM   1251 N N   . LEU A 1 181 ? -12.401 4.899   -0.512  1.00 9.76  ? 242 LEU A N   1 
ATOM   1252 C CA  . LEU A 1 181 ? -13.514 5.173   0.435   1.00 10.00 ? 242 LEU A CA  1 
ATOM   1253 C C   . LEU A 1 181 ? -13.000 6.234   1.448   1.00 11.16 ? 242 LEU A C   1 
ATOM   1254 O O   . LEU A 1 181 ? -11.832 6.193   1.776   1.00 12.45 ? 242 LEU A O   1 
ATOM   1255 C CB  . LEU A 1 181 ? -13.892 3.898   1.140   1.00 7.32  ? 242 LEU A CB  1 
ATOM   1256 C CG  . LEU A 1 181 ? -14.661 2.833   0.387   1.00 11.27 ? 242 LEU A CG  1 
ATOM   1257 C CD1 . LEU A 1 181 ? -14.727 1.583   1.292   1.00 12.35 ? 242 LEU A CD1 1 
ATOM   1258 C CD2 . LEU A 1 181 ? -16.045 3.316   0.022   1.00 16.17 ? 242 LEU A CD2 1 
ATOM   1259 O OXT . LEU A 1 181 ? -13.800 7.078   1.853   1.00 15.04 ? 242 LEU A OXT 1 
HETATM 1260 O O   . HOH B 2 .   ? -12.766 7.968   3.930   1.00 6.46  ? 243 HOH A O   1 
HETATM 1261 O O   . HOH B 2 .   ? -8.300  2.974   3.617   1.00 10.55 ? 244 HOH A O   1 
HETATM 1262 O O   . HOH B 2 .   ? -13.514 -8.395  5.249   1.00 11.73 ? 245 HOH A O   1 
HETATM 1263 O O   . HOH B 2 .   ? 3.590   0.411   4.893   1.00 11.78 ? 246 HOH A O   1 
HETATM 1264 O O   . HOH B 2 .   ? -9.695  4.567   1.715   1.00 11.84 ? 247 HOH A O   1 
HETATM 1265 O O   . HOH B 2 .   ? -4.337  -7.102  -12.226 1.00 12.32 ? 248 HOH A O   1 
HETATM 1266 O O   . HOH B 2 .   ? -14.335 5.239   8.565   1.00 12.84 ? 249 HOH A O   1 
HETATM 1267 O O   . HOH B 2 .   ? -14.486 9.555   3.520   0.50 15.00 ? 250 HOH A O   1 
HETATM 1268 O O   . HOH B 2 .   ? -13.042 -15.404 1.297   1.00 15.15 ? 251 HOH A O   1 
HETATM 1269 O O   . HOH B 2 .   ? 10.774  -8.956  -14.053 1.00 16.58 ? 252 HOH A O   1 
HETATM 1270 O O   . HOH B 2 .   ? -11.342 -0.400  11.127  1.00 16.67 ? 253 HOH A O   1 
HETATM 1271 O O   . HOH B 2 .   ? 6.220   7.444   -9.971  1.00 17.09 ? 254 HOH A O   1 
HETATM 1272 O O   . HOH B 2 .   ? -10.088 -4.774  -14.187 1.00 17.11 ? 255 HOH A O   1 
HETATM 1273 O O   . HOH B 2 .   ? -0.690  7.862   -7.206  1.00 17.23 ? 256 HOH A O   1 
HETATM 1274 O O   . HOH B 2 .   ? 10.433  3.438   -14.234 1.00 17.32 ? 257 HOH A O   1 
HETATM 1275 O O   . HOH B 2 .   ? -6.379  -9.314  8.766   0.96 16.07 ? 258 HOH A O   1 
HETATM 1276 O O   . HOH B 2 .   ? -18.843 -12.608 2.282   1.00 18.19 ? 259 HOH A O   1 
HETATM 1277 O O   . HOH B 2 .   ? -12.646 -13.606 5.119   1.00 18.60 ? 260 HOH A O   1 
HETATM 1278 O O   . HOH B 2 .   ? -9.041  -0.622  12.748  0.92 15.79 ? 261 HOH A O   1 
HETATM 1279 O O   . HOH B 2 .   ? 12.352  -4.664  -0.975  1.00 19.15 ? 262 HOH A O   1 
HETATM 1280 O O   . HOH B 2 .   ? -12.850 -9.189  7.857   1.00 19.34 ? 263 HOH A O   1 
HETATM 1281 O O   . HOH B 2 .   ? 5.636   -13.093 -7.627  1.00 19.53 ? 264 HOH A O   1 
HETATM 1282 O O   . HOH B 2 .   ? -1.761  -4.252  12.236  1.00 19.55 ? 265 HOH A O   1 
HETATM 1283 O O   . HOH B 2 .   ? 1.938   9.316   -7.575  1.00 21.07 ? 266 HOH A O   1 
HETATM 1284 O O   . HOH B 2 .   ? -2.876  -4.813  -14.289 0.86 16.57 ? 267 HOH A O   1 
HETATM 1285 O O   . HOH B 2 .   ? -1.407  -17.591 -6.444  0.50 22.32 ? 268 HOH A O   1 
HETATM 1286 O O   . HOH B 2 .   ? 7.505   16.504  -8.868  0.97 21.33 ? 269 HOH A O   1 
HETATM 1287 O O   . HOH B 2 .   ? -17.253 -6.616  -0.283  0.99 22.55 ? 270 HOH A O   1 
HETATM 1288 O O   . HOH B 2 .   ? 14.971  6.592   6.288   0.93 20.42 ? 271 HOH A O   1 
HETATM 1289 O O   . HOH B 2 .   ? -16.226 -10.523 -6.990  1.00 23.80 ? 272 HOH A O   1 
HETATM 1290 O O   . HOH B 2 .   ? 6.937   -6.297  3.408   0.87 17.89 ? 273 HOH A O   1 
HETATM 1291 O O   . HOH B 2 .   ? 7.269   -7.813  1.404   1.00 23.88 ? 274 HOH A O   1 
HETATM 1292 O O   . HOH B 2 .   ? -10.630 7.606   -5.754  0.82 16.58 ? 275 HOH A O   1 
HETATM 1293 O O   . HOH B 2 .   ? -16.188 2.155   -8.799  1.00 24.59 ? 276 HOH A O   1 
HETATM 1294 O O   . HOH B 2 .   ? 8.106   -12.413 -9.188  0.80 15.75 ? 277 HOH A O   1 
HETATM 1295 O O   . HOH B 2 .   ? -10.928 -15.492 3.379   1.00 25.04 ? 278 HOH A O   1 
HETATM 1296 O O   . HOH B 2 .   ? 9.283   -5.779  0.706   1.00 25.91 ? 279 HOH A O   1 
HETATM 1297 O O   . HOH B 2 .   ? 8.136   19.005  -7.011  0.99 25.63 ? 280 HOH A O   1 
HETATM 1298 O O   . HOH B 2 .   ? 8.010   20.495  -3.606  1.00 26.49 ? 281 HOH A O   1 
HETATM 1299 O O   . HOH B 2 .   ? 13.988  1.138   4.993   1.00 27.07 ? 282 HOH A O   1 
HETATM 1300 O O   . HOH B 2 .   ? -7.682  -13.834 -8.047  0.97 25.70 ? 283 HOH A O   1 
HETATM 1301 O O   . HOH B 2 .   ? -4.584  -19.595 -3.599  0.72 14.59 ? 284 HOH A O   1 
HETATM 1302 O O   . HOH B 2 .   ? -4.893  16.262  1.330   1.00 28.18 ? 285 HOH A O   1 
HETATM 1303 O O   . HOH B 2 .   ? 15.655  8.807   -1.456  1.00 29.81 ? 286 HOH A O   1 
HETATM 1304 O O   . HOH B 2 .   ? -20.383 -1.181  -0.166  0.95 26.73 ? 287 HOH A O   1 
HETATM 1305 O O   . HOH B 2 .   ? -14.906 -8.114  -7.487  0.82 20.58 ? 288 HOH A O   1 
HETATM 1306 O O   . HOH B 2 .   ? 0.153   13.140  6.365   0.91 26.22 ? 289 HOH A O   1 
HETATM 1307 O O   . HOH B 2 .   ? 4.198   4.127   14.886  0.72 17.08 ? 290 HOH A O   1 
HETATM 1308 O O   . HOH B 2 .   ? 11.295  7.360   8.074   1.00 33.37 ? 291 HOH A O   1 
HETATM 1309 O O   . HOH B 2 .   ? 4.085   0.504   -11.401 0.97 32.08 ? 292 HOH A O   1 
HETATM 1310 O O   . HOH B 2 .   ? -4.977  -6.696  11.426  0.73 18.11 ? 293 HOH A O   1 
HETATM 1311 O O   . HOH B 2 .   ? -1.402  -0.578  -14.517 0.66 14.81 ? 294 HOH A O   1 
HETATM 1312 O O   . HOH B 2 .   ? -11.257 -7.925  -10.368 0.64 14.02 ? 295 HOH A O   1 
HETATM 1313 O O   . HOH B 2 .   ? -8.620  12.757  9.627   0.70 17.18 ? 296 HOH A O   1 
HETATM 1314 O O   . HOH B 2 .   ? 8.000   14.846  6.493   1.00 35.07 ? 297 HOH A O   1 
HETATM 1315 O O   . HOH B 2 .   ? -3.709  1.315   -14.728 0.76 20.41 ? 298 HOH A O   1 
HETATM 1316 O O   . HOH B 2 .   ? 15.636  -8.950  -11.550 1.00 35.18 ? 299 HOH A O   1 
HETATM 1317 O O   . HOH B 2 .   ? 11.673  -6.041  -16.932 0.65 14.72 ? 300 HOH A O   1 
HETATM 1318 O O   . HOH B 2 .   ? 1.902   14.717  5.053   0.90 28.73 ? 301 HOH A O   1 
HETATM 1319 O O   . HOH B 2 .   ? 1.426   -17.988 2.869   0.94 31.65 ? 302 HOH A O   1 
HETATM 1320 O O   . HOH B 2 .   ? 12.222  12.219  -10.108 0.88 28.10 ? 303 HOH A O   1 
HETATM 1321 O O   . HOH B 2 .   ? -0.380  16.333  -7.279  0.98 34.82 ? 304 HOH A O   1 
HETATM 1322 O O   . HOH B 2 .   ? -11.223 8.695   13.461  0.93 31.71 ? 305 HOH A O   1 
HETATM 1323 O O   . HOH B 2 .   ? -11.861 -6.372  -8.256  0.82 24.80 ? 306 HOH A O   1 
HETATM 1324 O O   . HOH B 2 .   ? -10.912 -13.322 9.279   0.82 26.07 ? 307 HOH A O   1 
HETATM 1325 O O   . HOH B 2 .   ? 1.219   4.712   -12.736 0.90 32.00 ? 308 HOH A O   1 
HETATM 1326 O O   . HOH B 2 .   ? -11.965 -4.994  10.866  0.66 17.48 ? 309 HOH A O   1 
HETATM 1327 O O   . HOH B 2 .   ? -7.702  14.763  0.129   0.68 18.71 ? 310 HOH A O   1 
HETATM 1328 O O   . HOH B 2 .   ? 17.320  -1.201  -8.392  0.73 21.47 ? 311 HOH A O   1 
HETATM 1329 O O   . HOH B 2 .   ? 9.736   -7.728  -3.083  0.89 32.00 ? 312 HOH A O   1 
HETATM 1330 O O   . HOH B 2 .   ? -18.340 4.286   -2.512  0.89 32.00 ? 313 HOH A O   1 
HETATM 1331 O O   . HOH B 2 .   ? 10.799  -7.286  0.885   0.70 20.00 ? 314 HOH A O   1 
HETATM 1332 O O   . HOH B 2 .   ? -1.209  -19.003 2.179   0.84 29.24 ? 315 HOH A O   1 
HETATM 1333 O O   . HOH B 2 .   ? 5.196   -12.944 -4.819  0.88 32.00 ? 316 HOH A O   1 
HETATM 1334 O O   . HOH B 2 .   ? 3.458   8.873   -9.547  0.85 30.00 ? 317 HOH A O   1 
HETATM 1335 O O   . HOH B 2 .   ? -6.865  12.117  13.071  0.93 36.21 ? 318 HOH A O   1 
HETATM 1336 O O   . HOH B 2 .   ? -11.255 4.287   -11.119 0.85 31.22 ? 319 HOH A O   1 
HETATM 1337 O O   . HOH B 2 .   ? -2.959  14.768  -7.745  0.86 32.00 ? 320 HOH A O   1 
HETATM 1338 O O   . HOH B 2 .   ? -15.372 0.051   8.487   0.80 28.00 ? 321 HOH A O   1 
HETATM 1339 O O   . HOH B 2 .   ? 2.441   6.086   15.763  0.62 17.03 ? 322 HOH A O   1 
HETATM 1340 O O   . HOH B 2 .   ? -14.327 7.417   6.900   0.72 22.97 ? 323 HOH A O   1 
HETATM 1341 O O   . HOH B 2 .   ? 9.896   -6.413  -1.487  0.85 32.00 ? 324 HOH A O   1 
HETATM 1342 O O   . HOH B 2 .   ? -18.450 -8.683  -0.505  0.71 22.96 ? 325 HOH A O   1 
HETATM 1343 O O   . HOH B 2 .   ? 9.291   8.981   10.991  0.68 21.26 ? 326 HOH A O   1 
HETATM 1344 O O   . HOH B 2 .   ? 3.565   11.665  -9.692  0.60 16.38 ? 327 HOH A O   1 
HETATM 1345 O O   . HOH B 2 .   ? 16.063  -5.462  -3.835  0.83 31.59 ? 328 HOH A O   1 
HETATM 1346 O O   . HOH B 2 .   ? 15.030  -4.649  -2.282  0.83 31.59 ? 329 HOH A O   1 
HETATM 1347 O O   . HOH B 2 .   ? -13.956 -2.922  -12.479 0.76 26.64 ? 330 HOH A O   1 
HETATM 1348 O O   . HOH B 2 .   ? -17.306 -5.415  -7.808  0.76 27.16 ? 331 HOH A O   1 
HETATM 1349 O O   . HOH B 2 .   ? -20.127 -3.563  -0.037  0.73 25.00 ? 332 HOH A O   1 
HETATM 1350 O O   . HOH B 2 .   ? -19.084 -5.208  -0.723  0.73 25.00 ? 333 HOH A O   1 
HETATM 1351 O O   . HOH B 2 .   ? 9.799   -8.013  9.877   0.90 38.00 ? 334 HOH A O   1 
HETATM 1352 O O   . HOH B 2 .   ? 14.643  4.680   -12.867 0.86 35.49 ? 335 HOH A O   1 
HETATM 1353 O O   . HOH B 2 .   ? 8.980   -4.198  2.461   0.87 36.77 ? 336 HOH A O   1 
HETATM 1354 O O   . HOH B 2 .   ? 12.691  15.771  -0.920  0.88 38.14 ? 337 HOH A O   1 
HETATM 1355 O O   . HOH B 2 .   ? -1.648  0.481   17.884  0.84 35.28 ? 338 HOH A O   1 
HETATM 1356 O O   . HOH B 2 .   ? 14.382  -4.001  6.451   0.85 36.00 ? 339 HOH A O   1 
HETATM 1357 O O   . HOH B 2 .   ? 5.460   -12.457 6.527   0.79 32.00 ? 340 HOH A O   1 
HETATM 1358 O O   . HOH B 2 .   ? -8.928  7.114   20.275  0.76 32.00 ? 341 HOH A O   1 
HETATM 1359 O O   . HOH B 2 .   ? -4.611  -15.929 7.636   0.76 31.96 ? 342 HOH A O   1 
HETATM 1360 O O   . HOH B 2 .   ? -0.190  -3.211  -16.307 0.37 30.71 ? 343 HOH A O   1 
HETATM 1361 O O   . HOH B 2 .   ? -7.947  5.121   21.330  0.74 32.00 ? 344 HOH A O   1 
HETATM 1362 O O   . HOH B 2 .   ? -20.833 -8.799  6.555   0.63 23.21 ? 345 HOH A O   1 
HETATM 1363 O O   . HOH B 2 .   ? -10.315 10.231  11.787  0.74 31.94 ? 346 HOH A O   1 
HETATM 1364 O O   . HOH B 2 .   ? 4.901   -0.418  -14.469 0.51 15.39 ? 347 HOH A O   1 
HETATM 1365 O O   . HOH B 2 .   ? -8.532  1.189   17.046  0.80 38.00 ? 348 HOH A O   1 
HETATM 1366 O O   . HOH B 2 .   ? -14.494 -8.360  10.001  0.50 15.00 ? 349 HOH A O   1 
HETATM 1367 O O   . HOH B 2 .   ? -6.121  -0.881  15.473  0.61 22.50 ? 350 HOH A O   1 
HETATM 1368 O O   . HOH B 2 .   ? 12.018  -6.547  -1.549  0.62 23.47 ? 351 HOH A O   1 
HETATM 1369 O O   . HOH B 2 .   ? 14.336  -6.205  -0.976  0.72 32.00 ? 352 HOH A O   1 
HETATM 1370 O O   . HOH B 2 .   ? -6.665  -16.678 4.818   0.62 23.91 ? 353 HOH A O   1 
HETATM 1371 O O   . HOH B 2 .   ? -8.782  -8.660  9.989   0.62 24.28 ? 354 HOH A O   1 
HETATM 1372 O O   . HOH B 2 .   ? -9.605  -15.692 -6.574  0.59 22.10 ? 355 HOH A O   1 
HETATM 1373 O O   . HOH B 2 .   ? 12.143  -13.010 -11.964 0.46 13.63 ? 356 HOH A O   1 
HETATM 1374 O O   . HOH B 2 .   ? -21.174 -8.836  -7.228  0.70 32.00 ? 357 HOH A O   1 
HETATM 1375 O O   . HOH B 2 .   ? -7.395  -17.532 -8.267  0.69 32.00 ? 358 HOH A O   1 
HETATM 1376 O O   . HOH B 2 .   ? 16.624  -1.038  -3.741  0.73 35.57 ? 359 HOH A O   1 
HETATM 1377 O O   . HOH B 2 .   ? -21.640 -7.099  8.359   0.75 38.00 ? 360 HOH A O   1 
HETATM 1378 O O   . HOH B 2 .   ? 20.308  2.933   5.358   0.75 38.00 ? 361 HOH A O   1 
HETATM 1379 O O   . HOH B 2 .   ? 13.761  8.269   -10.461 0.74 37.38 ? 362 HOH A O   1 
HETATM 1380 O O   . HOH B 2 .   ? 4.187   5.260   -12.395 0.68 31.68 ? 363 HOH A O   1 
HETATM 1381 O O   . HOH B 2 .   ? 5.101   15.982  -10.105 0.72 35.59 ? 364 HOH A O   1 
HETATM 1382 O O   . HOH B 2 .   ? 14.516  6.852   8.790   0.74 38.00 ? 365 HOH A O   1 
HETATM 1383 O O   . HOH B 2 .   ? 9.412   3.470   -16.319 0.63 27.93 ? 366 HOH A O   1 
HETATM 1384 O O   . HOH B 2 .   ? 5.804   -9.231  3.492   0.60 25.72 ? 367 HOH A O   1 
HETATM 1385 O O   . HOH B 2 .   ? 9.774   15.840  -10.640 0.67 32.00 ? 368 HOH A O   1 
HETATM 1386 O O   . HOH B 2 .   ? -17.484 3.292   -6.642  0.70 35.00 ? 369 HOH A O   1 
HETATM 1387 O O   . HOH B 2 .   ? 13.169  -1.069  3.291   0.70 35.00 ? 370 HOH A O   1 
HETATM 1388 O O   . HOH B 2 .   ? 2.200   -19.170 -3.723  0.55 22.00 ? 371 HOH A O   1 
HETATM 1389 O O   . HOH B 2 .   ? 12.572  9.786   6.787   0.65 30.59 ? 372 HOH A O   1 
HETATM 1390 O O   . HOH B 2 .   ? 12.932  -3.597  2.991   0.69 34.42 ? 373 HOH A O   1 
HETATM 1391 O O   . HOH B 2 .   ? -10.547 6.798   -8.739  0.58 24.55 ? 374 HOH A O   1 
HETATM 1392 O O   . HOH B 2 .   ? -3.812  16.189  8.021   0.67 33.62 ? 375 HOH A O   1 
HETATM 1393 O O   . HOH B 2 .   ? 3.308   -2.017  -3.918  0.44 14.24 ? 376 HOH A O   1 
HETATM 1394 O O   . HOH B 2 .   ? -15.964 0.417   -11.790 0.46 15.47 ? 377 HOH A O   1 
HETATM 1395 O O   . HOH B 2 .   ? -22.088 -4.091  -8.274  0.65 32.00 ? 378 HOH A O   1 
HETATM 1396 O O   . HOH B 2 .   ? 15.087  14.747  -4.578  0.55 23.01 ? 379 HOH A O   1 
HETATM 1397 O O   . HOH B 2 .   ? 16.922  1.466   -7.691  0.70 38.00 ? 380 HOH A O   1 
HETATM 1398 O O   . HOH B 2 .   ? -14.402 -5.210  -11.830 0.70 38.00 ? 381 HOH A O   1 
HETATM 1399 O O   . HOH B 2 .   ? 14.967  -2.927  -16.561 0.57 25.33 ? 382 HOH A O   1 
HETATM 1400 O O   . HOH B 2 .   ? 7.987   -11.712 -4.122  0.63 32.00 ? 383 HOH A O   1 
HETATM 1401 O O   . HOH B 2 .   ? -11.936 -13.844 -7.108  0.65 35.00 ? 384 HOH A O   1 
HETATM 1402 O O   . HOH B 2 .   ? -11.187 -7.467  9.363   0.53 24.12 ? 385 HOH A O   1 
HETATM 1403 O O   . HOH B 2 .   ? 1.502   8.102   -11.589 0.66 36.88 ? 386 HOH A O   1 
HETATM 1404 O O   . HOH B 2 .   ? 16.800  7.964   4.125   0.41 14.69 ? 387 HOH A O   1 
HETATM 1405 O O   . HOH B 2 .   ? -2.996  10.015  -12.221 0.50 22.00 ? 388 HOH A O   1 
HETATM 1406 O O   . HOH B 2 .   ? 10.600  -2.632  2.447   0.50 22.00 ? 389 HOH A O   1 
HETATM 1407 O O   . HOH B 2 .   ? 11.127  -4.501  2.615   0.50 22.00 ? 390 HOH A O   1 
HETATM 1408 O O   . HOH B 2 .   ? -18.294 -5.862  11.487  0.56 27.51 ? 391 HOH A O   1 
HETATM 1409 O O   . HOH B 2 .   ? -4.851  -11.682 10.293  0.62 34.59 ? 392 HOH A O   1 
HETATM 1410 O O   . HOH B 2 .   ? -15.976 5.532   -3.030  0.63 35.06 ? 393 HOH A O   1 
HETATM 1411 O O   . HOH B 2 .   ? 6.115   8.794   13.097  0.62 34.66 ? 394 HOH A O   1 
HETATM 1412 O O   . HOH B 2 .   ? 5.336   14.211  6.856   0.65 38.21 ? 395 HOH A O   1 
HETATM 1413 O O   . HOH B 2 .   ? 9.052   17.349  2.761   0.56 29.10 ? 396 HOH A O   1 
HETATM 1414 O O   . HOH B 2 .   ? 15.582  3.937   -10.408 0.53 26.71 ? 397 HOH A O   1 
HETATM 1415 O O   . HOH B 2 .   ? 16.789  7.706   1.562   0.45 19.62 ? 398 HOH A O   1 
HETATM 1416 O O   . HOH B 2 .   ? -1.708  2.880   20.831  0.60 35.00 ? 399 HOH A O   1 
HETATM 1417 O O   . HOH B 2 .   ? -9.852  10.461  -5.924  0.45 19.87 ? 400 HOH A O   1 
HETATM 1418 O O   . HOH B 2 .   ? -6.887  6.917   -11.110 0.52 27.29 ? 401 HOH A O   1 
HETATM 1419 O O   . HOH B 2 .   ? 0.559   -14.766 9.082   0.56 30.80 ? 402 HOH A O   1 
HETATM 1420 O O   . HOH B 2 .   ? 2.150   -1.856  -17.655 0.52 27.80 ? 403 HOH A O   1 
HETATM 1421 O O   . HOH B 2 .   ? 5.905   13.820  11.213  0.60 38.00 ? 404 HOH A O   1 
HETATM 1422 O O   . HOH B 2 .   ? -8.712  -20.487 -3.105  0.60 38.00 ? 405 HOH A O   1 
HETATM 1423 O O   . HOH B 2 .   ? -7.749  -7.467  12.355  0.55 32.00 ? 406 HOH A O   1 
HETATM 1424 O O   . HOH B 2 .   ? -14.063 9.916   -0.048  0.55 32.00 ? 407 HOH A O   1 
HETATM 1425 O O   . HOH B 2 .   ? -12.258 -4.599  -9.926  0.52 29.31 ? 408 HOH A O   1 
HETATM 1426 O O   . HOH B 2 .   ? 9.137   -1.346  14.547  0.47 24.00 ? 409 HOH A O   1 
HETATM 1427 O O   . HOH B 2 .   ? -1.983  12.455  9.439   0.52 29.63 ? 410 HOH A O   1 
HETATM 1428 O O   . HOH B 2 .   ? 0.317   11.695  12.333  0.58 37.02 ? 411 HOH A O   1 
HETATM 1429 O O   . HOH B 2 .   ? 3.978   1.684   16.534  0.55 33.77 ? 412 HOH A O   1 
HETATM 1430 O O   . HOH B 2 .   ? -3.979  -3.197  14.056  0.48 26.48 ? 413 HOH A O   1 
HETATM 1431 O O   . HOH B 2 .   ? -4.953  6.888   -13.592 0.43 21.84 ? 414 HOH A O   1 
HETATM 1432 O O   . HOH B 2 .   ? -13.254 9.046   -3.302  0.46 25.00 ? 415 HOH A O   1 
HETATM 1433 O O   . HOH B 2 .   ? 18.437  -7.549  -13.869 0.45 25.86 ? 416 HOH A O   1 
HETATM 1434 O O   . HOH B 2 .   ? -10.002 -3.288  12.766  0.42 22.84 ? 417 HOH A O   1 
HETATM 1435 O O   . HOH B 2 .   ? -8.172  -4.301  12.454  0.42 22.84 ? 418 HOH A O   1 
HETATM 1436 O O   . HOH B 2 .   ? -1.061  15.377  8.018   0.49 32.00 ? 419 HOH A O   1 
HETATM 1437 O O   . HOH B 2 .   ? -3.292  11.652  15.456  0.46 29.23 ? 420 HOH A O   1 
HETATM 1438 O O   . HOH B 2 .   ? -12.147 10.243  -5.035  0.48 31.43 ? 421 HOH A O   1 
HETATM 1439 O O   . HOH B 2 .   ? 6.624   -7.351  13.819  0.51 35.11 ? 422 HOH A O   1 
HETATM 1440 O O   . HOH B 2 .   ? -9.469  6.111   -12.190 0.45 28.00 ? 423 HOH A O   1 
HETATM 1441 O O   . HOH B 2 .   ? 12.375  -6.409  10.726  0.50 35.00 ? 424 HOH A O   1 
HETATM 1442 O O   . HOH B 2 .   ? 15.037  -5.381  -18.692 0.50 35.00 ? 425 HOH A O   1 
HETATM 1443 O O   . HOH B 2 .   ? 17.580  -4.967  1.421   0.50 35.00 ? 426 HOH A O   1 
HETATM 1444 O O   . HOH B 2 .   ? -4.774  11.108  -11.679 0.50 35.06 ? 427 HOH A O   1 
HETATM 1445 O O   . HOH B 2 .   ? 14.621  1.956   -16.202 0.35 18.02 ? 428 HOH A O   1 
HETATM 1446 O O   . HOH B 2 .   ? 1.003   15.310  -11.254 0.47 31.50 ? 429 HOH A O   1 
HETATM 1447 O O   . HOH B 2 .   ? -3.309  -16.065 11.126  0.47 32.00 ? 430 HOH A O   1 
HETATM 1448 O O   . HOH B 2 .   ? 15.919  5.177   -8.081  0.45 30.00 ? 431 HOH A O   1 
HETATM 1449 O O   . HOH B 2 .   ? -9.847  -20.292 2.428   0.45 30.00 ? 432 HOH A O   1 
HETATM 1450 O O   . HOH B 2 .   ? -24.032 -0.906  -7.042  0.45 30.00 ? 433 HOH A O   1 
HETATM 1451 O O   . HOH B 2 .   ? -5.538  11.936  -9.484  0.44 29.66 ? 434 HOH A O   1 
HETATM 1452 O O   . HOH B 2 .   ? 17.824  2.112   -3.748  0.50 38.00 ? 435 HOH A O   1 
HETATM 1453 O O   . HOH B 2 .   ? 1.645   -0.155  -16.392 0.50 38.00 ? 436 HOH A O   1 
HETATM 1454 O O   . HOH B 2 .   ? -5.048  -18.704 4.424   0.50 38.00 ? 437 HOH A O   1 
HETATM 1455 O O   . HOH B 2 .   ? 5.715   7.348   14.616  0.40 24.36 ? 438 HOH A O   1 
HETATM 1456 O O   . HOH B 2 .   ? -10.491 -15.519 5.652   0.44 29.05 ? 439 HOH A O   1 
HETATM 1457 O O   . HOH B 2 .   ? -7.162  8.848   -9.712  0.45 31.06 ? 440 HOH A O   1 
HETATM 1458 O O   . HOH B 2 .   ? 5.478   -16.983 -2.296  0.31 14.90 ? 441 HOH A O   1 
HETATM 1459 O O   . HOH B 2 .   ? -3.607  -20.951 -1.295  0.46 34.36 ? 442 HOH A O   1 
HETATM 1460 O O   . HOH B 2 .   ? -7.460  -21.144 3.789   0.44 30.81 ? 443 HOH A O   1 
HETATM 1461 O O   . HOH B 2 .   ? -0.615  9.820   -13.534 0.35 21.60 ? 444 HOH A O   1 
HETATM 1462 O O   . HOH B 2 .   ? 6.385   5.502   -17.555 0.45 35.00 ? 445 HOH A O   1 
HETATM 1463 O O   . HOH B 2 .   ? -15.622 7.322   -1.914  0.42 32.00 ? 446 HOH A O   1 
HETATM 1464 O O   . HOH B 2 .   ? 12.220  18.033  0.770   0.35 22.08 ? 447 HOH A O   1 
HETATM 1465 O O   . HOH B 2 .   ? 19.814  3.323   2.066   0.40 30.00 ? 448 HOH A O   1 
HETATM 1466 O O   . HOH B 2 .   ? 9.836   19.850  0.280   0.40 30.00 ? 449 HOH A O   1 
HETATM 1467 O O   . HOH B 2 .   ? 3.033   -14.034 9.906   0.40 30.00 ? 450 HOH A O   1 
HETATM 1468 O O   . HOH B 2 .   ? 12.583  -9.267  8.694   0.40 30.00 ? 451 HOH A O   1 
HETATM 1469 O O   . HOH B 2 .   ? -2.023  -2.356  15.960  0.40 30.00 ? 452 HOH A O   1 
HETATM 1470 O O   . HOH B 2 .   ? 6.973   -1.724  -18.259 0.39 32.38 ? 453 HOH A O   1 
HETATM 1471 O O   . HOH B 2 .   ? 18.519  -3.831  7.231   0.40 33.35 ? 454 HOH A O   1 
HETATM 1472 O O   . HOH B 2 .   ? 11.068  -0.735  13.964  0.41 34.79 ? 455 HOH A O   1 
HETATM 1473 O O   . HOH B 2 .   ? -15.956 -4.639  11.256  0.38 30.79 ? 456 HOH A O   1 
HETATM 1474 O O   . HOH B 2 .   ? -20.157 4.000   -6.111  0.40 35.00 ? 457 HOH A O   1 
HETATM 1475 O O   . HOH B 2 .   ? 18.047  6.764   -2.752  0.34 26.86 ? 458 HOH A O   1 
HETATM 1476 O O   . HOH B 2 .   ? 1.425   -7.004  12.833  0.40 38.00 ? 459 HOH A O   1 
HETATM 1477 O O   . HOH B 2 .   ? 0.365   -8.627  13.225  0.40 38.00 ? 460 HOH A O   1 
HETATM 1478 O O   . HOH B 2 .   ? 13.266  -0.460  13.450  0.37 31.85 ? 461 HOH A O   1 
HETATM 1479 O O   . HOH B 2 .   ? 3.896   -12.005 11.069  0.35 31.38 ? 462 HOH A O   1 
# 
